data_8H77
#
_entry.id   8H77
#
_cell.length_a   1.00
_cell.length_b   1.00
_cell.length_c   1.00
_cell.angle_alpha   90.00
_cell.angle_beta   90.00
_cell.angle_gamma   90.00
#
_symmetry.space_group_name_H-M   'P 1'
#
loop_
_entity.id
_entity.type
_entity.pdbx_description
1 polymer 'Heat shock protein HSP 90-beta'
2 polymer 'Prostaglandin E synthase 3'
3 polymer 'Aryl hydrocarbon receptor'
4 polymer 'AH receptor-interacting protein'
5 non-polymer "ADENOSINE-5'-DIPHOSPHATE"
6 non-polymer 'BERYLLIUM TRIFLUORIDE ION'
#
loop_
_entity_poly.entity_id
_entity_poly.type
_entity_poly.pdbx_seq_one_letter_code
_entity_poly.pdbx_strand_id
1 'polypeptide(L)'
;MGAWSHPQFEKGGGSGGGSGGGSAWSHPQFEKMPEEVHHGEEEVETFAFQAEIAQLMSLIINTFYSNKEIFLRELISNAS
DALDKIRYESLTDPSKLDSGKELKIDIIPNPQERTLTLVDTGIGMTKADLINNLGTIAKSGTKAFMEALQAGADISMIGQ
FGVGFYSAYLVAEKVVVITKHNDDEQYAWESSAGGSFTVRADHGEPIGRGTKVILHLKEDQTEYLEERRVKEVVKKHSQF
IGYPITLYLEKEREKEISDDEAEEEKGEKEEEDKEDEEKPKIEDVGSDEEDDSGKDKKKKTKKIKEKYIDQEELNKTKPI
WTRNPDDITQEEYGEFYKSLTNDWEDHLAVKHFSVEGQLEFRALLFIPRRAPFDLFENKKKKNNIKLYVRRVFIMDSCDE
LIPEYLNFIRGVVDSEDLPLNISREMLQQSKILKVIRKNIVKKCLELFSELAEDKENYKKFYEAFSKNLKLGIHEDSTNR
RRLSELLRYHTSQSGDEMTSLSEYVSRMKETQKSIYYITGESKEQVANSAFVERVRKRGFEVVYMTEPIDEYCVQQLKEF
DGKSLVSVTKEGLELPEDEEEKKKMEESKAKFENLCKLMKEILDKKVEKVTISNRLVSSPCCIVTSTYGWTANMERIMKA
QALRDNSTMGYMMAKKHLEINPDHPIVETLRQKAEADKNDKAVKDLVVLLFETALLSSGFSLEDPQTHSNRIYRMIKLGL
GIDEDEVTAEEPSAAVPDEIPPLEGDEDASRMEEVD
;
A,B
2 'polypeptide(L)'
;MAEQKLISEEDLMQPASAKWYDRRDYVFIEFCVEDSKDVNVNFEKSKLTFSCLGGSDNFKHLNEIDLFHCIDPNDSKHKR
TDRSILCCLRKGESGQSWPRLTKERAKLNWLSVDFNNWKDWEDDSDEDMSNFDRFSEMMDHMGGDEDVDLPEVDGADDDS
QDSDDEKMPDLE
;
C,D
3 'polypeptide(L)'
;GPGASGGGSGAGMSSGANITYASRKRRKPVQKTVKPIPAEGIKSNPSKRHRDRLNTELDRLASLLPFPQDVINKLDKLSV
LRLSVSYLRAKSFFDVALKSTPADRNGGQDQCRAQIRDWQDLQEGEFLLQALNGFVLVVTADALVFYASSTIQDYLGFQQ
SDVIHQSVYELIHTEDRAEFQRQLHWALNPDSAQGVDEAHGPPQAAVYYTPDQLPPENASFMERCFRCRLRCLLDNSSGF
LAMNFQGRLKYLHGQNKKGKDGALLPPQLALFAIATPLQPPSILEIRTKNFIFRTKHKLDFTPIGCDAKGQLILGYTEVE
LCTRGSGYQFIHAADMLHCAESHIRMIKTGESGMTVFRLFAKHSRWRWVQSNARLIYRNGRPDYIIATQRPLTDEEGREH
LQKRSTSLPFMFATGEAVLYEISSPFSPIMDPLPIRTKSNTSRKDWAPQ
;
E
4 'polypeptide(L)'
;MAYPYDVPDYADLIARLREDGIQKRVIQEGRGELPDFQDGTKATFHFRTLHSDNEGSVIDDSRTRGKPMELIVGKKFKLP
VWETIVCTMREGEIAQFLCDIKHVVLYPLVAKSLRNIAEGKDPLEGQRHCCGIAQMHEHSSLGHADLDALQQNPQPLIFH
IEMLKVESPGTYQQDPWAMTDEEKAKAVPVIHQEGNRLYREGQVKEAAAKYYDAIACLKNLQMKEQPGSPDWIQLDLQIT
PLLLNYCQCKLVAQEYYEVLDHCSSILNKYDDNVKAYFKRGKAHAAVWNAQEAQADFAKVLELDPALAPVVSRELRALET
RIRQKDEEDKARFRGIFSH
;
F
#
loop_
_chem_comp.id
_chem_comp.type
_chem_comp.name
_chem_comp.formula
ADP non-polymer ADENOSINE-5'-DIPHOSPHATE 'C10 H15 N5 O10 P2'
BEF non-polymer 'BERYLLIUM TRIFLUORIDE ION' 'Be F3 -1'
#
# COMPACT_ATOMS: atom_id res chain seq x y z
N GLU A 43 27.70 7.99 -64.19
CA GLU A 43 28.08 6.79 -63.44
C GLU A 43 27.75 6.96 -61.96
N VAL A 44 28.45 6.21 -61.10
CA VAL A 44 28.14 6.14 -59.69
C VAL A 44 29.24 6.86 -58.91
N GLU A 45 28.84 7.44 -57.77
CA GLU A 45 29.75 8.16 -56.91
C GLU A 45 29.48 7.74 -55.47
N THR A 46 30.55 7.53 -54.70
CA THR A 46 30.47 6.95 -53.38
C THR A 46 30.82 7.98 -52.32
N PHE A 47 30.01 8.04 -51.27
CA PHE A 47 30.25 8.92 -50.14
C PHE A 47 30.30 8.11 -48.86
N ALA A 48 30.97 8.67 -47.86
CA ALA A 48 31.02 8.06 -46.53
C ALA A 48 29.96 8.70 -45.65
N PHE A 49 29.28 7.87 -44.86
CA PHE A 49 28.33 8.38 -43.89
C PHE A 49 29.02 9.39 -42.97
N GLN A 50 28.35 10.49 -42.71
CA GLN A 50 28.90 11.56 -41.90
C GLN A 50 28.02 11.74 -40.67
N ALA A 51 28.32 12.77 -39.88
CA ALA A 51 27.50 13.09 -38.73
C ALA A 51 27.63 14.57 -38.43
N GLU A 52 26.50 15.23 -38.19
CA GLU A 52 26.50 16.63 -37.78
C GLU A 52 26.70 16.68 -36.28
N ILE A 53 27.84 17.24 -35.86
CA ILE A 53 28.29 17.13 -34.48
C ILE A 53 27.40 17.93 -33.54
N ALA A 54 26.97 19.12 -33.97
CA ALA A 54 26.22 20.00 -33.07
C ALA A 54 24.89 19.35 -32.65
N GLN A 55 24.11 18.88 -33.62
CA GLN A 55 22.83 18.29 -33.25
C GLN A 55 22.98 16.92 -32.63
N LEU A 56 24.09 16.22 -32.90
CA LEU A 56 24.33 14.98 -32.17
C LEU A 56 24.60 15.25 -30.69
N MET A 57 25.39 16.29 -30.40
CA MET A 57 25.52 16.76 -29.02
C MET A 57 24.15 17.12 -28.45
N SER A 58 23.35 17.86 -29.20
CA SER A 58 22.03 18.26 -28.71
C SER A 58 21.18 17.06 -28.39
N LEU A 59 21.23 16.03 -29.24
CA LEU A 59 20.47 14.81 -29.02
C LEU A 59 20.94 14.10 -27.75
N ILE A 60 22.25 14.02 -27.54
CA ILE A 60 22.76 13.36 -26.34
C ILE A 60 22.33 14.11 -25.09
N ILE A 61 22.44 15.45 -25.11
CA ILE A 61 22.16 16.23 -23.92
C ILE A 61 20.68 16.47 -23.68
N ASN A 62 19.83 16.24 -24.67
CA ASN A 62 18.42 16.59 -24.55
C ASN A 62 17.47 15.40 -24.58
N THR A 63 17.81 14.31 -25.27
CA THR A 63 16.88 13.23 -25.50
C THR A 63 17.22 11.92 -24.80
N PHE A 64 18.51 11.58 -24.70
CA PHE A 64 18.88 10.27 -24.19
C PHE A 64 18.51 10.10 -22.72
N TYR A 65 18.86 11.07 -21.89
CA TYR A 65 18.81 10.91 -20.44
C TYR A 65 17.66 11.71 -19.87
N SER A 66 16.77 11.03 -19.12
CA SER A 66 15.64 11.69 -18.49
C SER A 66 15.98 12.21 -17.10
N ASN A 67 16.64 11.39 -16.28
CA ASN A 67 17.09 11.83 -14.97
C ASN A 67 18.45 12.51 -15.07
N LYS A 68 18.61 13.60 -14.33
CA LYS A 68 19.87 14.32 -14.32
C LYS A 68 20.83 13.85 -13.23
N GLU A 69 20.47 12.79 -12.50
CA GLU A 69 21.35 12.27 -11.46
C GLU A 69 22.15 11.06 -11.92
N ILE A 70 22.08 10.69 -13.20
CA ILE A 70 22.84 9.55 -13.70
C ILE A 70 24.22 9.95 -14.22
N PHE A 71 24.52 11.25 -14.27
CA PHE A 71 25.86 11.68 -14.59
C PHE A 71 26.86 11.11 -13.59
N LEU A 72 26.51 11.12 -12.31
CA LEU A 72 27.35 10.54 -11.28
C LEU A 72 27.51 9.05 -11.45
N ARG A 73 26.44 8.33 -11.80
CA ARG A 73 26.56 6.92 -12.14
C ARG A 73 27.59 6.71 -13.24
N GLU A 74 27.50 7.49 -14.32
CA GLU A 74 28.41 7.31 -15.45
C GLU A 74 29.86 7.61 -15.07
N LEU A 75 30.08 8.69 -14.33
CA LEU A 75 31.43 9.06 -13.92
C LEU A 75 32.03 8.02 -12.99
N ILE A 76 31.24 7.53 -12.02
CA ILE A 76 31.72 6.50 -11.11
C ILE A 76 32.07 5.23 -11.87
N SER A 77 31.22 4.85 -12.83
CA SER A 77 31.49 3.67 -13.63
C SER A 77 32.78 3.83 -14.43
N ASN A 78 33.00 5.02 -15.00
CA ASN A 78 34.23 5.27 -15.75
C ASN A 78 35.45 5.13 -14.86
N ALA A 79 35.39 5.72 -13.67
CA ALA A 79 36.53 5.63 -12.75
C ALA A 79 36.79 4.19 -12.35
N SER A 80 35.74 3.42 -12.09
CA SER A 80 35.91 2.01 -11.74
C SER A 80 36.55 1.23 -12.89
N ASP A 81 36.17 1.54 -14.13
CA ASP A 81 36.78 0.88 -15.27
C ASP A 81 38.26 1.21 -15.38
N ALA A 82 38.60 2.48 -15.16
CA ALA A 82 39.99 2.89 -15.18
C ALA A 82 40.80 2.18 -14.11
N LEU A 83 40.21 1.99 -12.93
CA LEU A 83 40.87 1.21 -11.88
C LEU A 83 41.08 -0.25 -12.29
N ASP A 84 40.06 -0.86 -12.91
CA ASP A 84 40.18 -2.23 -13.37
C ASP A 84 41.37 -2.38 -14.33
N LYS A 85 41.52 -1.43 -15.25
CA LYS A 85 42.59 -1.53 -16.23
C LYS A 85 43.96 -1.53 -15.57
N ILE A 86 44.20 -0.58 -14.67
CA ILE A 86 45.53 -0.49 -14.04
C ILE A 86 45.79 -1.70 -13.17
N ARG A 87 44.77 -2.19 -12.47
CA ARG A 87 44.96 -3.38 -11.65
C ARG A 87 45.34 -4.58 -12.50
N TYR A 88 44.63 -4.78 -13.61
CA TYR A 88 44.90 -5.93 -14.46
C TYR A 88 46.29 -5.83 -15.08
N GLU A 89 46.71 -4.62 -15.46
CA GLU A 89 48.07 -4.50 -16.00
C GLU A 89 49.13 -4.61 -14.92
N SER A 90 48.83 -4.26 -13.67
CA SER A 90 49.77 -4.38 -12.57
C SER A 90 49.92 -5.81 -12.07
N LEU A 91 48.96 -6.68 -12.35
CA LEU A 91 49.14 -8.09 -11.97
C LEU A 91 50.36 -8.72 -12.62
N THR A 92 50.60 -8.47 -13.91
CA THR A 92 51.73 -9.11 -14.58
C THR A 92 53.07 -8.62 -14.03
N ASP A 93 53.25 -7.31 -13.94
CA ASP A 93 54.51 -6.76 -13.43
C ASP A 93 54.28 -5.50 -12.61
N PRO A 94 54.54 -5.56 -11.29
CA PRO A 94 54.14 -4.45 -10.41
C PRO A 94 54.94 -3.17 -10.61
N SER A 95 55.80 -3.13 -11.62
CA SER A 95 56.51 -1.88 -11.91
C SER A 95 55.55 -0.75 -12.26
N LYS A 96 54.40 -1.09 -12.86
CA LYS A 96 53.41 -0.07 -13.20
C LYS A 96 52.80 0.58 -11.96
N LEU A 97 52.78 -0.13 -10.84
CA LEU A 97 52.13 0.36 -9.62
C LEU A 97 53.14 0.97 -8.64
N ASP A 98 54.23 1.51 -9.17
CA ASP A 98 55.26 2.12 -8.33
C ASP A 98 54.97 3.57 -7.97
N SER A 99 53.97 4.18 -8.59
CA SER A 99 53.60 5.57 -8.32
C SER A 99 52.15 5.57 -7.84
N GLY A 100 51.96 5.38 -6.55
CA GLY A 100 50.62 5.28 -6.00
C GLY A 100 50.20 3.83 -5.92
N LYS A 101 50.10 3.30 -4.70
CA LYS A 101 49.77 1.89 -4.53
C LYS A 101 48.28 1.65 -4.35
N GLU A 102 47.58 2.60 -3.74
CA GLU A 102 46.17 2.40 -3.42
C GLU A 102 45.30 2.63 -4.65
N LEU A 103 44.13 2.00 -4.63
CA LEU A 103 43.10 2.20 -5.65
C LEU A 103 41.86 2.76 -4.96
N LYS A 104 41.42 3.94 -5.40
CA LYS A 104 40.36 4.64 -4.69
C LYS A 104 39.67 5.61 -5.63
N ILE A 105 38.45 5.99 -5.25
CA ILE A 105 37.67 7.01 -5.94
C ILE A 105 37.37 8.12 -4.95
N ASP A 106 37.73 9.34 -5.30
CA ASP A 106 37.54 10.50 -4.42
C ASP A 106 36.63 11.51 -5.10
N ILE A 107 35.64 11.99 -4.35
CA ILE A 107 34.71 13.02 -4.82
C ILE A 107 34.80 14.19 -3.85
N ILE A 108 35.08 15.38 -4.38
CA ILE A 108 35.26 16.57 -3.56
C ILE A 108 34.22 17.60 -3.99
N PRO A 109 33.17 17.84 -3.21
CA PRO A 109 32.35 19.03 -3.43
C PRO A 109 33.14 20.28 -3.09
N ASN A 110 32.86 21.34 -3.84
CA ASN A 110 33.53 22.64 -3.64
C ASN A 110 32.46 23.71 -3.58
N PRO A 111 31.83 23.88 -2.42
CA PRO A 111 30.60 24.69 -2.36
C PRO A 111 30.79 26.14 -2.76
N GLN A 112 31.96 26.72 -2.44
CA GLN A 112 32.20 28.11 -2.79
C GLN A 112 32.42 28.28 -4.28
N GLU A 113 33.23 27.41 -4.88
CA GLU A 113 33.61 27.55 -6.28
C GLU A 113 32.70 26.80 -7.24
N ARG A 114 31.65 26.14 -6.72
CA ARG A 114 30.61 25.54 -7.55
C ARG A 114 31.19 24.50 -8.51
N THR A 115 32.17 23.75 -8.05
CA THR A 115 32.76 22.67 -8.83
C THR A 115 32.62 21.35 -8.09
N LEU A 116 32.17 20.32 -8.79
CA LEU A 116 32.20 18.96 -8.29
C LEU A 116 33.36 18.23 -8.95
N THR A 117 34.20 17.62 -8.13
CA THR A 117 35.46 17.03 -8.59
C THR A 117 35.45 15.53 -8.34
N LEU A 118 35.80 14.75 -9.36
CA LEU A 118 36.17 13.36 -9.20
C LEU A 118 37.68 13.23 -9.26
N VAL A 119 38.24 12.42 -8.37
CA VAL A 119 39.65 12.04 -8.42
C VAL A 119 39.73 10.53 -8.43
N ASP A 120 40.44 9.99 -9.40
CA ASP A 120 40.58 8.54 -9.56
C ASP A 120 42.04 8.21 -9.75
N THR A 121 42.47 7.08 -9.18
CA THR A 121 43.86 6.63 -9.22
C THR A 121 44.03 5.49 -10.22
N GLY A 122 43.36 5.57 -11.35
CA GLY A 122 43.37 4.52 -12.35
C GLY A 122 44.46 4.69 -13.39
N ILE A 123 44.24 4.08 -14.55
CA ILE A 123 45.26 4.02 -15.58
C ILE A 123 45.56 5.39 -16.15
N GLY A 124 44.54 6.25 -16.29
CA GLY A 124 44.71 7.54 -16.92
C GLY A 124 44.75 7.42 -18.44
N MET A 125 44.87 8.58 -19.09
CA MET A 125 44.94 8.64 -20.54
C MET A 125 46.08 9.56 -20.97
N THR A 126 46.74 9.17 -22.06
CA THR A 126 47.79 10.00 -22.64
C THR A 126 47.17 11.08 -23.53
N LYS A 127 48.03 11.85 -24.20
CA LYS A 127 47.54 12.88 -25.11
C LYS A 127 46.73 12.30 -26.24
N ALA A 128 47.28 11.28 -26.92
CA ALA A 128 46.54 10.64 -27.99
C ALA A 128 45.29 9.97 -27.47
N ASP A 129 45.36 9.38 -26.28
CA ASP A 129 44.16 8.80 -25.67
C ASP A 129 43.13 9.87 -25.36
N LEU A 130 43.55 11.02 -24.86
CA LEU A 130 42.63 12.13 -24.62
C LEU A 130 41.93 12.54 -25.91
N ILE A 131 42.69 12.67 -26.99
CA ILE A 131 42.11 13.14 -28.25
C ILE A 131 41.15 12.10 -28.82
N ASN A 132 41.57 10.84 -28.87
CA ASN A 132 40.77 9.82 -29.53
C ASN A 132 39.57 9.39 -28.70
N ASN A 133 39.69 9.40 -27.36
CA ASN A 133 38.68 8.82 -26.49
C ASN A 133 37.63 9.83 -26.04
N LEU A 134 38.05 10.88 -25.36
CA LEU A 134 37.12 11.84 -24.80
C LEU A 134 36.69 12.91 -25.80
N GLY A 135 37.28 12.95 -26.98
CA GLY A 135 36.91 13.95 -27.96
C GLY A 135 36.34 13.35 -29.22
N THR A 136 35.76 12.16 -29.12
CA THR A 136 35.18 11.47 -30.26
C THR A 136 34.00 10.64 -29.77
N ILE A 137 32.80 11.00 -30.21
CA ILE A 137 31.59 10.39 -29.69
C ILE A 137 31.43 8.99 -30.25
N ALA A 138 30.94 8.07 -29.41
CA ALA A 138 30.62 6.68 -29.69
C ALA A 138 31.86 5.78 -29.70
N LYS A 139 33.06 6.32 -29.49
CA LYS A 139 34.26 5.50 -29.36
C LYS A 139 34.59 5.33 -27.88
N SER A 140 34.75 4.09 -27.45
CA SER A 140 35.12 3.79 -26.08
C SER A 140 36.37 2.93 -26.07
N GLY A 141 37.35 3.34 -25.27
CA GLY A 141 38.56 2.54 -25.12
C GLY A 141 38.37 1.31 -24.27
N THR A 142 37.36 1.32 -23.39
CA THR A 142 37.05 0.17 -22.56
C THR A 142 36.71 -1.04 -23.42
N LYS A 143 35.87 -0.84 -24.42
CA LYS A 143 35.49 -1.93 -25.31
C LYS A 143 36.70 -2.48 -26.07
N ALA A 144 37.56 -1.58 -26.56
CA ALA A 144 38.76 -2.03 -27.26
C ALA A 144 39.68 -2.80 -26.34
N PHE A 145 39.79 -2.37 -25.09
CA PHE A 145 40.60 -3.08 -24.11
C PHE A 145 40.07 -4.50 -23.89
N MET A 146 38.77 -4.61 -23.62
CA MET A 146 38.19 -5.95 -23.46
C MET A 146 38.34 -6.78 -24.72
N GLU A 147 38.43 -6.14 -25.88
CA GLU A 147 38.71 -6.88 -27.10
C GLU A 147 40.18 -7.28 -27.21
N ALA A 148 41.07 -6.58 -26.51
CA ALA A 148 42.51 -6.76 -26.71
C ALA A 148 43.15 -7.80 -25.80
N LEU A 149 42.68 -7.92 -24.57
CA LEU A 149 43.35 -8.75 -23.58
C LEU A 149 43.22 -10.24 -23.91
N GLN A 150 44.14 -11.02 -23.34
CA GLN A 150 44.15 -12.46 -23.58
C GLN A 150 42.91 -13.13 -23.00
N ALA A 151 42.44 -14.17 -23.69
CA ALA A 151 41.23 -14.86 -23.27
C ALA A 151 41.41 -15.50 -21.90
N GLY A 152 40.32 -15.54 -21.14
CA GLY A 152 40.36 -16.11 -19.81
C GLY A 152 40.82 -15.18 -18.72
N ALA A 153 40.70 -13.87 -18.93
CA ALA A 153 41.07 -12.90 -17.92
C ALA A 153 39.90 -12.61 -16.99
N ASP A 154 40.20 -12.46 -15.70
CA ASP A 154 39.16 -12.29 -14.68
C ASP A 154 38.96 -10.80 -14.43
N ILE A 155 38.24 -10.17 -15.35
CA ILE A 155 37.92 -8.74 -15.23
C ILE A 155 36.64 -8.48 -16.00
N SER A 156 35.84 -7.56 -15.49
CA SER A 156 34.60 -7.16 -16.16
C SER A 156 34.44 -5.66 -16.01
N MET A 157 34.59 -4.94 -17.11
CA MET A 157 34.52 -3.49 -17.10
C MET A 157 33.22 -3.02 -17.76
N ILE A 158 32.70 -1.91 -17.25
CA ILE A 158 31.36 -1.45 -17.58
C ILE A 158 31.40 -0.51 -18.77
N GLY A 159 30.43 -0.66 -19.67
CA GLY A 159 30.24 0.31 -20.73
C GLY A 159 30.86 -0.06 -22.05
N GLN A 160 30.05 -0.05 -23.10
CA GLN A 160 30.56 -0.22 -24.45
C GLN A 160 29.89 0.72 -25.45
N PHE A 161 29.19 1.76 -24.98
CA PHE A 161 28.48 2.66 -25.87
C PHE A 161 29.35 3.83 -26.31
N GLY A 162 30.13 4.40 -25.39
CA GLY A 162 30.99 5.51 -25.74
C GLY A 162 30.33 6.86 -25.70
N VAL A 163 29.17 6.98 -25.06
CA VAL A 163 28.47 8.26 -24.95
C VAL A 163 28.24 8.60 -23.50
N GLY A 164 28.84 7.83 -22.60
CA GLY A 164 28.59 8.02 -21.18
C GLY A 164 29.16 9.29 -20.60
N PHE A 165 30.35 9.70 -21.04
CA PHE A 165 31.01 10.86 -20.43
C PHE A 165 30.21 12.13 -20.64
N TYR A 166 29.66 12.31 -21.84
CA TYR A 166 28.98 13.55 -22.18
C TYR A 166 27.69 13.76 -21.41
N SER A 167 27.30 12.81 -20.56
CA SER A 167 26.18 13.07 -19.65
C SER A 167 26.52 14.10 -18.60
N ALA A 168 27.81 14.45 -18.46
CA ALA A 168 28.20 15.42 -17.44
C ALA A 168 27.65 16.81 -17.72
N TYR A 169 27.42 17.15 -18.99
CA TYR A 169 26.88 18.46 -19.32
C TYR A 169 25.43 18.63 -18.90
N LEU A 170 24.76 17.56 -18.49
CA LEU A 170 23.44 17.70 -17.90
C LEU A 170 23.49 18.50 -16.61
N VAL A 171 24.67 18.64 -16.01
CA VAL A 171 24.79 19.35 -14.72
C VAL A 171 25.89 20.38 -14.80
N ALA A 172 26.75 20.30 -15.82
CA ALA A 172 27.91 21.17 -15.89
C ALA A 172 27.85 22.07 -17.11
N GLU A 173 28.33 23.30 -16.94
CA GLU A 173 28.47 24.24 -18.04
C GLU A 173 29.68 23.86 -18.89
N LYS A 174 30.86 23.84 -18.28
CA LYS A 174 32.09 23.41 -18.93
C LYS A 174 32.86 22.49 -18.01
N VAL A 175 33.72 21.66 -18.60
CA VAL A 175 34.31 20.51 -17.94
C VAL A 175 35.81 20.56 -18.12
N VAL A 176 36.55 20.21 -17.06
CA VAL A 176 38.00 20.13 -17.09
C VAL A 176 38.42 18.72 -16.73
N VAL A 177 39.25 18.10 -17.56
CA VAL A 177 39.77 16.76 -17.32
C VAL A 177 41.28 16.86 -17.26
N ILE A 178 41.84 16.78 -16.05
CA ILE A 178 43.28 16.79 -15.83
C ILE A 178 43.71 15.35 -15.59
N THR A 179 44.71 14.89 -16.33
CA THR A 179 45.01 13.48 -16.39
C THR A 179 46.52 13.24 -16.38
N LYS A 180 46.94 12.17 -15.71
CA LYS A 180 48.33 11.76 -15.68
C LYS A 180 48.42 10.27 -16.01
N HIS A 181 49.38 9.92 -16.87
CA HIS A 181 49.60 8.55 -17.30
C HIS A 181 51.09 8.26 -17.20
N ASN A 182 51.44 6.99 -17.09
CA ASN A 182 52.83 6.61 -16.83
C ASN A 182 53.72 6.72 -18.06
N ASP A 183 53.17 7.01 -19.23
CA ASP A 183 53.97 7.10 -20.45
C ASP A 183 54.27 8.53 -20.87
N ASP A 184 53.68 9.52 -20.23
CA ASP A 184 53.96 10.92 -20.57
C ASP A 184 53.45 11.81 -19.44
N GLU A 185 53.54 13.12 -19.66
CA GLU A 185 53.36 14.10 -18.60
C GLU A 185 51.88 14.35 -18.34
N GLN A 186 51.58 15.39 -17.58
CA GLN A 186 50.24 15.67 -17.08
C GLN A 186 49.60 16.78 -17.91
N TYR A 187 48.44 16.49 -18.48
CA TYR A 187 47.72 17.42 -19.35
C TYR A 187 46.40 17.83 -18.71
N ALA A 188 45.71 18.76 -19.37
CA ALA A 188 44.39 19.21 -18.94
C ALA A 188 43.51 19.35 -20.17
N TRP A 189 42.38 18.64 -20.15
CA TRP A 189 41.44 18.64 -21.25
C TRP A 189 40.28 19.58 -20.90
N GLU A 190 40.05 20.58 -21.75
CA GLU A 190 39.09 21.64 -21.52
C GLU A 190 38.07 21.70 -22.64
N SER A 191 36.79 21.80 -22.29
CA SER A 191 35.75 21.90 -23.29
C SER A 191 34.49 22.48 -22.67
N SER A 192 33.56 22.87 -23.54
CA SER A 192 32.22 23.28 -23.11
C SER A 192 31.14 22.75 -24.05
N ALA A 193 31.41 21.66 -24.75
CA ALA A 193 30.51 20.97 -25.67
C ALA A 193 30.17 21.79 -26.90
N GLY A 194 30.72 22.99 -27.04
CA GLY A 194 30.47 23.80 -28.21
C GLY A 194 31.45 23.57 -29.34
N GLY A 195 31.37 22.40 -29.96
CA GLY A 195 32.09 22.16 -31.20
C GLY A 195 33.59 21.96 -31.12
N SER A 196 34.22 22.35 -30.02
CA SER A 196 35.68 22.30 -29.96
C SER A 196 36.14 22.18 -28.51
N PHE A 197 37.40 21.79 -28.35
CA PHE A 197 38.01 21.60 -27.04
C PHE A 197 39.50 21.90 -27.15
N THR A 198 40.11 22.22 -26.02
CA THR A 198 41.52 22.59 -25.95
C THR A 198 42.28 21.63 -25.05
N VAL A 199 43.40 21.11 -25.55
CA VAL A 199 44.29 20.21 -24.83
C VAL A 199 45.62 20.94 -24.61
N ARG A 200 46.06 21.02 -23.36
CA ARG A 200 47.26 21.76 -23.03
C ARG A 200 48.14 20.97 -22.07
N ALA A 201 49.44 21.26 -22.13
CA ALA A 201 50.34 20.77 -21.10
C ALA A 201 50.06 21.48 -19.79
N ASP A 202 50.13 20.74 -18.69
CA ASP A 202 49.82 21.28 -17.37
C ASP A 202 51.07 21.31 -16.50
N HIS A 203 51.15 22.32 -15.65
CA HIS A 203 52.26 22.48 -14.72
C HIS A 203 51.75 22.89 -13.34
N GLY A 204 50.69 22.25 -12.87
CA GLY A 204 50.18 22.51 -11.54
C GLY A 204 50.96 21.73 -10.50
N GLU A 205 50.27 21.02 -9.63
CA GLU A 205 50.91 20.09 -8.71
C GLU A 205 50.70 18.65 -9.18
N PRO A 206 51.63 17.75 -8.87
CA PRO A 206 51.56 16.39 -9.43
C PRO A 206 50.30 15.64 -9.01
N ILE A 207 49.84 14.78 -9.89
CA ILE A 207 48.74 13.86 -9.59
C ILE A 207 49.33 12.51 -9.23
N GLY A 208 50.49 12.18 -9.82
CA GLY A 208 51.09 10.88 -9.64
C GLY A 208 50.65 9.91 -10.71
N ARG A 209 49.38 9.51 -10.66
CA ARG A 209 48.77 8.74 -11.73
C ARG A 209 47.27 8.73 -11.51
N GLY A 210 46.53 8.95 -12.59
CA GLY A 210 45.09 8.92 -12.54
C GLY A 210 44.47 10.13 -13.22
N THR A 211 43.17 10.29 -12.99
CA THR A 211 42.37 11.29 -13.69
C THR A 211 41.64 12.14 -12.66
N LYS A 212 41.32 13.37 -13.05
CA LYS A 212 40.58 14.30 -12.20
C LYS A 212 39.61 15.07 -13.07
N VAL A 213 38.32 14.75 -12.97
CA VAL A 213 37.27 15.42 -13.72
C VAL A 213 36.67 16.51 -12.83
N ILE A 214 36.81 17.76 -13.27
CA ILE A 214 36.22 18.90 -12.56
C ILE A 214 34.99 19.35 -13.33
N LEU A 215 33.88 19.56 -12.62
CA LEU A 215 32.61 19.92 -13.24
C LEU A 215 32.14 21.26 -12.68
N HIS A 216 32.22 22.30 -13.49
CA HIS A 216 31.65 23.60 -13.12
C HIS A 216 30.15 23.54 -13.31
N LEU A 217 29.41 23.56 -12.21
CA LEU A 217 27.97 23.34 -12.25
C LEU A 217 27.23 24.56 -12.79
N LYS A 218 26.18 24.29 -13.54
CA LYS A 218 25.25 25.34 -13.93
C LYS A 218 24.41 25.76 -12.74
N GLU A 219 23.98 27.03 -12.74
CA GLU A 219 23.44 27.63 -11.54
C GLU A 219 22.11 27.03 -11.10
N ASP A 220 21.43 26.28 -11.96
CA ASP A 220 20.15 25.70 -11.61
C ASP A 220 20.25 24.28 -11.07
N GLN A 221 21.43 23.65 -11.15
CA GLN A 221 21.63 22.31 -10.62
C GLN A 221 22.51 22.31 -9.37
N THR A 222 22.56 23.42 -8.64
CA THR A 222 23.40 23.51 -7.45
C THR A 222 22.73 22.81 -6.26
N GLU A 223 22.32 21.57 -6.51
CA GLU A 223 21.81 20.68 -5.48
C GLU A 223 22.65 19.43 -5.37
N TYR A 224 23.57 19.21 -6.32
CA TYR A 224 24.49 18.08 -6.29
C TYR A 224 25.81 18.46 -5.62
N LEU A 225 25.75 19.40 -4.69
CA LEU A 225 26.86 19.76 -3.82
C LEU A 225 26.59 19.44 -2.37
N GLU A 226 25.35 19.62 -1.91
CA GLU A 226 24.98 19.19 -0.57
C GLU A 226 25.05 17.67 -0.49
N GLU A 227 25.30 17.16 0.71
CA GLU A 227 25.77 15.78 0.81
C GLU A 227 24.63 14.78 0.84
N ARG A 228 23.44 15.21 1.26
CA ARG A 228 22.28 14.33 1.22
C ARG A 228 22.12 13.75 -0.18
N ARG A 229 22.18 14.61 -1.20
CA ARG A 229 21.90 14.18 -2.56
C ARG A 229 23.00 13.26 -3.09
N VAL A 230 24.27 13.60 -2.86
CA VAL A 230 25.34 12.76 -3.39
C VAL A 230 25.33 11.40 -2.71
N LYS A 231 25.08 11.36 -1.40
CA LYS A 231 24.96 10.08 -0.72
C LYS A 231 23.79 9.27 -1.26
N GLU A 232 22.64 9.92 -1.46
CA GLU A 232 21.47 9.23 -1.98
C GLU A 232 21.76 8.64 -3.35
N VAL A 233 22.37 9.43 -4.24
CA VAL A 233 22.64 8.96 -5.59
C VAL A 233 23.65 7.82 -5.57
N VAL A 234 24.73 7.96 -4.81
CA VAL A 234 25.75 6.92 -4.79
C VAL A 234 25.19 5.63 -4.23
N LYS A 235 24.43 5.71 -3.13
CA LYS A 235 23.85 4.51 -2.54
C LYS A 235 22.84 3.86 -3.47
N LYS A 236 22.02 4.65 -4.15
CA LYS A 236 20.98 4.07 -4.98
C LYS A 236 21.57 3.44 -6.24
N HIS A 237 22.54 4.10 -6.87
CA HIS A 237 23.00 3.69 -8.18
C HIS A 237 24.29 2.88 -8.17
N SER A 238 25.32 3.36 -7.48
CA SER A 238 26.64 2.74 -7.55
C SER A 238 27.10 2.22 -6.20
N GLN A 239 26.21 1.54 -5.48
CA GLN A 239 26.54 1.06 -4.14
C GLN A 239 27.62 -0.02 -4.18
N PHE A 240 27.53 -0.95 -5.12
CA PHE A 240 28.37 -2.14 -5.13
C PHE A 240 29.54 -2.06 -6.10
N ILE A 241 30.03 -0.85 -6.39
CA ILE A 241 31.28 -0.72 -7.12
C ILE A 241 32.38 -1.38 -6.31
N GLY A 242 33.31 -2.04 -7.00
CA GLY A 242 34.26 -2.91 -6.35
C GLY A 242 35.46 -2.23 -5.74
N TYR A 243 35.42 -0.92 -5.61
CA TYR A 243 36.52 -0.15 -5.04
C TYR A 243 35.96 0.85 -4.05
N PRO A 244 36.77 1.26 -3.08
CA PRO A 244 36.29 2.25 -2.10
C PRO A 244 35.95 3.57 -2.77
N ILE A 245 34.85 4.17 -2.32
CA ILE A 245 34.39 5.45 -2.81
C ILE A 245 34.40 6.42 -1.63
N THR A 246 35.11 7.54 -1.79
CA THR A 246 35.39 8.46 -0.71
C THR A 246 34.75 9.82 -0.97
N LEU A 247 34.29 10.46 0.10
CA LEU A 247 33.63 11.75 0.04
C LEU A 247 34.15 12.62 1.19
N TYR A 248 33.94 13.92 1.09
CA TYR A 248 34.49 14.87 2.06
C TYR A 248 33.40 15.69 2.74
N LEU A 249 33.05 15.31 3.96
CA LEU A 249 32.11 16.03 4.81
C LEU A 249 32.82 17.05 5.67
N GLU A 250 32.59 18.34 5.38
CA GLU A 250 33.27 19.43 6.05
C GLU A 250 32.46 19.87 7.26
N LYS A 251 32.60 19.13 8.35
CA LYS A 251 31.96 19.50 9.61
C LYS A 251 32.94 20.21 10.52
N GLU A 252 32.49 20.47 11.74
CA GLU A 252 33.32 21.02 12.80
C GLU A 252 33.12 20.15 14.04
N ARG A 253 34.21 19.65 14.61
CA ARG A 253 34.13 18.80 15.79
C ARG A 253 34.37 19.64 17.05
N GLU A 254 33.68 19.27 18.12
CA GLU A 254 33.89 19.92 19.41
C GLU A 254 35.21 19.41 19.97
N LYS A 255 36.29 20.14 19.69
CA LYS A 255 37.63 19.76 20.11
C LYS A 255 38.15 20.69 21.20
N GLU A 256 38.78 20.09 22.20
CA GLU A 256 39.42 20.84 23.28
C GLU A 256 40.63 20.05 23.78
N ILE A 257 41.55 20.76 24.44
CA ILE A 257 42.77 20.14 24.96
C ILE A 257 43.01 20.55 26.40
N LYS A 302 35.65 29.55 25.76
CA LYS A 302 36.80 28.97 25.08
C LYS A 302 36.39 27.79 24.22
N LYS A 303 35.55 28.04 23.22
CA LYS A 303 35.11 27.01 22.30
C LYS A 303 35.65 27.32 20.91
N ILE A 304 36.38 26.37 20.33
CA ILE A 304 37.06 26.57 19.07
C ILE A 304 36.28 25.84 17.97
N LYS A 305 36.07 26.56 16.87
CA LYS A 305 35.39 26.02 15.69
C LYS A 305 36.44 25.63 14.66
N GLU A 306 36.74 24.33 14.60
CA GLU A 306 37.69 23.79 13.63
C GLU A 306 36.93 23.06 12.54
N LYS A 307 36.69 23.76 11.43
CA LYS A 307 36.13 23.11 10.25
C LYS A 307 37.24 22.31 9.56
N TYR A 308 36.93 21.07 9.18
CA TYR A 308 37.96 20.18 8.68
C TYR A 308 37.38 19.25 7.63
N ILE A 309 38.26 18.45 7.03
CA ILE A 309 37.92 17.60 5.90
C ILE A 309 37.86 16.15 6.35
N ASP A 310 36.71 15.52 6.19
CA ASP A 310 36.50 14.15 6.63
C ASP A 310 36.77 13.14 5.52
N GLN A 311 37.66 12.19 5.79
CA GLN A 311 37.70 11.00 4.98
C GLN A 311 36.43 10.20 5.26
N GLU A 312 35.41 10.37 4.43
CA GLU A 312 34.19 9.60 4.52
C GLU A 312 34.20 8.57 3.40
N GLU A 313 33.29 7.61 3.46
CA GLU A 313 33.19 6.64 2.36
C GLU A 313 31.78 6.07 2.34
N LEU A 314 31.43 5.49 1.19
CA LEU A 314 30.04 5.21 0.88
C LEU A 314 29.80 3.79 0.38
N ASN A 315 30.78 2.91 0.50
CA ASN A 315 30.70 1.58 -0.09
C ASN A 315 31.14 0.54 0.94
N LYS A 316 30.56 0.64 2.14
CA LYS A 316 30.91 -0.28 3.22
C LYS A 316 30.58 -1.73 2.89
N THR A 317 29.44 -1.99 2.27
CA THR A 317 28.96 -3.35 2.06
C THR A 317 29.41 -3.86 0.69
N LYS A 318 30.09 -5.00 0.69
CA LYS A 318 30.48 -5.65 -0.54
C LYS A 318 29.36 -6.53 -1.06
N PRO A 319 29.36 -6.86 -2.34
CA PRO A 319 28.48 -7.93 -2.82
C PRO A 319 28.93 -9.28 -2.28
N ILE A 320 27.95 -10.14 -2.04
CA ILE A 320 28.22 -11.51 -1.61
C ILE A 320 27.71 -12.54 -2.62
N TRP A 321 26.87 -12.14 -3.56
CA TRP A 321 26.45 -13.06 -4.61
C TRP A 321 27.57 -13.39 -5.58
N THR A 322 28.70 -12.71 -5.49
CA THR A 322 29.87 -13.01 -6.31
C THR A 322 30.83 -13.97 -5.63
N ARG A 323 30.43 -14.57 -4.52
CA ARG A 323 31.26 -15.51 -3.79
C ARG A 323 30.74 -16.93 -3.96
N ASN A 324 31.59 -17.88 -3.62
CA ASN A 324 31.21 -19.28 -3.66
C ASN A 324 30.09 -19.52 -2.66
N PRO A 325 29.01 -20.23 -3.04
CA PRO A 325 27.89 -20.42 -2.10
C PRO A 325 28.23 -21.29 -0.90
N ASP A 326 29.44 -21.83 -0.85
CA ASP A 326 29.89 -22.65 0.27
C ASP A 326 30.82 -21.91 1.23
N ASP A 327 31.53 -20.90 0.75
CA ASP A 327 32.48 -20.14 1.54
C ASP A 327 31.81 -19.09 2.43
N ILE A 328 30.49 -19.11 2.56
CA ILE A 328 29.75 -18.07 3.27
C ILE A 328 29.12 -18.70 4.51
N THR A 329 29.31 -18.06 5.66
CA THR A 329 28.66 -18.46 6.89
C THR A 329 27.23 -17.92 6.91
N GLN A 330 26.47 -18.37 7.90
CA GLN A 330 25.06 -17.99 8.00
C GLN A 330 24.88 -16.64 8.68
N GLU A 331 25.95 -15.97 9.09
CA GLU A 331 25.87 -14.62 9.61
C GLU A 331 26.30 -13.57 8.59
N GLU A 332 27.17 -13.91 7.65
CA GLU A 332 27.46 -13.01 6.54
C GLU A 332 26.21 -12.75 5.73
N TYR A 333 25.44 -13.82 5.46
CA TYR A 333 24.17 -13.67 4.76
C TYR A 333 23.22 -12.74 5.53
N GLY A 334 23.14 -12.93 6.85
CA GLY A 334 22.27 -12.09 7.64
C GLY A 334 22.67 -10.64 7.62
N GLU A 335 23.98 -10.38 7.71
CA GLU A 335 24.47 -9.01 7.65
C GLU A 335 24.15 -8.36 6.31
N PHE A 336 24.36 -9.10 5.22
CA PHE A 336 24.07 -8.55 3.91
C PHE A 336 22.58 -8.29 3.74
N TYR A 337 21.74 -9.19 4.23
CA TYR A 337 20.30 -9.00 4.14
C TYR A 337 19.86 -7.78 4.94
N LYS A 338 20.41 -7.62 6.15
CA LYS A 338 20.08 -6.45 6.95
C LYS A 338 20.52 -5.16 6.26
N SER A 339 21.63 -5.19 5.54
CA SER A 339 22.04 -4.02 4.77
C SER A 339 21.08 -3.78 3.60
N LEU A 340 20.70 -4.85 2.90
CA LEU A 340 19.91 -4.72 1.69
C LEU A 340 18.50 -4.22 1.96
N THR A 341 17.80 -4.81 2.91
CA THR A 341 16.39 -4.49 3.12
C THR A 341 16.13 -3.59 4.32
N ASN A 342 17.18 -3.22 5.06
CA ASN A 342 17.04 -2.38 6.24
C ASN A 342 16.05 -2.98 7.24
N ASP A 343 16.12 -4.30 7.40
CA ASP A 343 15.29 -5.02 8.34
C ASP A 343 15.96 -5.01 9.71
N TRP A 344 15.26 -5.50 10.71
CA TRP A 344 15.76 -5.40 12.08
C TRP A 344 16.26 -6.74 12.60
N GLU A 345 15.59 -7.81 12.21
CA GLU A 345 15.96 -9.18 12.53
C GLU A 345 16.62 -9.82 11.32
N ASP A 346 17.33 -10.92 11.58
CA ASP A 346 17.95 -11.66 10.49
C ASP A 346 16.87 -12.36 9.67
N HIS A 347 17.29 -12.97 8.56
CA HIS A 347 16.36 -13.59 7.63
C HIS A 347 15.85 -14.90 8.21
N LEU A 348 15.09 -15.63 7.41
CA LEU A 348 14.61 -16.96 7.77
C LEU A 348 15.16 -18.06 6.89
N ALA A 349 15.44 -17.76 5.62
CA ALA A 349 16.05 -18.72 4.71
C ALA A 349 16.60 -17.95 3.53
N VAL A 350 17.81 -18.29 3.11
CA VAL A 350 18.47 -17.64 1.99
C VAL A 350 18.73 -18.68 0.91
N LYS A 351 18.39 -18.35 -0.32
CA LYS A 351 18.66 -19.21 -1.46
C LYS A 351 19.68 -18.53 -2.36
N HIS A 352 20.79 -19.21 -2.59
CA HIS A 352 21.87 -18.72 -3.45
C HIS A 352 22.01 -19.69 -4.61
N PHE A 353 21.92 -19.17 -5.83
CA PHE A 353 22.01 -20.04 -7.00
C PHE A 353 22.45 -19.21 -8.20
N SER A 354 23.01 -19.91 -9.18
CA SER A 354 23.45 -19.31 -10.42
C SER A 354 23.03 -20.21 -11.57
N VAL A 355 22.73 -19.62 -12.71
CA VAL A 355 22.36 -20.40 -13.89
C VAL A 355 23.44 -20.21 -14.95
N GLU A 356 23.53 -21.19 -15.84
CA GLU A 356 24.46 -21.14 -16.95
C GLU A 356 23.67 -21.21 -18.25
N GLY A 357 24.27 -20.68 -19.32
CA GLY A 357 23.62 -20.71 -20.60
C GLY A 357 23.78 -19.42 -21.37
N GLN A 358 22.80 -19.12 -22.24
CA GLN A 358 22.82 -17.85 -22.94
C GLN A 358 22.47 -16.70 -21.99
N LEU A 359 21.56 -16.95 -21.06
CA LEU A 359 21.14 -15.96 -20.07
C LEU A 359 21.72 -16.39 -18.73
N GLU A 360 22.76 -15.69 -18.28
CA GLU A 360 23.49 -16.04 -17.07
C GLU A 360 23.28 -14.99 -16.01
N PHE A 361 22.90 -15.41 -14.81
CA PHE A 361 22.74 -14.49 -13.69
C PHE A 361 22.88 -15.26 -12.39
N ARG A 362 23.18 -14.52 -11.32
CA ARG A 362 23.33 -15.04 -9.98
C ARG A 362 22.43 -14.24 -9.05
N ALA A 363 21.67 -14.93 -8.20
CA ALA A 363 20.65 -14.27 -7.40
C ALA A 363 20.70 -14.71 -5.94
N LEU A 364 20.39 -13.77 -5.05
CA LEU A 364 20.10 -14.07 -3.66
C LEU A 364 18.63 -13.79 -3.40
N LEU A 365 17.97 -14.71 -2.72
CA LEU A 365 16.56 -14.55 -2.35
C LEU A 365 16.45 -14.75 -0.85
N PHE A 366 15.81 -13.81 -0.18
CA PHE A 366 15.65 -13.87 1.27
C PHE A 366 14.17 -13.94 1.62
N ILE A 367 13.83 -14.88 2.50
CA ILE A 367 12.51 -14.94 3.11
C ILE A 367 12.60 -14.27 4.47
N PRO A 368 11.89 -13.18 4.71
CA PRO A 368 11.92 -12.54 6.03
C PRO A 368 11.06 -13.31 7.03
N ARG A 369 11.53 -13.29 8.28
CA ARG A 369 10.83 -14.04 9.32
C ARG A 369 9.41 -13.53 9.50
N ARG A 370 9.21 -12.22 9.48
CA ARG A 370 7.93 -11.62 9.80
C ARG A 370 7.35 -11.02 8.53
N ALA A 371 6.11 -11.37 8.24
CA ALA A 371 5.47 -10.87 7.02
C ALA A 371 5.31 -9.36 7.09
N PRO A 372 5.65 -8.62 6.04
CA PRO A 372 5.61 -7.17 6.12
C PRO A 372 4.18 -6.65 6.09
N PHE A 373 3.90 -5.71 6.98
CA PHE A 373 2.64 -5.00 6.91
C PHE A 373 2.67 -4.08 5.70
N ASP A 374 1.48 -3.74 5.19
CA ASP A 374 1.32 -3.11 3.89
C ASP A 374 1.82 -4.03 2.78
N LEU A 375 1.42 -5.31 2.84
CA LEU A 375 1.90 -6.29 1.89
C LEU A 375 1.07 -6.31 0.61
N PHE A 376 -0.24 -6.14 0.71
CA PHE A 376 -1.14 -6.30 -0.42
C PHE A 376 -1.84 -5.00 -0.77
N GLU A 377 -1.14 -3.87 -0.62
CA GLU A 377 -1.75 -2.57 -0.88
C GLU A 377 -0.99 -1.78 -1.93
N ASN A 378 0.33 -1.72 -1.81
CA ASN A 378 1.14 -0.89 -2.71
C ASN A 378 1.09 -1.44 -4.12
N LYS A 379 0.40 -0.72 -5.02
CA LYS A 379 0.35 -1.14 -6.42
C LYS A 379 1.55 -0.64 -7.21
N LYS A 380 2.36 0.26 -6.65
CA LYS A 380 3.39 0.94 -7.43
C LYS A 380 4.80 0.70 -6.91
N LYS A 381 5.03 0.78 -5.61
CA LYS A 381 6.37 0.81 -5.04
C LYS A 381 6.69 -0.46 -4.24
N LYS A 382 6.31 -1.62 -4.78
CA LYS A 382 6.63 -2.88 -4.12
C LYS A 382 8.14 -3.10 -4.07
N ASN A 383 8.83 -2.93 -5.20
CA ASN A 383 10.29 -2.95 -5.30
C ASN A 383 10.93 -4.09 -4.50
N ASN A 384 10.31 -5.26 -4.54
CA ASN A 384 10.80 -6.39 -3.75
C ASN A 384 12.15 -6.89 -4.27
N ILE A 385 12.25 -7.10 -5.58
CA ILE A 385 13.44 -7.67 -6.21
C ILE A 385 14.09 -6.62 -7.08
N LYS A 386 15.37 -6.35 -6.82
CA LYS A 386 16.16 -5.42 -7.62
C LYS A 386 16.97 -6.19 -8.65
N LEU A 387 17.36 -5.50 -9.72
CA LEU A 387 18.12 -6.11 -10.80
C LEU A 387 19.37 -5.31 -11.05
N TYR A 388 20.51 -5.99 -11.11
CA TYR A 388 21.80 -5.36 -11.30
C TYR A 388 22.47 -5.90 -12.55
N VAL A 389 23.34 -5.07 -13.15
CA VAL A 389 24.20 -5.50 -14.24
C VAL A 389 25.62 -5.02 -13.94
N ARG A 390 26.54 -5.97 -13.85
CA ARG A 390 27.94 -5.68 -13.52
C ARG A 390 28.04 -4.75 -12.31
N ARG A 391 27.24 -5.04 -11.28
CA ARG A 391 27.24 -4.31 -10.01
C ARG A 391 26.77 -2.87 -10.15
N VAL A 392 25.91 -2.58 -11.13
CA VAL A 392 25.35 -1.26 -11.34
C VAL A 392 23.83 -1.37 -11.32
N PHE A 393 23.18 -0.49 -10.56
CA PHE A 393 21.73 -0.55 -10.42
C PHE A 393 21.04 -0.26 -11.74
N ILE A 394 20.02 -1.05 -12.05
CA ILE A 394 19.29 -0.89 -13.31
C ILE A 394 17.83 -0.54 -13.06
N MET A 395 17.09 -1.43 -12.41
CA MET A 395 15.68 -1.23 -12.17
C MET A 395 15.25 -2.03 -10.95
N ASP A 396 14.10 -1.67 -10.40
CA ASP A 396 13.68 -2.23 -9.11
C ASP A 396 12.24 -2.72 -9.08
N SER A 397 11.38 -2.14 -9.91
CA SER A 397 9.93 -2.32 -9.76
C SER A 397 9.33 -2.87 -11.05
N CYS A 398 9.96 -3.90 -11.62
CA CYS A 398 9.33 -4.62 -12.71
C CYS A 398 8.26 -5.55 -12.15
N ASP A 399 7.30 -5.90 -13.01
CA ASP A 399 6.18 -6.74 -12.62
C ASP A 399 6.23 -8.12 -13.26
N GLU A 400 7.03 -8.31 -14.31
CA GLU A 400 7.25 -9.66 -14.84
C GLU A 400 8.46 -10.33 -14.23
N LEU A 401 9.14 -9.68 -13.30
CA LEU A 401 10.30 -10.30 -12.66
C LEU A 401 9.87 -11.45 -11.76
N ILE A 402 8.80 -11.26 -11.00
CA ILE A 402 8.33 -12.26 -10.05
C ILE A 402 6.79 -12.24 -10.05
N PRO A 403 6.13 -13.36 -9.78
CA PRO A 403 4.68 -13.33 -9.61
C PRO A 403 4.29 -12.60 -8.34
N GLU A 404 3.03 -12.18 -8.29
CA GLU A 404 2.54 -11.35 -7.21
C GLU A 404 2.10 -12.16 -5.99
N TYR A 405 2.18 -13.48 -6.04
CA TYR A 405 1.96 -14.30 -4.86
C TYR A 405 3.25 -14.61 -4.11
N LEU A 406 4.37 -14.07 -4.57
CA LEU A 406 5.66 -14.19 -3.89
C LEU A 406 6.22 -12.82 -3.56
N ASN A 407 5.34 -11.83 -3.34
CA ASN A 407 5.75 -10.45 -3.15
C ASN A 407 6.56 -10.21 -1.89
N PHE A 408 6.60 -11.16 -0.96
CA PHE A 408 7.40 -10.98 0.25
C PHE A 408 8.85 -11.39 0.06
N ILE A 409 9.19 -12.07 -1.03
CA ILE A 409 10.56 -12.51 -1.26
C ILE A 409 11.40 -11.31 -1.71
N ARG A 410 12.49 -11.07 -1.00
CA ARG A 410 13.31 -9.89 -1.23
C ARG A 410 14.75 -10.31 -1.48
N GLY A 411 15.37 -9.71 -2.49
CA GLY A 411 16.70 -10.10 -2.87
C GLY A 411 17.20 -9.26 -4.03
N VAL A 412 18.28 -9.74 -4.65
CA VAL A 412 18.91 -9.04 -5.76
C VAL A 412 19.24 -10.04 -6.85
N VAL A 413 19.25 -9.58 -8.09
CA VAL A 413 19.61 -10.38 -9.25
C VAL A 413 20.67 -9.62 -10.03
N ASP A 414 21.79 -10.28 -10.31
CA ASP A 414 22.90 -9.64 -11.00
C ASP A 414 23.38 -10.54 -12.12
N SER A 415 23.93 -9.93 -13.16
CA SER A 415 24.32 -10.66 -14.36
C SER A 415 25.43 -9.91 -15.05
N GLU A 416 25.83 -10.41 -16.22
CA GLU A 416 26.95 -9.84 -16.96
C GLU A 416 26.62 -9.34 -18.35
N ASP A 417 25.58 -9.86 -19.00
CA ASP A 417 25.37 -9.57 -20.41
C ASP A 417 23.91 -9.29 -20.73
N LEU A 418 23.24 -8.49 -19.91
CA LEU A 418 21.88 -8.10 -20.31
C LEU A 418 21.92 -6.94 -21.31
N PRO A 419 20.93 -6.88 -22.21
CA PRO A 419 20.93 -5.82 -23.23
C PRO A 419 20.34 -4.51 -22.74
N LEU A 420 21.15 -3.69 -22.08
CA LEU A 420 20.65 -2.42 -21.58
C LEU A 420 20.32 -1.47 -22.72
N ASN A 421 19.55 -0.44 -22.40
CA ASN A 421 19.23 0.62 -23.34
C ASN A 421 20.20 1.78 -23.14
N ILE A 422 20.02 2.83 -23.95
CA ILE A 422 21.00 3.91 -23.97
C ILE A 422 21.02 4.70 -22.67
N SER A 423 19.96 4.61 -21.86
CA SER A 423 19.91 5.30 -20.59
C SER A 423 20.34 4.43 -19.42
N ARG A 424 20.55 3.14 -19.63
CA ARG A 424 20.87 2.20 -18.57
C ARG A 424 19.87 2.30 -17.42
N GLU A 425 18.59 2.34 -17.77
CA GLU A 425 17.50 2.33 -16.79
C GLU A 425 16.39 1.37 -17.16
N MET A 426 16.44 0.73 -18.32
CA MET A 426 15.38 -0.18 -18.76
C MET A 426 16.05 -1.30 -19.55
N LEU A 427 15.44 -2.48 -19.49
CA LEU A 427 15.99 -3.67 -20.12
C LEU A 427 15.28 -3.89 -21.45
N GLN A 428 16.04 -3.90 -22.54
CA GLN A 428 15.48 -4.05 -23.86
C GLN A 428 14.84 -5.43 -24.03
N GLN A 429 13.81 -5.49 -24.89
CA GLN A 429 13.16 -6.74 -25.27
C GLN A 429 12.86 -7.61 -24.05
N SER A 430 11.88 -7.17 -23.25
CA SER A 430 11.65 -7.68 -21.90
C SER A 430 11.26 -9.15 -21.84
N LYS A 431 11.32 -9.87 -22.96
CA LYS A 431 11.08 -11.31 -22.93
C LYS A 431 12.09 -12.06 -22.08
N ILE A 432 13.22 -11.45 -21.74
CA ILE A 432 14.18 -12.07 -20.82
C ILE A 432 13.58 -12.20 -19.42
N LEU A 433 12.69 -11.28 -19.06
CA LEU A 433 12.14 -11.28 -17.71
C LEU A 433 11.31 -12.53 -17.44
N LYS A 434 10.65 -13.07 -18.47
CA LYS A 434 9.90 -14.32 -18.28
C LYS A 434 10.85 -15.47 -17.92
N VAL A 435 11.99 -15.54 -18.60
CA VAL A 435 12.96 -16.59 -18.32
C VAL A 435 13.54 -16.42 -16.93
N ILE A 436 13.82 -15.18 -16.53
CA ILE A 436 14.30 -14.94 -15.17
C ILE A 436 13.25 -15.39 -14.16
N ARG A 437 11.99 -15.05 -14.42
CA ARG A 437 10.90 -15.32 -13.49
C ARG A 437 10.68 -16.81 -13.29
N LYS A 438 10.80 -17.59 -14.36
CA LYS A 438 10.62 -19.03 -14.24
C LYS A 438 11.60 -19.64 -13.24
N ASN A 439 12.89 -19.33 -13.41
CA ASN A 439 13.91 -19.83 -12.49
C ASN A 439 13.70 -19.33 -11.08
N ILE A 440 13.35 -18.05 -10.91
CA ILE A 440 13.14 -17.53 -9.57
C ILE A 440 12.00 -18.27 -8.88
N VAL A 441 10.89 -18.51 -9.59
CA VAL A 441 9.75 -19.22 -9.04
C VAL A 441 10.14 -20.61 -8.60
N LYS A 442 10.83 -21.34 -9.48
CA LYS A 442 11.14 -22.73 -9.16
C LYS A 442 12.12 -22.81 -7.98
N LYS A 443 13.08 -21.90 -7.91
CA LYS A 443 14.02 -21.95 -6.79
C LYS A 443 13.35 -21.54 -5.48
N CYS A 444 12.37 -20.62 -5.53
CA CYS A 444 11.64 -20.27 -4.31
C CYS A 444 10.80 -21.45 -3.83
N LEU A 445 10.17 -22.18 -4.75
CA LEU A 445 9.45 -23.38 -4.35
C LEU A 445 10.38 -24.40 -3.72
N GLU A 446 11.57 -24.57 -4.30
CA GLU A 446 12.55 -25.48 -3.71
C GLU A 446 12.95 -25.01 -2.31
N LEU A 447 13.10 -23.70 -2.11
CA LEU A 447 13.41 -23.19 -0.78
C LEU A 447 12.31 -23.52 0.21
N PHE A 448 11.05 -23.34 -0.20
CA PHE A 448 9.94 -23.69 0.69
C PHE A 448 10.00 -25.18 1.05
N SER A 449 10.21 -26.05 0.07
CA SER A 449 10.24 -27.47 0.33
C SER A 449 11.38 -27.84 1.28
N GLU A 450 12.57 -27.27 1.06
CA GLU A 450 13.69 -27.56 1.95
C GLU A 450 13.44 -27.05 3.35
N LEU A 451 12.84 -25.86 3.47
CA LEU A 451 12.48 -25.34 4.78
C LEU A 451 11.41 -26.19 5.46
N ALA A 452 10.63 -26.94 4.69
CA ALA A 452 9.60 -27.80 5.25
C ALA A 452 10.14 -28.99 6.03
N GLU A 453 11.44 -29.26 5.97
CA GLU A 453 12.01 -30.35 6.75
C GLU A 453 12.26 -29.98 8.21
N ASP A 454 12.51 -28.71 8.50
CA ASP A 454 12.75 -28.26 9.88
C ASP A 454 11.43 -27.76 10.45
N LYS A 455 10.66 -28.70 11.03
CA LYS A 455 9.36 -28.35 11.58
C LYS A 455 9.45 -27.40 12.75
N GLU A 456 10.64 -27.22 13.32
CA GLU A 456 10.81 -26.26 14.40
C GLU A 456 10.59 -24.83 13.92
N ASN A 457 10.87 -24.56 12.63
CA ASN A 457 10.77 -23.19 12.13
C ASN A 457 9.89 -23.06 10.89
N TYR A 458 9.30 -24.14 10.39
CA TYR A 458 8.36 -24.00 9.29
C TYR A 458 7.04 -23.42 9.76
N LYS A 459 6.70 -23.61 11.03
CA LYS A 459 5.49 -23.03 11.59
C LYS A 459 5.52 -21.51 11.51
N LYS A 460 6.68 -20.90 11.78
CA LYS A 460 6.77 -19.45 11.72
C LYS A 460 6.64 -18.95 10.29
N PHE A 461 7.03 -19.75 9.30
CA PHE A 461 6.83 -19.35 7.92
C PHE A 461 5.37 -19.49 7.53
N TYR A 462 4.70 -20.55 7.98
CA TYR A 462 3.30 -20.73 7.64
C TYR A 462 2.44 -19.64 8.26
N GLU A 463 2.62 -19.37 9.56
CA GLU A 463 1.80 -18.37 10.22
C GLU A 463 2.02 -16.97 9.66
N ALA A 464 2.95 -16.79 8.73
CA ALA A 464 3.14 -15.51 8.06
C ALA A 464 2.77 -15.52 6.59
N PHE A 465 2.81 -16.68 5.90
CA PHE A 465 2.60 -16.67 4.46
C PHE A 465 1.66 -17.79 3.99
N SER A 466 0.80 -18.29 4.88
CA SER A 466 -0.20 -19.27 4.46
C SER A 466 -1.15 -18.66 3.44
N LYS A 467 -1.59 -17.42 3.67
CA LYS A 467 -2.48 -16.77 2.73
C LYS A 467 -1.80 -16.57 1.39
N ASN A 468 -0.49 -16.30 1.40
CA ASN A 468 0.26 -16.16 0.16
C ASN A 468 0.30 -17.48 -0.60
N LEU A 469 0.54 -18.59 0.11
CA LEU A 469 0.57 -19.89 -0.56
C LEU A 469 -0.81 -20.25 -1.12
N LYS A 470 -1.87 -19.95 -0.39
CA LYS A 470 -3.21 -20.25 -0.89
C LYS A 470 -3.55 -19.38 -2.09
N LEU A 471 -3.18 -18.10 -2.05
CA LEU A 471 -3.35 -17.24 -3.21
C LEU A 471 -2.58 -17.79 -4.40
N GLY A 472 -1.39 -18.32 -4.15
CA GLY A 472 -0.63 -18.95 -5.22
C GLY A 472 -1.35 -20.14 -5.79
N ILE A 473 -1.95 -20.97 -4.94
CA ILE A 473 -2.75 -22.08 -5.42
C ILE A 473 -3.85 -21.57 -6.33
N HIS A 474 -4.47 -20.45 -5.96
CA HIS A 474 -5.56 -19.91 -6.76
C HIS A 474 -5.10 -19.25 -8.05
N GLU A 475 -3.85 -18.80 -8.14
CA GLU A 475 -3.43 -18.02 -9.31
C GLU A 475 -2.89 -18.87 -10.45
N ASP A 476 -1.79 -19.58 -10.27
CA ASP A 476 -1.13 -20.27 -11.39
C ASP A 476 -1.47 -21.75 -11.37
N SER A 477 -1.42 -22.36 -12.55
CA SER A 477 -1.84 -23.75 -12.72
C SER A 477 -0.67 -24.70 -12.98
N THR A 478 0.46 -24.18 -13.45
CA THR A 478 1.57 -25.06 -13.83
C THR A 478 2.15 -25.77 -12.61
N ASN A 479 2.45 -25.03 -11.55
CA ASN A 479 3.03 -25.59 -10.34
C ASN A 479 2.02 -25.71 -9.21
N ARG A 480 0.78 -26.09 -9.56
CA ARG A 480 -0.27 -26.21 -8.55
C ARG A 480 0.05 -27.27 -7.51
N ARG A 481 0.60 -28.40 -7.96
CA ARG A 481 0.69 -29.58 -7.10
C ARG A 481 1.56 -29.34 -5.87
N ARG A 482 2.84 -29.05 -6.09
CA ARG A 482 3.75 -28.87 -4.95
C ARG A 482 3.36 -27.65 -4.13
N LEU A 483 2.82 -26.62 -4.79
CA LEU A 483 2.35 -25.46 -4.05
C LEU A 483 1.24 -25.82 -3.09
N SER A 484 0.37 -26.76 -3.47
CA SER A 484 -0.66 -27.23 -2.56
C SER A 484 -0.09 -28.16 -1.51
N GLU A 485 0.96 -28.91 -1.85
CA GLU A 485 1.53 -29.88 -0.93
C GLU A 485 2.06 -29.24 0.35
N LEU A 486 2.36 -27.95 0.34
CA LEU A 486 2.90 -27.28 1.51
C LEU A 486 1.82 -26.87 2.50
N LEU A 487 0.55 -27.12 2.20
CA LEU A 487 -0.54 -26.68 3.06
C LEU A 487 -0.51 -27.38 4.41
N ARG A 488 -0.92 -26.67 5.45
CA ARG A 488 -1.13 -27.23 6.77
C ARG A 488 -2.53 -26.86 7.23
N TYR A 489 -3.20 -27.79 7.92
CA TYR A 489 -4.56 -27.56 8.38
C TYR A 489 -4.76 -28.19 9.76
N HIS A 490 -5.73 -27.64 10.48
CA HIS A 490 -6.28 -28.33 11.63
C HIS A 490 -7.29 -29.37 11.17
N THR A 491 -7.33 -30.49 11.88
CA THR A 491 -8.27 -31.55 11.53
C THR A 491 -9.08 -32.02 12.73
N SER A 492 -9.81 -33.11 12.55
CA SER A 492 -10.72 -33.59 13.59
C SER A 492 -9.97 -33.96 14.86
N GLN A 493 -8.85 -34.67 14.73
CA GLN A 493 -8.00 -35.03 15.87
C GLN A 493 -6.58 -34.61 15.53
N SER A 494 -6.28 -33.34 15.80
CA SER A 494 -4.95 -32.81 15.57
C SER A 494 -4.55 -31.93 16.74
N GLY A 495 -5.45 -31.75 17.69
CA GLY A 495 -5.17 -30.90 18.83
C GLY A 495 -4.91 -29.47 18.39
N ASP A 496 -3.88 -28.86 18.98
CA ASP A 496 -3.47 -27.51 18.63
C ASP A 496 -2.26 -27.51 17.70
N GLU A 497 -2.17 -28.48 16.82
CA GLU A 497 -1.02 -28.62 15.92
C GLU A 497 -1.51 -28.72 14.49
N MET A 498 -1.00 -27.83 13.63
CA MET A 498 -1.33 -27.91 12.22
C MET A 498 -0.77 -29.19 11.63
N THR A 499 -1.50 -29.75 10.66
CA THR A 499 -1.08 -31.00 10.05
C THR A 499 -1.32 -30.95 8.56
N SER A 500 -0.47 -31.63 7.81
CA SER A 500 -0.49 -31.57 6.35
C SER A 500 -1.60 -32.46 5.80
N LEU A 501 -1.58 -32.66 4.48
CA LEU A 501 -2.53 -33.55 3.82
C LEU A 501 -2.00 -34.98 3.73
N SER A 502 -0.69 -35.13 3.49
CA SER A 502 -0.11 -36.47 3.40
C SER A 502 -0.27 -37.22 4.70
N GLU A 503 -0.06 -36.54 5.83
CA GLU A 503 -0.30 -37.19 7.12
C GLU A 503 -1.76 -37.60 7.25
N TYR A 504 -2.67 -36.80 6.71
CA TYR A 504 -4.09 -37.14 6.74
C TYR A 504 -4.34 -38.42 5.95
N VAL A 505 -3.69 -38.56 4.79
CA VAL A 505 -3.83 -39.77 4.01
C VAL A 505 -3.24 -40.96 4.78
N SER A 506 -2.16 -40.72 5.52
CA SER A 506 -1.59 -41.77 6.36
C SER A 506 -2.55 -42.17 7.47
N ARG A 507 -3.20 -41.19 8.10
CA ARG A 507 -4.12 -41.42 9.21
C ARG A 507 -5.50 -41.86 8.74
N MET A 508 -5.63 -42.25 7.48
CA MET A 508 -6.93 -42.49 6.87
C MET A 508 -7.40 -43.92 7.12
N LYS A 509 -8.70 -44.07 7.31
CA LYS A 509 -9.29 -45.40 7.34
C LYS A 509 -9.13 -46.07 5.98
N GLU A 510 -8.96 -47.39 6.00
CA GLU A 510 -8.73 -48.13 4.77
C GLU A 510 -9.93 -48.13 3.85
N THR A 511 -11.14 -47.89 4.39
CA THR A 511 -12.34 -47.89 3.56
C THR A 511 -12.69 -46.51 3.03
N GLN A 512 -11.98 -45.47 3.47
CA GLN A 512 -12.33 -44.10 3.09
C GLN A 512 -12.15 -43.85 1.60
N LYS A 513 -13.25 -43.63 0.89
CA LYS A 513 -13.18 -43.28 -0.52
C LYS A 513 -12.73 -41.83 -0.71
N SER A 514 -13.07 -40.96 0.23
CA SER A 514 -12.92 -39.52 0.05
C SER A 514 -12.23 -38.89 1.26
N ILE A 515 -12.10 -37.57 1.20
CA ILE A 515 -11.55 -36.75 2.28
C ILE A 515 -12.60 -35.72 2.67
N TYR A 516 -12.82 -35.55 3.96
CA TYR A 516 -13.89 -34.69 4.44
C TYR A 516 -13.34 -33.35 4.90
N TYR A 517 -13.98 -32.27 4.46
CA TYR A 517 -13.61 -30.93 4.88
C TYR A 517 -14.86 -30.09 5.13
N ILE A 518 -14.67 -29.03 5.90
CA ILE A 518 -15.74 -28.10 6.23
C ILE A 518 -15.11 -26.71 6.34
N THR A 519 -15.91 -25.68 6.07
CA THR A 519 -15.43 -24.31 6.11
C THR A 519 -16.39 -23.44 6.90
N GLY A 520 -15.84 -22.42 7.55
CA GLY A 520 -16.62 -21.49 8.34
C GLY A 520 -15.78 -20.31 8.76
N GLU A 521 -16.36 -19.46 9.60
CA GLU A 521 -15.65 -18.29 10.07
C GLU A 521 -14.60 -18.61 11.12
N SER A 522 -14.89 -19.54 12.03
CA SER A 522 -13.97 -19.89 13.09
C SER A 522 -13.92 -21.39 13.27
N LYS A 523 -12.83 -21.87 13.87
CA LYS A 523 -12.70 -23.29 14.14
C LYS A 523 -13.77 -23.77 15.11
N GLU A 524 -14.09 -22.97 16.12
CA GLU A 524 -15.11 -23.36 17.08
C GLU A 524 -16.48 -23.48 16.44
N GLN A 525 -16.75 -22.69 15.39
CA GLN A 525 -18.04 -22.79 14.73
C GLN A 525 -18.17 -24.09 13.95
N VAL A 526 -17.13 -24.47 13.22
CA VAL A 526 -17.20 -25.69 12.41
C VAL A 526 -17.01 -26.95 13.23
N ALA A 527 -16.39 -26.85 14.41
CA ALA A 527 -16.20 -28.03 15.25
C ALA A 527 -17.55 -28.56 15.75
N ASN A 528 -18.37 -27.67 16.31
CA ASN A 528 -19.67 -28.05 16.84
C ASN A 528 -20.78 -27.91 15.82
N SER A 529 -20.46 -27.91 14.53
CA SER A 529 -21.49 -27.86 13.51
C SER A 529 -22.28 -29.16 13.51
N ALA A 530 -23.60 -29.04 13.39
CA ALA A 530 -24.45 -30.23 13.38
C ALA A 530 -24.18 -31.11 12.17
N PHE A 531 -23.55 -30.57 11.13
CA PHE A 531 -23.32 -31.32 9.90
C PHE A 531 -22.42 -32.52 10.13
N VAL A 532 -21.37 -32.36 10.95
CA VAL A 532 -20.27 -33.33 10.98
C VAL A 532 -20.33 -34.23 12.21
N GLU A 533 -21.40 -34.13 13.02
CA GLU A 533 -21.47 -34.87 14.27
C GLU A 533 -21.44 -36.38 14.07
N ARG A 534 -22.23 -36.90 13.12
CA ARG A 534 -22.21 -38.33 12.87
C ARG A 534 -20.89 -38.77 12.24
N VAL A 535 -20.33 -37.96 11.35
CA VAL A 535 -19.06 -38.32 10.73
C VAL A 535 -17.97 -38.42 11.79
N ARG A 536 -17.96 -37.50 12.75
CA ARG A 536 -16.99 -37.56 13.83
C ARG A 536 -17.25 -38.76 14.74
N LYS A 537 -18.51 -39.02 15.09
CA LYS A 537 -18.79 -40.13 15.99
C LYS A 537 -18.40 -41.46 15.38
N ARG A 538 -18.69 -41.66 14.09
CA ARG A 538 -18.31 -42.90 13.44
C ARG A 538 -16.80 -43.07 13.33
N GLY A 539 -16.03 -42.09 13.78
CA GLY A 539 -14.60 -42.24 13.89
C GLY A 539 -13.85 -41.84 12.64
N PHE A 540 -14.25 -40.73 12.03
CA PHE A 540 -13.58 -40.22 10.85
C PHE A 540 -12.90 -38.90 11.17
N GLU A 541 -12.07 -38.46 10.24
CA GLU A 541 -11.09 -37.41 10.48
C GLU A 541 -11.29 -36.34 9.42
N VAL A 542 -11.63 -35.13 9.85
CA VAL A 542 -12.16 -34.10 8.96
C VAL A 542 -11.31 -32.84 9.05
N VAL A 543 -10.97 -32.29 7.89
CA VAL A 543 -10.14 -31.09 7.80
C VAL A 543 -10.96 -29.86 8.10
N TYR A 544 -10.33 -28.86 8.73
CA TYR A 544 -10.97 -27.58 9.02
C TYR A 544 -10.26 -26.47 8.25
N MET A 545 -10.96 -25.86 7.30
CA MET A 545 -10.55 -24.59 6.72
C MET A 545 -11.31 -23.44 7.36
N THR A 546 -10.58 -22.36 7.67
CA THR A 546 -11.12 -21.26 8.45
C THR A 546 -11.03 -19.90 7.77
N GLU A 547 -10.14 -19.73 6.78
CA GLU A 547 -9.96 -18.42 6.21
C GLU A 547 -10.78 -18.26 4.93
N PRO A 548 -11.23 -17.05 4.61
CA PRO A 548 -12.06 -16.88 3.40
C PRO A 548 -11.33 -17.26 2.12
N ILE A 549 -10.00 -17.17 2.11
CA ILE A 549 -9.24 -17.58 0.93
C ILE A 549 -9.37 -19.07 0.68
N ASP A 550 -9.85 -19.83 1.67
CA ASP A 550 -10.00 -21.26 1.49
C ASP A 550 -11.10 -21.59 0.49
N GLU A 551 -12.16 -20.77 0.42
CA GLU A 551 -13.19 -20.99 -0.59
C GLU A 551 -12.66 -20.82 -2.00
N TYR A 552 -11.60 -20.04 -2.20
CA TYR A 552 -10.91 -20.05 -3.47
C TYR A 552 -9.90 -21.18 -3.58
N CYS A 553 -9.36 -21.62 -2.45
CA CYS A 553 -8.42 -22.72 -2.41
C CYS A 553 -9.06 -24.07 -2.69
N VAL A 554 -10.38 -24.19 -2.55
CA VAL A 554 -11.06 -25.48 -2.73
C VAL A 554 -11.80 -25.57 -4.05
N GLN A 555 -11.81 -24.50 -4.84
CA GLN A 555 -12.31 -24.61 -6.20
C GLN A 555 -11.30 -25.23 -7.16
N GLN A 556 -10.06 -25.42 -6.71
CA GLN A 556 -9.01 -26.02 -7.52
C GLN A 556 -8.41 -27.28 -6.93
N LEU A 557 -8.54 -27.48 -5.61
CA LEU A 557 -8.15 -28.75 -5.01
C LEU A 557 -9.18 -29.82 -5.27
N LYS A 558 -9.24 -30.30 -6.52
CA LYS A 558 -10.10 -31.43 -6.83
C LYS A 558 -9.56 -32.71 -6.22
N GLU A 559 -8.25 -32.89 -6.25
CA GLU A 559 -7.63 -34.13 -5.81
C GLU A 559 -6.32 -33.85 -5.09
N PHE A 560 -5.97 -34.76 -4.17
CA PHE A 560 -4.66 -34.78 -3.53
C PHE A 560 -4.25 -36.24 -3.42
N ASP A 561 -3.20 -36.63 -4.14
CA ASP A 561 -2.79 -38.03 -4.26
C ASP A 561 -3.96 -38.88 -4.76
N GLY A 562 -4.62 -38.40 -5.80
CA GLY A 562 -5.74 -39.12 -6.39
C GLY A 562 -6.87 -39.40 -5.42
N LYS A 563 -7.22 -38.41 -4.60
CA LYS A 563 -8.26 -38.55 -3.61
C LYS A 563 -9.35 -37.50 -3.82
N SER A 564 -10.60 -37.89 -3.63
CA SER A 564 -11.73 -37.02 -3.91
C SER A 564 -12.08 -36.22 -2.67
N LEU A 565 -11.92 -34.90 -2.75
CA LEU A 565 -12.22 -34.03 -1.63
C LEU A 565 -13.68 -33.60 -1.69
N VAL A 566 -14.42 -33.88 -0.62
CA VAL A 566 -15.86 -33.61 -0.57
C VAL A 566 -16.19 -32.91 0.75
N SER A 567 -17.25 -32.11 0.72
CA SER A 567 -17.63 -31.28 1.85
C SER A 567 -18.93 -31.78 2.48
N VAL A 568 -18.97 -31.72 3.81
CA VAL A 568 -20.10 -32.25 4.57
C VAL A 568 -21.35 -31.40 4.50
N THR A 569 -21.29 -30.24 3.84
CA THR A 569 -22.40 -29.29 3.84
C THR A 569 -23.20 -29.31 2.54
N LYS A 570 -23.02 -30.35 1.72
CA LYS A 570 -23.67 -30.43 0.41
C LYS A 570 -24.85 -31.39 0.47
N GLU A 571 -25.45 -31.66 -0.69
CA GLU A 571 -26.55 -32.61 -0.81
C GLU A 571 -26.13 -34.03 -0.45
N GLY A 572 -25.23 -34.61 -1.25
CA GLY A 572 -24.94 -36.02 -1.18
C GLY A 572 -23.74 -36.40 -0.34
N LEU A 573 -23.81 -36.13 0.96
CA LEU A 573 -22.75 -36.57 1.86
C LEU A 573 -22.78 -38.09 1.92
N GLU A 574 -21.69 -38.71 1.46
CA GLU A 574 -21.66 -40.16 1.22
C GLU A 574 -20.73 -40.82 2.21
N LEU A 575 -21.25 -41.14 3.38
CA LEU A 575 -20.52 -41.94 4.34
C LEU A 575 -20.43 -43.37 3.81
N PRO A 576 -19.47 -44.17 4.30
CA PRO A 576 -19.37 -45.56 3.83
C PRO A 576 -20.63 -46.35 4.13
N GLU A 577 -21.29 -46.82 3.09
CA GLU A 577 -22.55 -47.55 3.24
C GLU A 577 -22.30 -48.85 3.99
N ASP A 578 -22.79 -48.92 5.22
CA ASP A 578 -22.91 -50.21 5.87
C ASP A 578 -24.08 -50.97 5.25
N GLU A 579 -24.04 -52.30 5.38
CA GLU A 579 -25.06 -53.15 4.78
C GLU A 579 -26.16 -53.51 5.76
N GLU A 580 -26.02 -53.12 7.02
CA GLU A 580 -27.04 -53.43 8.02
C GLU A 580 -28.04 -52.29 8.18
N GLU A 581 -27.60 -51.05 8.05
CA GLU A 581 -28.50 -49.90 8.22
C GLU A 581 -29.24 -49.53 6.95
N LYS A 582 -28.93 -50.16 5.81
CA LYS A 582 -29.65 -49.83 4.58
C LYS A 582 -31.13 -50.15 4.69
N LYS A 583 -31.46 -51.29 5.29
CA LYS A 583 -32.86 -51.65 5.48
C LYS A 583 -33.56 -50.63 6.39
N LYS A 584 -32.89 -50.22 7.46
CA LYS A 584 -33.46 -49.19 8.33
C LYS A 584 -33.65 -47.88 7.58
N MET A 585 -32.68 -47.52 6.74
CA MET A 585 -32.77 -46.28 5.99
C MET A 585 -33.98 -46.29 5.06
N GLU A 586 -34.16 -47.38 4.31
CA GLU A 586 -35.30 -47.45 3.41
C GLU A 586 -36.61 -47.52 4.19
N GLU A 587 -36.62 -48.22 5.32
CA GLU A 587 -37.81 -48.28 6.15
C GLU A 587 -38.22 -46.90 6.64
N SER A 588 -37.25 -46.13 7.15
CA SER A 588 -37.55 -44.78 7.62
C SER A 588 -37.89 -43.85 6.47
N LYS A 589 -37.31 -44.09 5.28
CA LYS A 589 -37.69 -43.34 4.09
C LYS A 589 -39.16 -43.55 3.79
N ALA A 590 -39.61 -44.79 3.80
CA ALA A 590 -41.03 -45.07 3.59
C ALA A 590 -41.87 -44.45 4.69
N LYS A 591 -41.37 -44.49 5.93
CA LYS A 591 -42.11 -43.95 7.06
C LYS A 591 -42.31 -42.45 6.94
N PHE A 592 -41.31 -41.72 6.43
CA PHE A 592 -41.34 -40.27 6.45
C PHE A 592 -41.48 -39.61 5.08
N GLU A 593 -41.73 -40.37 4.02
CA GLU A 593 -42.04 -39.72 2.74
C GLU A 593 -43.22 -38.78 2.88
N ASN A 594 -44.25 -39.24 3.60
CA ASN A 594 -45.43 -38.41 3.84
C ASN A 594 -45.07 -37.12 4.56
N LEU A 595 -44.26 -37.22 5.62
CA LEU A 595 -43.91 -36.01 6.37
C LEU A 595 -43.03 -35.08 5.56
N CYS A 596 -42.11 -35.62 4.76
CA CYS A 596 -41.27 -34.79 3.91
C CYS A 596 -42.11 -34.04 2.89
N LYS A 597 -43.08 -34.72 2.28
CA LYS A 597 -43.98 -34.04 1.36
C LYS A 597 -44.83 -32.99 2.07
N LEU A 598 -45.24 -33.25 3.31
CA LEU A 598 -45.99 -32.26 4.08
C LEU A 598 -45.15 -31.01 4.32
N MET A 599 -43.88 -31.20 4.67
CA MET A 599 -42.98 -30.08 4.89
C MET A 599 -42.77 -29.29 3.61
N LYS A 600 -42.60 -30.00 2.49
CA LYS A 600 -42.29 -29.33 1.22
C LYS A 600 -43.39 -28.36 0.79
N GLU A 601 -44.62 -28.59 1.22
CA GLU A 601 -45.74 -27.75 0.79
C GLU A 601 -46.06 -26.62 1.76
N ILE A 602 -45.46 -26.59 2.95
CA ILE A 602 -45.67 -25.47 3.85
C ILE A 602 -44.55 -24.45 3.71
N LEU A 603 -43.31 -24.89 3.54
CA LEU A 603 -42.19 -23.99 3.30
C LEU A 603 -42.04 -23.74 1.79
N ASP A 604 -43.03 -23.07 1.22
CA ASP A 604 -43.04 -22.83 -0.20
C ASP A 604 -41.95 -21.83 -0.57
N LYS A 605 -41.13 -22.22 -1.55
CA LYS A 605 -40.01 -21.42 -2.10
C LYS A 605 -39.06 -20.90 -1.00
N LYS A 606 -39.09 -21.48 0.20
CA LYS A 606 -38.00 -21.29 1.15
C LYS A 606 -36.95 -22.40 1.06
N VAL A 607 -37.29 -23.52 0.44
CA VAL A 607 -36.38 -24.65 0.26
C VAL A 607 -36.56 -25.12 -1.17
N GLU A 608 -35.86 -26.18 -1.56
CA GLU A 608 -36.08 -26.81 -2.85
C GLU A 608 -36.58 -28.24 -2.77
N LYS A 609 -36.28 -28.95 -1.69
CA LYS A 609 -36.84 -30.28 -1.45
C LYS A 609 -36.52 -30.68 -0.02
N VAL A 610 -37.40 -31.50 0.56
CA VAL A 610 -37.20 -32.07 1.88
C VAL A 610 -36.93 -33.56 1.70
N THR A 611 -35.71 -33.97 2.05
CA THR A 611 -35.29 -35.36 1.88
C THR A 611 -34.92 -35.97 3.22
N ILE A 612 -34.40 -37.19 3.22
CA ILE A 612 -34.03 -37.87 4.45
C ILE A 612 -32.52 -37.71 4.63
N SER A 613 -32.10 -37.62 5.88
CA SER A 613 -30.70 -37.37 6.19
C SER A 613 -29.97 -38.66 6.56
N ASN A 614 -28.64 -38.58 6.52
CA ASN A 614 -27.81 -39.65 7.04
C ASN A 614 -26.61 -39.10 7.81
N ARG A 615 -26.68 -37.86 8.30
CA ARG A 615 -25.52 -37.19 8.87
C ARG A 615 -25.79 -36.54 10.22
N LEU A 616 -27.03 -36.53 10.69
CA LEU A 616 -27.38 -35.97 11.98
C LEU A 616 -27.59 -37.08 13.00
N VAL A 617 -27.07 -36.89 14.21
CA VAL A 617 -27.24 -37.89 15.25
C VAL A 617 -27.65 -37.24 16.58
N SER A 618 -27.46 -35.93 16.70
CA SER A 618 -27.71 -35.27 17.97
C SER A 618 -28.54 -34.00 17.86
N SER A 619 -29.16 -33.73 16.72
CA SER A 619 -29.96 -32.54 16.53
C SER A 619 -31.10 -32.82 15.57
N PRO A 620 -32.17 -32.04 15.61
CA PRO A 620 -33.22 -32.14 14.60
C PRO A 620 -32.78 -31.58 13.26
N CYS A 621 -33.71 -31.48 12.33
CA CYS A 621 -33.46 -31.18 10.92
C CYS A 621 -32.44 -30.05 10.70
N CYS A 622 -31.66 -30.16 9.63
CA CYS A 622 -30.68 -29.15 9.26
C CYS A 622 -30.87 -28.81 7.79
N ILE A 623 -30.16 -27.78 7.34
CA ILE A 623 -30.28 -27.29 5.97
C ILE A 623 -28.90 -27.30 5.32
N VAL A 624 -28.85 -27.76 4.07
CA VAL A 624 -27.62 -27.89 3.31
C VAL A 624 -27.82 -27.25 1.95
N THR A 625 -26.80 -27.35 1.10
CA THR A 625 -26.77 -26.69 -0.20
C THR A 625 -26.66 -27.74 -1.30
N SER A 626 -26.93 -27.30 -2.53
CA SER A 626 -27.02 -28.20 -3.69
C SER A 626 -25.63 -28.66 -4.10
N THR A 627 -25.56 -29.36 -5.24
CA THR A 627 -24.31 -29.92 -5.73
C THR A 627 -23.61 -29.05 -6.75
N TYR A 628 -24.34 -28.28 -7.56
CA TYR A 628 -23.71 -27.39 -8.52
C TYR A 628 -24.08 -25.94 -8.25
N GLY A 629 -24.06 -25.56 -6.97
CA GLY A 629 -24.28 -24.18 -6.59
C GLY A 629 -23.24 -23.73 -5.59
N TRP A 630 -23.27 -22.44 -5.29
CA TRP A 630 -22.32 -21.88 -4.33
C TRP A 630 -22.51 -22.52 -2.96
N THR A 631 -21.39 -22.81 -2.31
CA THR A 631 -21.42 -23.26 -0.92
C THR A 631 -22.03 -22.16 -0.05
N ALA A 632 -22.75 -22.57 0.99
CA ALA A 632 -23.44 -21.62 1.85
C ALA A 632 -22.50 -20.56 2.41
N ASN A 633 -21.23 -20.91 2.61
CA ASN A 633 -20.24 -19.92 3.02
C ASN A 633 -19.72 -19.12 1.85
N MET A 634 -19.66 -19.72 0.66
CA MET A 634 -19.29 -18.97 -0.53
C MET A 634 -20.31 -17.91 -0.85
N GLU A 635 -21.59 -18.14 -0.54
CA GLU A 635 -22.57 -17.08 -0.70
C GLU A 635 -22.28 -15.90 0.20
N ARG A 636 -21.96 -16.17 1.46
CA ARG A 636 -21.59 -15.10 2.39
C ARG A 636 -20.39 -14.32 1.89
N ILE A 637 -19.38 -15.02 1.37
CA ILE A 637 -18.20 -14.33 0.89
C ILE A 637 -18.50 -13.55 -0.39
N MET A 638 -19.32 -14.11 -1.28
CA MET A 638 -19.61 -13.45 -2.53
C MET A 638 -20.53 -12.26 -2.35
N LYS A 639 -21.25 -12.19 -1.23
CA LYS A 639 -22.04 -11.02 -0.88
C LYS A 639 -21.24 -9.98 -0.14
N ALA A 640 -19.91 -9.97 -0.31
CA ALA A 640 -19.06 -8.98 0.34
C ALA A 640 -18.09 -8.31 -0.60
N GLN A 641 -17.87 -8.84 -1.81
CA GLN A 641 -17.07 -8.16 -2.81
C GLN A 641 -17.72 -6.83 -3.15
N ALA A 642 -17.07 -5.72 -2.79
CA ALA A 642 -17.68 -4.42 -3.00
C ALA A 642 -17.90 -4.13 -4.48
N LEU A 643 -16.92 -4.47 -5.31
CA LEU A 643 -16.93 -4.05 -6.70
C LEU A 643 -17.65 -5.02 -7.61
N ARG A 644 -18.26 -6.08 -7.08
CA ARG A 644 -18.81 -7.13 -7.93
C ARG A 644 -20.17 -6.75 -8.49
N ASP A 645 -20.42 -7.22 -9.71
CA ASP A 645 -21.71 -7.01 -10.35
C ASP A 645 -22.79 -7.85 -9.68
N ASN A 646 -23.96 -7.25 -9.51
CA ASN A 646 -25.07 -7.89 -8.81
C ASN A 646 -25.98 -8.70 -9.74
N SER A 647 -25.96 -8.42 -11.04
CA SER A 647 -27.00 -8.93 -11.93
C SER A 647 -27.04 -10.46 -11.94
N THR A 648 -25.88 -11.09 -11.96
CA THR A 648 -25.80 -12.55 -12.07
C THR A 648 -25.97 -13.26 -10.74
N MET A 649 -26.55 -12.59 -9.74
CA MET A 649 -26.71 -13.17 -8.42
C MET A 649 -27.68 -14.34 -8.39
N GLY A 650 -28.74 -14.31 -9.19
CA GLY A 650 -29.72 -15.37 -9.16
C GLY A 650 -29.32 -16.53 -10.04
N TYR A 651 -28.20 -16.37 -10.76
CA TYR A 651 -27.68 -17.42 -11.61
C TYR A 651 -26.91 -18.46 -10.80
N MET A 652 -25.89 -18.03 -10.08
CA MET A 652 -25.08 -18.90 -9.25
C MET A 652 -25.68 -19.09 -7.86
N MET A 653 -26.83 -18.46 -7.59
CA MET A 653 -27.53 -18.53 -6.31
C MET A 653 -27.63 -19.96 -5.79
N ALA A 654 -27.57 -20.11 -4.47
CA ALA A 654 -27.63 -21.42 -3.84
C ALA A 654 -28.97 -22.10 -4.07
N LYS A 655 -29.01 -23.42 -3.92
CA LYS A 655 -30.23 -24.19 -4.10
C LYS A 655 -30.36 -25.07 -2.86
N LYS A 656 -31.08 -24.57 -1.86
CA LYS A 656 -31.04 -25.12 -0.52
C LYS A 656 -31.82 -26.44 -0.44
N HIS A 657 -31.48 -27.24 0.58
CA HIS A 657 -32.10 -28.52 0.81
C HIS A 657 -32.33 -28.71 2.30
N LEU A 658 -33.47 -29.29 2.66
CA LEU A 658 -33.79 -29.57 4.06
C LEU A 658 -33.82 -31.08 4.25
N GLU A 659 -33.06 -31.57 5.22
CA GLU A 659 -32.97 -32.99 5.50
C GLU A 659 -33.66 -33.31 6.83
N ILE A 660 -33.84 -34.60 7.10
CA ILE A 660 -34.65 -35.04 8.24
C ILE A 660 -33.83 -35.92 9.15
N ASN A 661 -33.83 -35.58 10.44
CA ASN A 661 -33.35 -36.45 11.51
C ASN A 661 -34.48 -37.38 11.90
N PRO A 662 -34.32 -38.73 11.72
CA PRO A 662 -35.45 -39.56 12.20
C PRO A 662 -35.26 -40.06 13.62
N ASP A 663 -34.34 -39.49 14.40
CA ASP A 663 -34.04 -39.98 15.74
C ASP A 663 -34.25 -38.97 16.85
N HIS A 664 -34.40 -37.71 16.54
CA HIS A 664 -34.73 -36.74 17.58
C HIS A 664 -36.23 -36.79 17.85
N PRO A 665 -36.67 -36.56 19.09
CA PRO A 665 -38.11 -36.65 19.39
C PRO A 665 -38.96 -35.63 18.64
N ILE A 666 -38.37 -34.56 18.13
CA ILE A 666 -39.12 -33.59 17.32
C ILE A 666 -39.77 -34.27 16.13
N VAL A 667 -39.01 -35.03 15.36
CA VAL A 667 -39.57 -35.64 14.16
C VAL A 667 -40.66 -36.63 14.54
N GLU A 668 -40.49 -37.32 15.67
CA GLU A 668 -41.48 -38.32 16.07
C GLU A 668 -42.80 -37.66 16.41
N THR A 669 -42.77 -36.64 17.27
CA THR A 669 -44.02 -35.98 17.61
C THR A 669 -44.58 -35.25 16.39
N LEU A 670 -43.70 -34.76 15.51
CA LEU A 670 -44.15 -34.06 14.32
C LEU A 670 -44.95 -34.97 13.41
N ARG A 671 -44.42 -36.16 13.12
CA ARG A 671 -45.17 -37.11 12.29
C ARG A 671 -46.43 -37.57 13.02
N GLN A 672 -46.36 -37.73 14.34
CA GLN A 672 -47.53 -38.21 15.07
C GLN A 672 -48.67 -37.20 15.02
N LYS A 673 -48.36 -35.92 15.17
CA LYS A 673 -49.37 -34.89 14.99
C LYS A 673 -49.83 -34.80 13.54
N ALA A 674 -48.92 -34.98 12.59
CA ALA A 674 -49.27 -34.83 11.19
C ALA A 674 -50.26 -35.90 10.74
N GLU A 675 -50.04 -37.14 11.17
CA GLU A 675 -50.87 -38.23 10.66
C GLU A 675 -52.33 -38.04 11.06
N ALA A 676 -52.58 -37.57 12.28
CA ALA A 676 -53.93 -37.32 12.73
C ALA A 676 -54.50 -36.00 12.23
N ASP A 677 -53.66 -35.11 11.67
CA ASP A 677 -54.14 -33.81 11.21
C ASP A 677 -53.13 -33.25 10.21
N LYS A 678 -53.58 -33.01 8.99
CA LYS A 678 -52.77 -32.37 7.95
C LYS A 678 -52.98 -30.86 7.89
N ASN A 679 -53.79 -30.30 8.78
CA ASN A 679 -54.17 -28.89 8.69
C ASN A 679 -53.94 -28.14 10.01
N ASP A 680 -53.21 -28.72 10.94
CA ASP A 680 -53.01 -28.07 12.24
C ASP A 680 -52.21 -26.78 12.09
N LYS A 681 -52.41 -25.88 13.05
CA LYS A 681 -51.61 -24.67 13.13
C LYS A 681 -50.28 -24.91 13.85
N ALA A 682 -50.29 -25.73 14.90
CA ALA A 682 -49.07 -25.99 15.65
C ALA A 682 -48.02 -26.67 14.78
N VAL A 683 -48.45 -27.60 13.93
CA VAL A 683 -47.50 -28.29 13.06
C VAL A 683 -46.85 -27.31 12.08
N LYS A 684 -47.64 -26.43 11.48
CA LYS A 684 -47.09 -25.48 10.52
C LYS A 684 -46.17 -24.49 11.21
N ASP A 685 -46.59 -23.98 12.38
CA ASP A 685 -45.76 -23.04 13.10
C ASP A 685 -44.43 -23.68 13.51
N LEU A 686 -44.48 -24.92 13.99
CA LEU A 686 -43.26 -25.55 14.47
C LEU A 686 -42.33 -25.91 13.31
N VAL A 687 -42.88 -26.32 12.17
CA VAL A 687 -41.99 -26.63 11.06
C VAL A 687 -41.36 -25.37 10.50
N VAL A 688 -42.11 -24.26 10.45
CA VAL A 688 -41.52 -22.99 10.04
C VAL A 688 -40.42 -22.58 11.02
N LEU A 689 -40.68 -22.74 12.32
CA LEU A 689 -39.70 -22.37 13.33
C LEU A 689 -38.44 -23.23 13.23
N LEU A 690 -38.60 -24.54 13.00
CA LEU A 690 -37.43 -25.40 12.84
C LEU A 690 -36.62 -25.01 11.62
N PHE A 691 -37.28 -24.72 10.50
CA PHE A 691 -36.55 -24.28 9.32
C PHE A 691 -35.77 -23.01 9.63
N GLU A 692 -36.42 -22.05 10.26
CA GLU A 692 -35.80 -20.75 10.46
C GLU A 692 -34.76 -20.76 11.56
N THR A 693 -34.76 -21.78 12.42
CA THR A 693 -33.71 -21.89 13.43
C THR A 693 -32.56 -22.78 12.97
N ALA A 694 -32.79 -23.69 12.04
CA ALA A 694 -31.69 -24.42 11.44
C ALA A 694 -31.02 -23.62 10.33
N LEU A 695 -31.69 -22.58 9.83
CA LEU A 695 -31.06 -21.72 8.85
C LEU A 695 -29.89 -20.95 9.44
N LEU A 696 -30.00 -20.52 10.70
CA LEU A 696 -28.88 -19.86 11.36
C LEU A 696 -27.76 -20.85 11.68
N SER A 697 -28.12 -22.07 12.05
CA SER A 697 -27.10 -23.05 12.42
C SER A 697 -26.19 -23.37 11.23
N SER A 698 -26.72 -23.31 10.02
CA SER A 698 -25.90 -23.50 8.83
C SER A 698 -25.19 -22.19 8.50
N GLY A 699 -24.55 -22.14 7.33
CA GLY A 699 -23.89 -20.94 6.89
C GLY A 699 -24.78 -20.04 6.05
N PHE A 700 -25.91 -19.60 6.61
CA PHE A 700 -26.87 -18.79 5.89
C PHE A 700 -27.27 -17.59 6.74
N SER A 701 -27.88 -16.61 6.08
CA SER A 701 -28.35 -15.40 6.76
C SER A 701 -29.83 -15.22 6.49
N LEU A 702 -30.60 -15.06 7.57
CA LEU A 702 -32.04 -14.92 7.45
C LEU A 702 -32.43 -13.64 6.73
N GLU A 703 -33.38 -13.77 5.81
CA GLU A 703 -34.14 -12.63 5.35
C GLU A 703 -35.11 -12.23 6.46
N ASP A 704 -35.56 -10.97 6.41
CA ASP A 704 -36.46 -10.31 7.36
C ASP A 704 -36.32 -10.87 8.77
N PRO A 705 -35.16 -10.71 9.40
CA PRO A 705 -34.93 -11.35 10.71
C PRO A 705 -35.90 -10.92 11.79
N GLN A 706 -36.59 -9.80 11.59
CA GLN A 706 -37.51 -9.33 12.62
C GLN A 706 -38.67 -10.28 12.84
N THR A 707 -39.09 -11.03 11.81
CA THR A 707 -40.16 -11.98 12.03
C THR A 707 -39.70 -13.18 12.85
N HIS A 708 -38.46 -13.63 12.65
CA HIS A 708 -37.89 -14.68 13.50
C HIS A 708 -37.79 -14.19 14.94
N SER A 709 -37.28 -12.97 15.12
CA SER A 709 -37.23 -12.39 16.45
C SER A 709 -38.63 -12.26 17.05
N ASN A 710 -39.64 -11.98 16.23
CA ASN A 710 -41.00 -11.82 16.73
C ASN A 710 -41.59 -13.16 17.11
N ARG A 711 -41.26 -14.22 16.38
CA ARG A 711 -41.69 -15.56 16.77
C ARG A 711 -41.14 -15.91 18.13
N ILE A 712 -39.84 -15.68 18.33
CA ILE A 712 -39.26 -15.96 19.63
C ILE A 712 -39.82 -15.01 20.69
N TYR A 713 -40.20 -13.80 20.30
CA TYR A 713 -40.81 -12.87 21.24
C TYR A 713 -42.17 -13.37 21.72
N ARG A 714 -43.03 -13.81 20.81
CA ARG A 714 -44.30 -14.36 21.24
C ARG A 714 -44.05 -15.60 22.09
N MET A 715 -43.01 -16.36 21.77
CA MET A 715 -42.63 -17.51 22.59
C MET A 715 -42.30 -17.10 24.02
N ILE A 716 -41.43 -16.10 24.19
CA ILE A 716 -41.03 -15.68 25.53
C ILE A 716 -42.21 -15.09 26.27
N LYS A 717 -43.08 -14.36 25.57
CA LYS A 717 -44.25 -13.77 26.21
C LYS A 717 -45.16 -14.85 26.77
N LEU A 718 -45.48 -15.85 25.94
CA LEU A 718 -46.28 -16.95 26.46
C LEU A 718 -45.53 -17.71 27.54
N GLY A 719 -44.20 -17.74 27.47
CA GLY A 719 -43.43 -18.38 28.51
C GLY A 719 -43.58 -17.71 29.85
N LEU A 720 -43.77 -16.39 29.84
CA LEU A 720 -44.08 -15.65 31.05
C LEU A 720 -45.57 -15.42 31.23
N GLY A 721 -46.40 -15.95 30.33
CA GLY A 721 -47.84 -15.91 30.51
C GLY A 721 -48.48 -14.54 30.36
N ILE A 722 -48.46 -13.99 29.15
CA ILE A 722 -49.14 -12.73 28.87
C ILE A 722 -49.97 -12.84 27.60
N GLU B 43 51.28 27.23 -24.49
CA GLU B 43 50.73 26.69 -25.74
C GLU B 43 49.34 26.11 -25.55
N VAL B 44 48.54 26.17 -26.61
CA VAL B 44 47.20 25.61 -26.63
C VAL B 44 47.02 24.87 -27.94
N GLU B 45 46.09 23.91 -27.95
CA GLU B 45 45.80 23.14 -29.16
C GLU B 45 44.32 22.83 -29.22
N THR B 46 43.65 23.36 -30.23
CA THR B 46 42.22 23.16 -30.43
C THR B 46 42.02 22.17 -31.58
N PHE B 47 41.17 21.18 -31.36
CA PHE B 47 40.86 20.18 -32.36
C PHE B 47 39.37 20.21 -32.67
N ALA B 48 39.01 19.69 -33.83
CA ALA B 48 37.62 19.62 -34.23
C ALA B 48 36.95 18.46 -33.51
N PHE B 49 35.92 18.75 -32.74
CA PHE B 49 35.29 17.72 -31.93
C PHE B 49 34.57 16.73 -32.85
N GLN B 50 34.90 15.45 -32.73
CA GLN B 50 34.53 14.49 -33.77
C GLN B 50 33.62 13.38 -33.29
N ALA B 51 33.32 12.43 -34.17
CA ALA B 51 32.55 11.23 -33.87
C ALA B 51 32.69 10.26 -35.03
N GLU B 52 32.95 8.99 -34.75
CA GLU B 52 33.09 8.03 -35.84
C GLU B 52 31.73 7.41 -36.11
N ILE B 53 31.63 6.75 -37.26
CA ILE B 53 30.33 6.43 -37.83
C ILE B 53 29.93 4.99 -37.55
N ALA B 54 30.88 4.05 -37.56
CA ALA B 54 30.51 2.65 -37.43
C ALA B 54 29.85 2.37 -36.07
N GLN B 55 30.46 2.85 -34.99
CA GLN B 55 29.89 2.62 -33.67
C GLN B 55 28.57 3.37 -33.50
N LEU B 56 28.45 4.57 -34.06
CA LEU B 56 27.21 5.32 -33.95
C LEU B 56 26.08 4.62 -34.68
N MET B 57 26.35 4.09 -35.87
CA MET B 57 25.35 3.32 -36.60
C MET B 57 24.98 2.06 -35.83
N SER B 58 25.97 1.41 -35.21
CA SER B 58 25.66 0.24 -34.39
C SER B 58 24.79 0.60 -33.20
N LEU B 59 25.04 1.76 -32.59
CA LEU B 59 24.17 2.25 -31.52
C LEU B 59 22.75 2.42 -32.03
N ILE B 60 22.59 3.09 -33.17
CA ILE B 60 21.25 3.36 -33.69
C ILE B 60 20.52 2.05 -33.98
N ILE B 61 21.20 1.10 -34.63
CA ILE B 61 20.55 -0.14 -35.03
C ILE B 61 20.27 -1.02 -33.81
N ASN B 62 21.16 -1.04 -32.84
CA ASN B 62 21.13 -2.07 -31.81
C ASN B 62 20.51 -1.65 -30.49
N THR B 63 20.70 -0.41 -30.04
CA THR B 63 20.28 -0.05 -28.69
C THR B 63 19.19 1.02 -28.62
N PHE B 64 18.84 1.67 -29.72
CA PHE B 64 17.77 2.66 -29.65
C PHE B 64 16.40 2.01 -29.62
N TYR B 65 16.09 1.20 -30.61
CA TYR B 65 14.73 0.70 -30.83
C TYR B 65 14.63 -0.76 -30.37
N SER B 66 13.62 -1.04 -29.55
CA SER B 66 13.38 -2.38 -29.05
C SER B 66 12.34 -3.14 -29.87
N ASN B 67 11.53 -2.46 -30.65
CA ASN B 67 10.53 -3.08 -31.50
C ASN B 67 10.97 -2.98 -32.96
N LYS B 68 10.85 -4.08 -33.70
CA LYS B 68 11.16 -4.07 -35.12
C LYS B 68 10.00 -3.58 -35.98
N GLU B 69 8.85 -3.27 -35.38
CA GLU B 69 7.69 -2.89 -36.16
C GLU B 69 7.58 -1.38 -36.39
N ILE B 70 8.38 -0.58 -35.68
CA ILE B 70 8.20 0.87 -35.70
C ILE B 70 8.93 1.50 -36.88
N PHE B 71 9.63 0.68 -37.65
CA PHE B 71 10.17 1.17 -38.92
C PHE B 71 9.04 1.72 -39.80
N LEU B 72 7.89 1.05 -39.80
CA LEU B 72 6.78 1.50 -40.61
C LEU B 72 6.25 2.83 -40.10
N ARG B 73 6.17 2.98 -38.78
CA ARG B 73 5.81 4.26 -38.18
C ARG B 73 6.74 5.37 -38.60
N GLU B 74 8.04 5.09 -38.71
CA GLU B 74 8.99 6.12 -39.10
C GLU B 74 8.87 6.50 -40.57
N LEU B 75 8.79 5.51 -41.46
CA LEU B 75 8.67 5.81 -42.89
C LEU B 75 7.36 6.51 -43.21
N ILE B 76 6.26 6.11 -42.57
CA ILE B 76 4.97 6.76 -42.82
C ILE B 76 5.01 8.21 -42.38
N SER B 77 5.63 8.48 -41.23
CA SER B 77 5.77 9.86 -40.77
C SER B 77 6.60 10.69 -41.75
N ASN B 78 7.70 10.11 -42.24
CA ASN B 78 8.51 10.81 -43.23
C ASN B 78 7.71 11.14 -44.48
N ALA B 79 6.91 10.18 -44.95
CA ALA B 79 6.10 10.42 -46.13
C ALA B 79 5.05 11.50 -45.90
N SER B 80 4.44 11.50 -44.71
CA SER B 80 3.45 12.54 -44.41
C SER B 80 4.10 13.92 -44.40
N ASP B 81 5.31 14.03 -43.84
CA ASP B 81 6.00 15.31 -43.88
C ASP B 81 6.34 15.72 -45.31
N ALA B 82 6.80 14.76 -46.13
CA ALA B 82 7.07 15.08 -47.52
C ALA B 82 5.83 15.55 -48.26
N LEU B 83 4.66 15.04 -47.90
CA LEU B 83 3.42 15.52 -48.50
C LEU B 83 3.06 16.92 -48.00
N ASP B 84 3.27 17.18 -46.71
CA ASP B 84 2.98 18.51 -46.16
C ASP B 84 3.82 19.57 -46.85
N LYS B 85 5.08 19.25 -47.17
CA LYS B 85 5.94 20.22 -47.83
C LYS B 85 5.39 20.59 -49.21
N ILE B 86 5.00 19.59 -50.00
CA ILE B 86 4.49 19.85 -51.34
C ILE B 86 3.13 20.52 -51.32
N ARG B 87 2.34 20.33 -50.27
CA ARG B 87 1.13 21.12 -50.17
C ARG B 87 1.45 22.58 -49.87
N TYR B 88 2.30 22.82 -48.87
CA TYR B 88 2.60 24.19 -48.45
C TYR B 88 3.23 24.99 -49.59
N GLU B 89 4.16 24.37 -50.32
CA GLU B 89 4.72 25.09 -51.47
C GLU B 89 3.70 25.28 -52.58
N SER B 90 2.59 24.57 -52.55
CA SER B 90 1.56 24.74 -53.57
C SER B 90 0.50 25.76 -53.19
N LEU B 91 0.35 26.11 -51.90
CA LEU B 91 -0.60 27.18 -51.57
C LEU B 91 -0.21 28.49 -52.21
N THR B 92 1.06 28.88 -52.15
CA THR B 92 1.50 30.18 -52.66
C THR B 92 2.11 30.09 -54.05
N ASP B 93 1.99 28.94 -54.70
CA ASP B 93 2.48 28.77 -56.06
C ASP B 93 1.77 27.56 -56.67
N PRO B 94 0.62 27.76 -57.32
CA PRO B 94 -0.15 26.62 -57.83
C PRO B 94 0.57 25.78 -58.86
N SER B 95 1.69 26.25 -59.42
CA SER B 95 2.37 25.52 -60.48
C SER B 95 3.18 24.33 -59.97
N LYS B 96 3.46 24.28 -58.67
CA LYS B 96 4.30 23.20 -58.15
C LYS B 96 3.66 21.83 -58.36
N LEU B 97 2.33 21.78 -58.41
CA LEU B 97 1.63 20.52 -58.59
C LEU B 97 1.35 20.21 -60.04
N ASP B 98 2.02 20.88 -60.98
CA ASP B 98 1.83 20.61 -62.40
C ASP B 98 2.37 19.25 -62.82
N SER B 99 3.15 18.59 -61.97
CA SER B 99 3.66 17.26 -62.26
C SER B 99 2.85 16.15 -61.60
N GLY B 100 2.09 16.48 -60.56
CA GLY B 100 1.23 15.53 -59.88
C GLY B 100 0.26 16.27 -58.99
N LYS B 101 -0.99 15.81 -58.92
CA LYS B 101 -2.02 16.56 -58.23
C LYS B 101 -2.51 15.92 -56.94
N GLU B 102 -2.54 14.59 -56.87
CA GLU B 102 -3.02 13.88 -55.69
C GLU B 102 -1.89 13.69 -54.70
N LEU B 103 -2.21 13.83 -53.42
CA LEU B 103 -1.24 13.70 -52.34
C LEU B 103 -1.58 12.44 -51.56
N LYS B 104 -0.95 11.33 -51.91
CA LYS B 104 -1.31 10.03 -51.36
C LYS B 104 -0.05 9.27 -50.96
N ILE B 105 -0.26 8.11 -50.33
CA ILE B 105 0.81 7.20 -49.94
C ILE B 105 0.35 5.78 -50.29
N ASP B 106 1.26 5.00 -50.85
CA ASP B 106 0.99 3.60 -51.15
C ASP B 106 1.99 2.71 -50.42
N ILE B 107 1.60 1.46 -50.21
CA ILE B 107 2.48 0.41 -49.72
C ILE B 107 2.36 -0.77 -50.68
N ILE B 108 3.48 -1.31 -51.12
CA ILE B 108 3.47 -2.38 -52.11
C ILE B 108 4.24 -3.58 -51.56
N PRO B 109 3.65 -4.36 -50.67
CA PRO B 109 4.29 -5.61 -50.26
C PRO B 109 4.45 -6.55 -51.44
N ASN B 110 5.57 -7.27 -51.45
CA ASN B 110 5.95 -8.11 -52.58
C ASN B 110 6.64 -9.36 -52.07
N PRO B 111 5.88 -10.43 -51.84
CA PRO B 111 6.50 -11.65 -51.32
C PRO B 111 7.24 -12.47 -52.37
N GLN B 112 7.02 -12.22 -53.66
CA GLN B 112 7.76 -12.96 -54.69
C GLN B 112 9.24 -12.66 -54.61
N GLU B 113 9.61 -11.40 -54.38
CA GLU B 113 10.98 -11.04 -54.01
C GLU B 113 10.88 -10.11 -52.81
N ARG B 114 11.54 -10.48 -51.71
CA ARG B 114 11.21 -9.90 -50.42
C ARG B 114 11.67 -8.44 -50.33
N THR B 115 11.00 -7.56 -51.06
CA THR B 115 11.27 -6.13 -51.04
C THR B 115 9.98 -5.39 -50.72
N LEU B 116 9.83 -4.93 -49.48
CA LEU B 116 8.73 -4.05 -49.15
C LEU B 116 8.99 -2.67 -49.73
N THR B 117 7.99 -2.12 -50.41
CA THR B 117 8.11 -0.86 -51.10
C THR B 117 7.11 0.15 -50.56
N LEU B 118 7.59 1.38 -50.37
CA LEU B 118 6.77 2.48 -49.89
C LEU B 118 6.99 3.67 -50.82
N VAL B 119 5.91 4.24 -51.35
CA VAL B 119 5.98 5.34 -52.30
C VAL B 119 5.11 6.47 -51.78
N ASP B 120 5.35 7.68 -52.30
CA ASP B 120 4.52 8.83 -51.99
C ASP B 120 4.69 9.88 -53.08
N THR B 121 3.84 10.89 -53.05
CA THR B 121 3.86 11.99 -54.01
C THR B 121 4.15 13.31 -53.31
N GLY B 122 5.12 13.31 -52.41
CA GLY B 122 5.46 14.50 -51.65
C GLY B 122 6.35 15.47 -52.41
N ILE B 123 7.37 16.00 -51.75
CA ILE B 123 8.22 17.01 -52.35
C ILE B 123 9.44 16.39 -53.02
N GLY B 124 10.03 15.36 -52.43
CA GLY B 124 11.20 14.74 -53.00
C GLY B 124 12.50 15.38 -52.55
N MET B 125 13.60 14.88 -53.11
CA MET B 125 14.93 15.35 -52.78
C MET B 125 15.73 15.58 -54.05
N THR B 126 16.69 16.49 -53.97
CA THR B 126 17.68 16.64 -55.02
C THR B 126 18.93 15.84 -54.64
N LYS B 127 19.91 15.81 -55.53
CA LYS B 127 21.14 15.08 -55.25
C LYS B 127 21.87 15.67 -54.05
N ALA B 128 21.97 17.00 -54.01
CA ALA B 128 22.55 17.66 -52.84
C ALA B 128 21.76 17.33 -51.59
N ASP B 129 20.43 17.31 -51.70
CA ASP B 129 19.60 16.92 -50.58
C ASP B 129 19.86 15.47 -50.18
N LEU B 130 20.04 14.58 -51.16
CA LEU B 130 20.35 13.19 -50.83
C LEU B 130 21.63 13.09 -50.02
N ILE B 131 22.69 13.77 -50.46
CA ILE B 131 23.96 13.69 -49.76
C ILE B 131 23.88 14.34 -48.39
N ASN B 132 23.19 15.46 -48.28
CA ASN B 132 23.26 16.28 -47.09
C ASN B 132 22.13 16.01 -46.10
N ASN B 133 21.18 15.15 -46.43
CA ASN B 133 20.02 14.89 -45.59
C ASN B 133 19.92 13.44 -45.15
N LEU B 134 20.04 12.50 -46.08
CA LEU B 134 20.01 11.09 -45.71
C LEU B 134 21.36 10.62 -45.21
N GLY B 135 22.42 10.91 -45.96
CA GLY B 135 23.75 10.48 -45.58
C GLY B 135 24.39 11.32 -44.49
N THR B 136 23.63 11.64 -43.45
CA THR B 136 24.16 12.28 -42.26
C THR B 136 23.28 11.87 -41.09
N ILE B 137 23.91 11.47 -39.99
CA ILE B 137 23.19 10.76 -38.94
C ILE B 137 22.13 11.65 -38.30
N ALA B 138 22.50 12.85 -37.87
CA ALA B 138 21.59 13.69 -37.09
C ALA B 138 21.16 14.93 -37.87
N LYS B 139 21.13 14.84 -39.19
CA LYS B 139 20.67 15.94 -40.03
C LYS B 139 19.19 15.74 -40.35
N SER B 140 18.36 16.67 -39.91
CA SER B 140 16.93 16.62 -40.16
C SER B 140 16.59 17.66 -41.23
N GLY B 141 16.10 17.20 -42.39
CA GLY B 141 15.61 18.15 -43.37
C GLY B 141 14.35 18.86 -42.92
N THR B 142 13.48 18.13 -42.22
CA THR B 142 12.22 18.69 -41.78
C THR B 142 12.41 19.84 -40.81
N LYS B 143 13.35 19.70 -39.87
CA LYS B 143 13.57 20.76 -38.90
C LYS B 143 14.14 22.02 -39.54
N ALA B 144 14.94 21.86 -40.59
CA ALA B 144 15.41 23.03 -41.33
C ALA B 144 14.30 23.67 -42.15
N PHE B 145 13.39 22.86 -42.67
CA PHE B 145 12.23 23.42 -43.36
C PHE B 145 11.33 24.18 -42.40
N MET B 146 11.17 23.67 -41.18
CA MET B 146 10.26 24.29 -40.21
C MET B 146 10.74 25.69 -39.83
N GLU B 147 12.02 25.82 -39.48
CA GLU B 147 12.53 27.10 -38.98
C GLU B 147 12.61 28.16 -40.05
N ALA B 148 12.41 27.82 -41.32
CA ALA B 148 12.44 28.76 -42.42
C ALA B 148 11.04 29.03 -42.98
N LEU B 149 10.04 29.07 -42.11
CA LEU B 149 8.69 29.38 -42.54
C LEU B 149 8.43 30.88 -42.34
N GLN B 150 7.94 31.52 -43.40
CA GLN B 150 7.87 32.98 -43.44
C GLN B 150 6.91 33.58 -42.42
N ALA B 151 6.01 32.79 -41.85
CA ALA B 151 5.08 33.29 -40.84
C ALA B 151 4.59 32.10 -40.02
N GLY B 152 3.54 32.33 -39.22
CA GLY B 152 2.91 31.25 -38.49
C GLY B 152 1.94 30.48 -39.36
N ALA B 153 2.47 29.65 -40.25
CA ALA B 153 1.67 28.96 -41.26
C ALA B 153 0.97 27.76 -40.63
N ASP B 154 0.17 27.06 -41.44
CA ASP B 154 -0.59 25.91 -40.96
C ASP B 154 0.14 24.61 -41.26
N ILE B 155 1.38 24.48 -40.77
CA ILE B 155 2.18 23.28 -40.96
C ILE B 155 2.58 22.74 -39.60
N SER B 156 2.42 21.44 -39.41
CA SER B 156 2.87 20.76 -38.19
C SER B 156 3.46 19.43 -38.58
N MET B 157 4.79 19.35 -38.61
CA MET B 157 5.51 18.18 -39.08
C MET B 157 5.97 17.32 -37.91
N ILE B 158 6.37 16.09 -38.22
CA ILE B 158 6.62 15.07 -37.22
C ILE B 158 8.10 14.98 -36.88
N GLY B 159 8.91 14.63 -37.87
CA GLY B 159 10.31 14.34 -37.65
C GLY B 159 11.09 15.56 -37.18
N GLN B 160 11.87 15.36 -36.11
CA GLN B 160 12.79 16.40 -35.62
C GLN B 160 14.18 15.90 -35.28
N PHE B 161 14.37 14.61 -34.98
CA PHE B 161 15.66 14.16 -34.46
C PHE B 161 16.70 14.03 -35.56
N GLY B 162 16.30 13.57 -36.73
CA GLY B 162 17.19 13.31 -37.84
C GLY B 162 17.67 11.87 -37.91
N VAL B 163 17.55 11.15 -36.81
CA VAL B 163 17.66 9.70 -36.83
C VAL B 163 16.25 9.15 -36.81
N GLY B 164 16.09 7.94 -37.32
CA GLY B 164 14.77 7.35 -37.38
C GLY B 164 14.52 6.78 -38.76
N PHE B 165 15.04 7.45 -39.78
CA PHE B 165 15.08 6.83 -41.09
C PHE B 165 15.97 5.59 -41.09
N TYR B 166 16.99 5.59 -40.24
CA TYR B 166 17.91 4.46 -40.15
C TYR B 166 17.28 3.24 -39.50
N SER B 167 16.06 3.38 -38.96
CA SER B 167 15.35 2.23 -38.44
C SER B 167 15.01 1.23 -39.53
N ALA B 168 15.09 1.63 -40.80
CA ALA B 168 14.86 0.70 -41.90
C ALA B 168 15.85 -0.46 -41.88
N TYR B 169 17.01 -0.29 -41.25
CA TYR B 169 17.98 -1.36 -41.16
C TYR B 169 17.67 -2.36 -40.04
N LEU B 170 16.66 -2.08 -39.22
CA LEU B 170 16.22 -3.07 -38.25
C LEU B 170 15.62 -4.30 -38.91
N VAL B 171 15.11 -4.17 -40.14
CA VAL B 171 14.38 -5.25 -40.78
C VAL B 171 14.91 -5.51 -42.18
N ALA B 172 15.71 -4.61 -42.72
CA ALA B 172 16.18 -4.73 -44.09
C ALA B 172 17.70 -4.80 -44.14
N GLU B 173 18.21 -5.68 -45.01
CA GLU B 173 19.63 -5.77 -45.25
C GLU B 173 20.13 -4.62 -46.10
N LYS B 174 19.40 -4.26 -47.15
CA LYS B 174 19.78 -3.21 -48.08
C LYS B 174 18.59 -2.32 -48.35
N VAL B 175 18.83 -1.01 -48.38
CA VAL B 175 17.78 -0.01 -48.56
C VAL B 175 18.14 0.84 -49.77
N VAL B 176 17.20 0.98 -50.70
CA VAL B 176 17.37 1.85 -51.85
C VAL B 176 16.28 2.91 -51.83
N VAL B 177 16.60 4.07 -52.38
CA VAL B 177 15.68 5.21 -52.41
C VAL B 177 15.72 5.81 -53.81
N ILE B 178 14.63 5.70 -54.54
CA ILE B 178 14.49 6.32 -55.85
C ILE B 178 13.59 7.55 -55.69
N THR B 179 14.16 8.73 -55.94
CA THR B 179 13.47 9.99 -55.69
C THR B 179 13.61 10.93 -56.87
N LYS B 180 12.63 11.83 -56.99
CA LYS B 180 12.71 12.93 -57.95
C LYS B 180 12.14 14.20 -57.33
N HIS B 181 12.87 15.29 -57.47
CA HIS B 181 12.46 16.60 -57.01
C HIS B 181 12.19 17.47 -58.24
N ASN B 182 11.31 18.46 -58.08
CA ASN B 182 10.87 19.24 -59.24
C ASN B 182 11.98 20.04 -59.89
N ASP B 183 13.11 20.22 -59.21
CA ASP B 183 14.17 21.08 -59.70
C ASP B 183 15.32 20.33 -60.39
N ASP B 184 15.29 19.01 -60.42
CA ASP B 184 16.39 18.26 -61.00
C ASP B 184 15.89 16.89 -61.43
N GLU B 185 16.81 15.99 -61.74
CA GLU B 185 16.50 14.71 -62.34
C GLU B 185 16.37 13.61 -61.27
N GLN B 186 15.62 12.57 -61.62
CA GLN B 186 15.42 11.46 -60.71
C GLN B 186 16.75 10.78 -60.39
N TYR B 187 16.90 10.38 -59.12
CA TYR B 187 18.16 9.85 -58.62
C TYR B 187 17.90 8.61 -57.79
N ALA B 188 18.93 7.79 -57.66
CA ALA B 188 18.89 6.57 -56.85
C ALA B 188 19.86 6.70 -55.68
N TRP B 189 19.59 5.95 -54.63
CA TRP B 189 20.40 5.98 -53.42
C TRP B 189 20.43 4.57 -52.83
N GLU B 190 21.61 4.13 -52.41
CA GLU B 190 21.80 2.76 -51.95
C GLU B 190 22.80 2.73 -50.81
N SER B 191 22.57 1.84 -49.85
CA SER B 191 23.52 1.61 -48.77
C SER B 191 23.18 0.30 -48.09
N SER B 192 24.13 -0.20 -47.31
CA SER B 192 23.91 -1.33 -46.41
C SER B 192 24.26 -0.97 -44.98
N ALA B 193 24.37 0.32 -44.66
CA ALA B 193 24.78 0.81 -43.35
C ALA B 193 26.16 0.29 -42.98
N GLY B 194 27.07 0.26 -43.94
CA GLY B 194 28.41 -0.21 -43.70
C GLY B 194 29.48 0.82 -44.03
N GLY B 195 29.16 2.10 -43.83
CA GLY B 195 30.11 3.16 -43.98
C GLY B 195 30.05 3.93 -45.29
N SER B 196 29.42 3.35 -46.32
CA SER B 196 29.41 4.02 -47.62
C SER B 196 28.04 3.89 -48.26
N PHE B 197 27.62 4.95 -48.95
CA PHE B 197 26.39 4.97 -49.72
C PHE B 197 26.64 5.57 -51.09
N THR B 198 25.91 5.09 -52.08
CA THR B 198 26.09 5.49 -53.48
C THR B 198 24.91 6.32 -53.95
N VAL B 199 25.15 7.14 -54.97
CA VAL B 199 24.14 8.00 -55.56
C VAL B 199 24.30 7.94 -57.08
N ARG B 200 23.28 7.45 -57.77
CA ARG B 200 23.33 7.23 -59.21
C ARG B 200 22.23 8.01 -59.91
N ALA B 201 22.52 8.44 -61.13
CA ALA B 201 21.47 8.93 -62.01
C ALA B 201 20.59 7.77 -62.46
N ASP B 202 19.33 8.07 -62.72
CA ASP B 202 18.32 7.04 -62.97
C ASP B 202 17.88 7.03 -64.42
N HIS B 203 17.45 5.85 -64.87
CA HIS B 203 16.86 5.69 -66.18
C HIS B 203 15.63 4.78 -66.16
N GLY B 204 15.13 4.41 -64.98
CA GLY B 204 14.01 3.50 -64.88
C GLY B 204 12.69 4.14 -65.22
N GLU B 205 11.61 3.63 -64.63
CA GLU B 205 10.29 4.19 -64.87
C GLU B 205 10.11 5.42 -64.00
N PRO B 206 9.83 6.60 -64.56
CA PRO B 206 9.86 7.83 -63.76
C PRO B 206 8.77 7.81 -62.70
N ILE B 207 9.15 8.24 -61.48
CA ILE B 207 8.20 8.31 -60.39
C ILE B 207 7.28 9.52 -60.55
N GLY B 208 7.68 10.50 -61.35
CA GLY B 208 6.91 11.72 -61.50
C GLY B 208 7.33 12.78 -60.50
N ARG B 209 7.00 12.56 -59.23
CA ARG B 209 7.45 13.42 -58.14
C ARG B 209 7.20 12.76 -56.80
N GLY B 210 8.22 12.72 -55.94
CA GLY B 210 8.09 12.12 -54.63
C GLY B 210 9.28 11.24 -54.34
N THR B 211 9.03 10.23 -53.50
CA THR B 211 10.07 9.34 -53.00
C THR B 211 9.59 7.90 -53.09
N LYS B 212 10.54 6.97 -53.21
CA LYS B 212 10.24 5.54 -53.15
C LYS B 212 11.31 4.87 -52.32
N VAL B 213 11.01 4.62 -51.04
CA VAL B 213 11.94 3.94 -50.13
C VAL B 213 11.64 2.46 -50.20
N ILE B 214 12.66 1.66 -50.54
CA ILE B 214 12.52 0.23 -50.75
C ILE B 214 13.37 -0.50 -49.72
N LEU B 215 12.80 -1.54 -49.12
CA LEU B 215 13.46 -2.30 -48.06
C LEU B 215 13.53 -3.76 -48.44
N HIS B 216 14.74 -4.24 -48.74
CA HIS B 216 14.98 -5.66 -48.98
C HIS B 216 15.00 -6.35 -47.61
N LEU B 217 13.89 -6.99 -47.26
CA LEU B 217 13.72 -7.46 -45.89
C LEU B 217 14.70 -8.59 -45.57
N LYS B 218 15.01 -8.71 -44.28
CA LYS B 218 15.92 -9.73 -43.80
C LYS B 218 15.35 -11.12 -44.02
N GLU B 219 16.24 -12.11 -44.05
CA GLU B 219 15.84 -13.48 -44.37
C GLU B 219 14.91 -14.05 -43.30
N ASP B 220 15.06 -13.63 -42.05
CA ASP B 220 14.30 -14.18 -40.94
C ASP B 220 13.18 -13.25 -40.46
N GLN B 221 12.89 -12.19 -41.22
CA GLN B 221 11.85 -11.23 -40.84
C GLN B 221 10.77 -11.13 -41.90
N THR B 222 10.47 -12.22 -42.61
CA THR B 222 9.44 -12.16 -43.64
C THR B 222 8.06 -12.29 -43.01
N GLU B 223 7.82 -11.51 -41.96
CA GLU B 223 6.54 -11.43 -41.29
C GLU B 223 5.79 -10.16 -41.64
N TYR B 224 6.51 -9.11 -42.05
CA TYR B 224 5.94 -7.82 -42.37
C TYR B 224 5.43 -7.73 -43.79
N LEU B 225 5.47 -8.83 -44.55
CA LEU B 225 4.80 -8.90 -45.84
C LEU B 225 3.38 -9.44 -45.74
N GLU B 226 2.98 -9.93 -44.57
CA GLU B 226 1.63 -10.44 -44.38
C GLU B 226 0.70 -9.27 -44.07
N GLU B 227 -0.42 -9.20 -44.80
CA GLU B 227 -1.30 -8.04 -44.68
C GLU B 227 -1.99 -7.97 -43.32
N ARG B 228 -2.09 -9.10 -42.60
CA ARG B 228 -2.47 -9.03 -41.19
C ARG B 228 -1.50 -8.17 -40.38
N ARG B 229 -0.20 -8.47 -40.51
CA ARG B 229 0.79 -7.73 -39.73
C ARG B 229 0.83 -6.27 -40.16
N VAL B 230 0.79 -6.01 -41.47
CA VAL B 230 0.85 -4.64 -41.96
C VAL B 230 -0.35 -3.85 -41.49
N LYS B 231 -1.56 -4.44 -41.60
CA LYS B 231 -2.75 -3.73 -41.18
C LYS B 231 -2.74 -3.49 -39.67
N GLU B 232 -2.29 -4.47 -38.89
CA GLU B 232 -2.23 -4.28 -37.44
C GLU B 232 -1.29 -3.14 -37.09
N VAL B 233 -0.10 -3.12 -37.70
CA VAL B 233 0.88 -2.07 -37.40
C VAL B 233 0.34 -0.71 -37.80
N VAL B 234 -0.23 -0.61 -39.00
CA VAL B 234 -0.73 0.67 -39.49
C VAL B 234 -1.85 1.17 -38.58
N LYS B 235 -2.78 0.30 -38.22
CA LYS B 235 -3.88 0.71 -37.35
C LYS B 235 -3.38 1.16 -35.99
N LYS B 236 -2.39 0.45 -35.43
CA LYS B 236 -1.91 0.80 -34.11
C LYS B 236 -1.15 2.13 -34.12
N HIS B 237 -0.27 2.32 -35.09
CA HIS B 237 0.67 3.43 -35.04
C HIS B 237 0.28 4.62 -35.90
N SER B 238 -0.09 4.39 -37.16
CA SER B 238 -0.33 5.45 -38.13
C SER B 238 -1.80 5.53 -38.54
N GLN B 239 -2.70 5.38 -37.57
CA GLN B 239 -4.13 5.40 -37.88
C GLN B 239 -4.60 6.78 -38.33
N PHE B 240 -4.32 7.80 -37.52
CA PHE B 240 -4.91 9.12 -37.71
C PHE B 240 -4.01 10.07 -38.51
N ILE B 241 -3.20 9.54 -39.42
CA ILE B 241 -2.32 10.43 -40.19
C ILE B 241 -3.17 11.27 -41.15
N GLY B 242 -2.59 12.38 -41.58
CA GLY B 242 -3.31 13.40 -42.30
C GLY B 242 -3.51 13.19 -43.78
N TYR B 243 -3.03 12.08 -44.33
CA TYR B 243 -3.15 11.82 -45.76
C TYR B 243 -3.55 10.36 -45.95
N PRO B 244 -4.28 10.05 -47.02
CA PRO B 244 -4.71 8.66 -47.23
C PRO B 244 -3.52 7.72 -47.39
N ILE B 245 -3.68 6.52 -46.85
CA ILE B 245 -2.70 5.44 -46.99
C ILE B 245 -3.41 4.24 -47.62
N THR B 246 -2.84 3.72 -48.70
CA THR B 246 -3.42 2.58 -49.39
C THR B 246 -2.47 1.39 -49.22
N LEU B 247 -2.84 0.25 -49.80
CA LEU B 247 -2.05 -0.97 -49.65
C LEU B 247 -2.28 -1.92 -50.83
N TYR B 248 -1.34 -1.96 -51.76
CA TYR B 248 -1.47 -2.81 -52.94
C TYR B 248 -1.12 -4.24 -52.56
N LEU B 249 -2.09 -5.15 -52.69
CA LEU B 249 -1.87 -6.55 -52.37
C LEU B 249 -1.05 -7.24 -53.45
N ASP B 310 -5.12 -4.79 -56.49
CA ASP B 310 -6.30 -4.68 -55.64
C ASP B 310 -6.13 -3.61 -54.56
N GLN B 311 -6.51 -2.38 -54.88
CA GLN B 311 -6.33 -1.26 -53.96
C GLN B 311 -7.29 -1.38 -52.78
N GLU B 312 -6.85 -0.90 -51.62
CA GLU B 312 -7.72 -0.76 -50.46
C GLU B 312 -7.09 0.21 -49.48
N GLU B 313 -7.89 1.13 -48.95
CA GLU B 313 -7.42 2.20 -48.10
C GLU B 313 -7.52 1.80 -46.63
N LEU B 314 -6.54 2.23 -45.84
CA LEU B 314 -6.45 1.79 -44.45
C LEU B 314 -7.03 2.81 -43.48
N ASN B 315 -6.54 4.05 -43.50
CA ASN B 315 -6.91 5.06 -42.53
C ASN B 315 -8.19 5.76 -42.97
N LYS B 316 -9.29 5.01 -42.99
CA LYS B 316 -10.57 5.57 -43.40
C LYS B 316 -11.03 6.66 -42.44
N THR B 317 -11.06 6.35 -41.14
CA THR B 317 -11.58 7.28 -40.16
C THR B 317 -10.67 8.50 -40.03
N LYS B 318 -11.27 9.67 -39.96
CA LYS B 318 -10.55 10.92 -39.78
C LYS B 318 -10.58 11.35 -38.33
N PRO B 319 -9.62 12.17 -37.90
CA PRO B 319 -9.66 12.73 -36.55
C PRO B 319 -10.61 13.91 -36.47
N ILE B 320 -11.42 13.92 -35.41
CA ILE B 320 -12.38 14.99 -35.20
C ILE B 320 -12.00 15.89 -34.04
N TRP B 321 -11.01 15.51 -33.23
CA TRP B 321 -10.62 16.36 -32.11
C TRP B 321 -9.95 17.64 -32.57
N THR B 322 -9.44 17.68 -33.80
CA THR B 322 -8.85 18.90 -34.32
C THR B 322 -9.92 19.92 -34.70
N ARG B 323 -11.07 19.45 -35.17
CA ARG B 323 -12.11 20.34 -35.66
C ARG B 323 -12.71 21.15 -34.51
N ASN B 324 -13.18 22.34 -34.84
CA ASN B 324 -13.80 23.22 -33.85
C ASN B 324 -15.03 22.51 -33.27
N PRO B 325 -15.10 22.34 -31.94
CA PRO B 325 -16.19 21.54 -31.37
C PRO B 325 -17.52 22.26 -31.29
N ASP B 326 -17.63 23.39 -31.98
CA ASP B 326 -18.91 24.02 -32.22
C ASP B 326 -19.52 23.66 -33.56
N ASP B 327 -18.83 22.82 -34.35
CA ASP B 327 -19.28 22.45 -35.68
C ASP B 327 -19.41 20.94 -35.86
N ILE B 328 -19.67 20.21 -34.77
CA ILE B 328 -19.83 18.76 -34.82
C ILE B 328 -21.23 18.41 -34.38
N THR B 329 -21.90 17.56 -35.15
CA THR B 329 -23.21 17.04 -34.81
C THR B 329 -23.06 15.68 -34.13
N GLN B 330 -24.06 15.33 -33.31
CA GLN B 330 -23.96 14.13 -32.47
C GLN B 330 -23.74 12.87 -33.28
N GLU B 331 -24.22 12.85 -34.53
CA GLU B 331 -23.98 11.67 -35.37
C GLU B 331 -22.49 11.50 -35.65
N GLU B 332 -21.77 12.60 -35.86
CA GLU B 332 -20.33 12.51 -36.11
C GLU B 332 -19.60 11.95 -34.89
N TYR B 333 -19.93 12.46 -33.70
CA TYR B 333 -19.37 11.91 -32.47
C TYR B 333 -19.69 10.43 -32.34
N GLY B 334 -20.92 10.04 -32.66
CA GLY B 334 -21.28 8.64 -32.55
C GLY B 334 -20.50 7.76 -33.49
N GLU B 335 -20.33 8.21 -34.74
CA GLU B 335 -19.56 7.44 -35.71
C GLU B 335 -18.12 7.29 -35.24
N PHE B 336 -17.52 8.38 -34.74
CA PHE B 336 -16.15 8.32 -34.27
C PHE B 336 -16.01 7.37 -33.09
N TYR B 337 -16.95 7.45 -32.14
CA TYR B 337 -16.91 6.56 -30.98
C TYR B 337 -17.05 5.11 -31.40
N LYS B 338 -17.93 4.82 -32.34
CA LYS B 338 -18.08 3.45 -32.84
C LYS B 338 -16.80 2.97 -33.50
N SER B 339 -16.18 3.83 -34.32
CA SER B 339 -14.95 3.43 -34.99
C SER B 339 -13.77 3.35 -34.03
N LEU B 340 -13.87 3.96 -32.86
CA LEU B 340 -12.77 3.91 -31.90
C LEU B 340 -12.88 2.73 -30.95
N THR B 341 -14.07 2.41 -30.47
CA THR B 341 -14.24 1.40 -29.43
C THR B 341 -14.88 0.10 -29.88
N ASN B 342 -15.36 0.02 -31.11
CA ASN B 342 -15.96 -1.16 -31.75
C ASN B 342 -17.37 -1.45 -31.23
N ASP B 343 -17.87 -0.74 -30.24
CA ASP B 343 -19.22 -0.98 -29.76
C ASP B 343 -20.23 -0.61 -30.85
N TRP B 344 -21.37 -1.29 -30.84
CA TRP B 344 -22.45 -0.95 -31.76
C TRP B 344 -23.52 -0.11 -31.11
N GLU B 345 -23.26 0.43 -29.92
CA GLU B 345 -24.15 1.37 -29.28
C GLU B 345 -23.59 2.78 -29.41
N ASP B 346 -24.45 3.77 -29.15
CA ASP B 346 -24.01 5.15 -29.16
C ASP B 346 -23.38 5.51 -27.82
N HIS B 347 -22.72 6.66 -27.79
CA HIS B 347 -22.15 7.17 -26.56
C HIS B 347 -23.20 7.93 -25.76
N LEU B 348 -23.19 7.75 -24.44
CA LEU B 348 -24.17 8.43 -23.61
C LEU B 348 -23.87 9.92 -23.51
N ALA B 349 -22.61 10.28 -23.31
CA ALA B 349 -22.22 11.67 -23.20
C ALA B 349 -20.89 11.88 -23.90
N VAL B 350 -20.46 13.13 -24.00
CA VAL B 350 -19.23 13.48 -24.68
C VAL B 350 -18.73 14.82 -24.16
N LYS B 351 -17.41 14.95 -24.04
CA LYS B 351 -16.76 16.19 -23.68
C LYS B 351 -15.59 16.42 -24.61
N HIS B 352 -15.51 17.62 -25.19
CA HIS B 352 -14.48 17.92 -26.18
C HIS B 352 -13.96 19.32 -25.86
N PHE B 353 -12.89 19.38 -25.06
CA PHE B 353 -12.33 20.63 -24.59
C PHE B 353 -10.90 20.75 -25.09
N SER B 354 -10.22 21.80 -24.65
CA SER B 354 -8.82 22.03 -25.00
C SER B 354 -8.18 22.90 -23.93
N VAL B 355 -6.88 22.72 -23.74
CA VAL B 355 -6.11 23.48 -22.77
C VAL B 355 -4.96 24.16 -23.51
N GLU B 356 -4.81 25.46 -23.29
CA GLU B 356 -3.77 26.25 -23.95
C GLU B 356 -2.80 26.79 -22.91
N GLY B 357 -1.56 26.98 -23.34
CA GLY B 357 -0.51 27.42 -22.46
C GLY B 357 0.81 26.75 -22.77
N GLN B 358 1.61 26.44 -21.74
CA GLN B 358 2.85 25.73 -21.98
C GLN B 358 2.61 24.28 -22.37
N LEU B 359 1.61 23.64 -21.76
CA LEU B 359 1.19 22.29 -22.12
C LEU B 359 -0.12 22.41 -22.89
N GLU B 360 -0.03 22.47 -24.20
CA GLU B 360 -1.22 22.58 -25.04
C GLU B 360 -1.61 21.20 -25.54
N PHE B 361 -2.91 20.89 -25.41
CA PHE B 361 -3.43 19.63 -25.90
C PHE B 361 -4.94 19.73 -26.02
N ARG B 362 -5.48 18.94 -26.93
CA ARG B 362 -6.92 18.77 -27.08
C ARG B 362 -7.31 17.38 -26.61
N ALA B 363 -8.36 17.30 -25.81
CA ALA B 363 -8.85 16.03 -25.31
C ALA B 363 -10.31 15.85 -25.71
N LEU B 364 -10.68 14.61 -26.00
CA LEU B 364 -12.04 14.24 -26.41
C LEU B 364 -12.42 12.96 -25.66
N LEU B 365 -13.42 13.05 -24.79
CA LEU B 365 -13.74 11.99 -23.85
C LEU B 365 -15.13 11.42 -24.16
N PHE B 366 -15.29 10.13 -23.91
CA PHE B 366 -16.53 9.41 -24.15
C PHE B 366 -16.94 8.62 -22.90
N ILE B 367 -18.25 8.49 -22.71
CA ILE B 367 -18.81 7.61 -21.69
C ILE B 367 -19.59 6.51 -22.41
N PRO B 368 -19.18 5.26 -22.34
CA PRO B 368 -19.93 4.20 -23.01
C PRO B 368 -21.31 4.01 -22.39
N ARG B 369 -22.24 3.53 -23.22
CA ARG B 369 -23.62 3.42 -22.78
C ARG B 369 -23.80 2.35 -21.72
N ARG B 370 -23.12 1.21 -21.87
CA ARG B 370 -23.22 0.10 -20.93
C ARG B 370 -21.84 -0.29 -20.45
N ALA B 371 -21.72 -0.56 -19.15
CA ALA B 371 -20.42 -0.90 -18.58
C ALA B 371 -19.97 -2.27 -19.10
N PRO B 372 -18.69 -2.41 -19.45
CA PRO B 372 -18.20 -3.70 -19.91
C PRO B 372 -18.28 -4.75 -18.82
N PHE B 373 -18.57 -5.99 -19.24
CA PHE B 373 -18.77 -7.07 -18.29
C PHE B 373 -17.47 -7.55 -17.66
N ASP B 374 -16.34 -7.34 -18.33
CA ASP B 374 -15.04 -7.70 -17.77
C ASP B 374 -14.36 -6.54 -17.05
N LEU B 375 -15.11 -5.61 -16.50
CA LEU B 375 -14.52 -4.46 -15.83
C LEU B 375 -14.03 -4.87 -14.45
N PHE B 376 -12.94 -4.22 -14.01
CA PHE B 376 -12.33 -4.41 -12.70
C PHE B 376 -11.61 -5.75 -12.60
N GLU B 377 -11.73 -6.57 -13.63
CA GLU B 377 -11.29 -7.96 -13.60
C GLU B 377 -10.21 -8.29 -14.61
N ASN B 378 -10.17 -7.59 -15.74
CA ASN B 378 -9.23 -7.87 -16.81
C ASN B 378 -7.79 -7.89 -16.29
N LYS B 379 -7.37 -6.78 -15.70
CA LYS B 379 -6.08 -6.64 -15.01
C LYS B 379 -4.90 -6.90 -15.96
N LYS B 380 -5.20 -7.11 -17.24
CA LYS B 380 -4.13 -7.40 -18.20
C LYS B 380 -3.79 -6.17 -19.04
N LYS B 381 -4.80 -5.52 -19.60
CA LYS B 381 -4.59 -4.32 -20.40
C LYS B 381 -5.59 -3.26 -19.98
N LYS B 382 -5.10 -2.03 -19.80
CA LYS B 382 -5.93 -0.90 -19.40
C LYS B 382 -5.90 0.22 -20.43
N ASN B 383 -5.85 -0.14 -21.71
CA ASN B 383 -5.79 0.83 -22.80
C ASN B 383 -7.18 1.41 -23.05
N ASN B 384 -7.44 2.58 -22.49
CA ASN B 384 -8.67 3.29 -22.78
C ASN B 384 -8.49 4.77 -23.11
N ILE B 385 -7.40 5.39 -22.68
CA ILE B 385 -7.04 6.75 -23.09
C ILE B 385 -5.70 6.68 -23.80
N LYS B 386 -5.72 6.86 -25.11
CA LYS B 386 -4.53 6.79 -25.95
C LYS B 386 -3.99 8.20 -26.17
N LEU B 387 -2.70 8.39 -25.89
CA LEU B 387 -2.06 9.68 -26.02
C LEU B 387 -1.37 9.79 -27.38
N TYR B 388 -1.66 10.86 -28.10
CA TYR B 388 -1.09 11.11 -29.41
C TYR B 388 -0.26 12.39 -29.39
N VAL B 389 0.79 12.42 -30.20
CA VAL B 389 1.59 13.62 -30.42
C VAL B 389 1.67 13.84 -31.92
N ARG B 390 1.06 14.92 -32.40
CA ARG B 390 1.00 15.24 -33.82
C ARG B 390 0.41 14.09 -34.62
N ARG B 391 -0.68 13.52 -34.10
CA ARG B 391 -1.47 12.50 -34.79
C ARG B 391 -0.70 11.20 -34.99
N VAL B 392 0.24 10.90 -34.10
CA VAL B 392 0.94 9.63 -34.10
C VAL B 392 0.88 9.06 -32.69
N PHE B 393 0.49 7.79 -32.60
CA PHE B 393 0.31 7.15 -31.29
C PHE B 393 1.64 7.09 -30.55
N ILE B 394 1.57 7.27 -29.23
CA ILE B 394 2.79 7.29 -28.41
C ILE B 394 2.73 6.21 -27.35
N MET B 395 1.72 6.27 -26.48
CA MET B 395 1.66 5.36 -25.34
C MET B 395 0.22 5.19 -24.88
N ASP B 396 -0.10 3.99 -24.41
CA ASP B 396 -1.39 3.73 -23.81
C ASP B 396 -1.37 4.21 -22.36
N SER B 397 -2.51 4.15 -21.68
CA SER B 397 -2.63 4.67 -20.32
C SER B 397 -1.92 3.73 -19.36
N CYS B 398 -0.70 4.10 -18.98
CA CYS B 398 0.00 3.33 -17.97
C CYS B 398 -0.30 3.87 -16.58
N ASP B 399 -1.59 4.09 -16.30
CA ASP B 399 -2.06 4.49 -14.99
C ASP B 399 -1.49 5.82 -14.50
N GLU B 400 -0.90 6.62 -15.38
CA GLU B 400 -0.54 7.98 -14.99
C GLU B 400 -1.47 9.00 -15.62
N LEU B 401 -2.12 8.64 -16.73
CA LEU B 401 -3.01 9.59 -17.40
C LEU B 401 -4.32 9.75 -16.66
N ILE B 402 -4.89 8.66 -16.16
CA ILE B 402 -6.22 8.72 -15.57
C ILE B 402 -6.25 7.84 -14.32
N PRO B 403 -6.96 8.23 -13.27
CA PRO B 403 -7.06 7.36 -12.10
C PRO B 403 -7.89 6.12 -12.38
N GLU B 404 -7.75 5.14 -11.51
CA GLU B 404 -8.37 3.83 -11.74
C GLU B 404 -9.89 3.92 -11.76
N TYR B 405 -10.47 4.76 -10.92
CA TYR B 405 -11.93 4.80 -10.82
C TYR B 405 -12.58 5.44 -12.04
N LEU B 406 -11.82 6.06 -12.93
CA LEU B 406 -12.33 6.54 -14.21
C LEU B 406 -11.90 5.66 -15.37
N ASN B 407 -11.79 4.35 -15.11
CA ASN B 407 -11.40 3.40 -16.15
C ASN B 407 -12.43 3.26 -17.26
N PHE B 408 -13.69 3.60 -17.00
CA PHE B 408 -14.71 3.46 -18.03
C PHE B 408 -14.62 4.53 -19.10
N ILE B 409 -13.99 5.67 -18.79
CA ILE B 409 -13.82 6.72 -19.77
C ILE B 409 -12.97 6.23 -20.94
N ARG B 410 -13.36 6.63 -22.14
CA ARG B 410 -12.59 6.36 -23.35
C ARG B 410 -12.43 7.66 -24.13
N GLY B 411 -11.47 7.67 -25.04
CA GLY B 411 -11.22 8.86 -25.84
C GLY B 411 -9.78 9.01 -26.28
N VAL B 412 -9.35 10.24 -26.52
CA VAL B 412 -8.00 10.52 -27.02
C VAL B 412 -7.47 11.77 -26.34
N VAL B 413 -6.15 11.88 -26.34
CA VAL B 413 -5.45 13.10 -25.93
C VAL B 413 -4.39 13.39 -26.98
N ASP B 414 -4.44 14.57 -27.58
CA ASP B 414 -3.56 14.92 -28.69
C ASP B 414 -2.83 16.22 -28.37
N SER B 415 -1.56 16.29 -28.75
CA SER B 415 -0.72 17.43 -28.45
C SER B 415 0.15 17.75 -29.65
N GLU B 416 0.73 18.95 -29.64
CA GLU B 416 1.63 19.38 -30.68
C GLU B 416 3.07 19.55 -30.21
N ASP B 417 3.30 19.69 -28.90
CA ASP B 417 4.65 19.89 -28.39
C ASP B 417 4.75 19.15 -27.05
N LEU B 418 5.24 17.91 -27.11
CA LEU B 418 5.57 17.14 -25.93
C LEU B 418 6.90 16.43 -26.15
N PRO B 419 7.73 16.31 -25.12
CA PRO B 419 9.05 15.70 -25.29
C PRO B 419 8.94 14.18 -25.41
N LEU B 420 9.74 13.62 -26.29
CA LEU B 420 9.75 12.19 -26.53
C LEU B 420 11.17 11.66 -26.46
N ASN B 421 11.32 10.42 -25.99
CA ASN B 421 12.61 9.79 -26.00
C ASN B 421 13.00 9.41 -27.43
N ILE B 422 14.18 8.82 -27.57
CA ILE B 422 14.73 8.58 -28.90
C ILE B 422 13.88 7.60 -29.68
N SER B 423 13.31 6.60 -29.02
CA SER B 423 12.50 5.59 -29.67
C SER B 423 11.09 6.08 -29.97
N ARG B 424 10.70 7.24 -29.46
CA ARG B 424 9.37 7.82 -29.69
C ARG B 424 8.25 6.93 -29.16
N GLU B 425 8.51 6.26 -28.02
CA GLU B 425 7.54 5.37 -27.42
C GLU B 425 7.17 5.76 -25.99
N MET B 426 7.69 6.87 -25.49
CA MET B 426 7.47 7.24 -24.10
C MET B 426 7.80 8.70 -23.91
N LEU B 427 6.99 9.37 -23.10
CA LEU B 427 7.28 10.76 -22.76
C LEU B 427 8.56 10.84 -21.93
N GLN B 428 9.24 11.98 -22.03
CA GLN B 428 10.51 12.16 -21.33
C GLN B 428 10.32 12.58 -19.89
N GLN B 429 9.19 13.17 -19.53
CA GLN B 429 8.97 13.71 -18.19
C GLN B 429 7.70 13.11 -17.62
N SER B 430 7.79 12.62 -16.38
CA SER B 430 6.60 12.12 -15.71
C SER B 430 5.72 13.27 -15.21
N LYS B 431 6.31 14.46 -15.02
CA LYS B 431 5.55 15.58 -14.50
C LYS B 431 4.44 16.01 -15.44
N ILE B 432 4.66 15.86 -16.75
CA ILE B 432 3.67 16.21 -17.77
C ILE B 432 2.39 15.44 -17.52
N LEU B 433 2.53 14.17 -17.19
CA LEU B 433 1.37 13.30 -17.02
C LEU B 433 0.52 13.73 -15.83
N LYS B 434 1.15 14.32 -14.82
CA LYS B 434 0.39 14.83 -13.68
C LYS B 434 -0.55 15.95 -14.12
N VAL B 435 -0.06 16.88 -14.94
CA VAL B 435 -0.90 17.96 -15.44
C VAL B 435 -2.02 17.43 -16.32
N ILE B 436 -1.67 16.50 -17.22
CA ILE B 436 -2.69 15.93 -18.10
C ILE B 436 -3.77 15.25 -17.27
N ARG B 437 -3.37 14.51 -16.25
CA ARG B 437 -4.32 13.80 -15.39
C ARG B 437 -5.21 14.78 -14.64
N LYS B 438 -4.61 15.83 -14.08
CA LYS B 438 -5.41 16.81 -13.36
C LYS B 438 -6.47 17.43 -14.26
N ASN B 439 -6.08 17.87 -15.45
CA ASN B 439 -7.04 18.49 -16.35
C ASN B 439 -8.13 17.51 -16.80
N ILE B 440 -7.75 16.27 -17.11
CA ILE B 440 -8.73 15.32 -17.63
C ILE B 440 -9.75 14.97 -16.54
N VAL B 441 -9.28 14.82 -15.29
CA VAL B 441 -10.20 14.54 -14.19
C VAL B 441 -11.13 15.73 -13.96
N LYS B 442 -10.58 16.94 -13.98
CA LYS B 442 -11.38 18.13 -13.77
C LYS B 442 -12.47 18.26 -14.83
N LYS B 443 -12.15 17.96 -16.09
CA LYS B 443 -13.19 18.02 -17.13
C LYS B 443 -14.18 16.88 -17.04
N CYS B 444 -13.76 15.69 -16.60
CA CYS B 444 -14.71 14.59 -16.44
C CYS B 444 -15.75 14.91 -15.38
N LEU B 445 -15.31 15.49 -14.26
CA LEU B 445 -16.26 15.84 -13.22
C LEU B 445 -17.19 16.98 -13.61
N GLU B 446 -16.90 17.71 -14.68
CA GLU B 446 -17.87 18.68 -15.20
C GLU B 446 -18.79 18.04 -16.23
N LEU B 447 -18.28 17.08 -17.00
CA LEU B 447 -19.15 16.30 -17.87
C LEU B 447 -20.25 15.62 -17.08
N PHE B 448 -19.88 15.05 -15.92
CA PHE B 448 -20.88 14.39 -15.09
C PHE B 448 -21.94 15.38 -14.60
N SER B 449 -21.51 16.57 -14.17
CA SER B 449 -22.46 17.56 -13.68
C SER B 449 -23.41 18.01 -14.79
N GLU B 450 -22.89 18.24 -15.99
CA GLU B 450 -23.77 18.59 -17.11
C GLU B 450 -24.74 17.46 -17.42
N LEU B 451 -24.27 16.21 -17.36
CA LEU B 451 -25.17 15.09 -17.58
C LEU B 451 -26.24 14.99 -16.50
N ALA B 452 -25.94 15.45 -15.29
CA ALA B 452 -26.89 15.37 -14.19
C ALA B 452 -28.02 16.38 -14.32
N GLU B 453 -27.90 17.37 -15.20
CA GLU B 453 -28.99 18.33 -15.40
C GLU B 453 -30.19 17.67 -16.07
N ASP B 454 -29.94 16.75 -17.00
CA ASP B 454 -31.02 15.97 -17.60
C ASP B 454 -31.51 14.98 -16.55
N LYS B 455 -32.59 15.33 -15.86
CA LYS B 455 -32.98 14.66 -14.63
C LYS B 455 -33.59 13.29 -14.95
N GLU B 456 -33.55 12.89 -16.21
CA GLU B 456 -34.05 11.56 -16.60
C GLU B 456 -32.95 10.66 -17.14
N ASN B 457 -32.10 11.16 -18.05
CA ASN B 457 -31.02 10.33 -18.57
C ASN B 457 -29.95 10.07 -17.53
N TYR B 458 -29.96 10.79 -16.41
CA TYR B 458 -28.96 10.58 -15.36
C TYR B 458 -29.10 9.22 -14.71
N LYS B 459 -30.33 8.69 -14.64
CA LYS B 459 -30.52 7.37 -14.02
C LYS B 459 -29.82 6.29 -14.82
N LYS B 460 -29.87 6.38 -16.15
CA LYS B 460 -29.23 5.39 -17.00
C LYS B 460 -27.71 5.44 -16.91
N PHE B 461 -27.15 6.47 -16.29
CA PHE B 461 -25.73 6.58 -16.02
C PHE B 461 -25.39 6.15 -14.60
N TYR B 462 -26.25 6.51 -13.64
CA TYR B 462 -26.04 6.10 -12.26
C TYR B 462 -26.12 4.58 -12.13
N GLU B 463 -27.16 3.98 -12.71
CA GLU B 463 -27.32 2.53 -12.66
C GLU B 463 -26.10 1.80 -13.21
N ALA B 464 -25.29 2.48 -14.02
CA ALA B 464 -24.12 1.86 -14.63
C ALA B 464 -22.83 2.14 -13.86
N PHE B 465 -22.63 3.35 -13.36
CA PHE B 465 -21.33 3.72 -12.84
C PHE B 465 -21.40 4.33 -11.43
N SER B 466 -22.44 4.01 -10.67
CA SER B 466 -22.47 4.43 -9.28
C SER B 466 -21.32 3.80 -8.50
N LYS B 467 -21.00 2.55 -8.83
CA LYS B 467 -19.88 1.89 -8.16
C LYS B 467 -18.57 2.62 -8.43
N ASN B 468 -18.36 3.06 -9.67
CA ASN B 468 -17.14 3.80 -9.98
C ASN B 468 -17.10 5.15 -9.28
N LEU B 469 -18.24 5.85 -9.23
CA LEU B 469 -18.24 7.12 -8.50
C LEU B 469 -17.95 6.92 -7.02
N LYS B 470 -18.50 5.86 -6.43
CA LYS B 470 -18.26 5.62 -5.01
C LYS B 470 -16.82 5.18 -4.76
N LEU B 471 -16.26 4.36 -5.65
CA LEU B 471 -14.85 4.02 -5.53
C LEU B 471 -13.96 5.25 -5.62
N GLY B 472 -14.33 6.19 -6.50
CA GLY B 472 -13.60 7.45 -6.56
C GLY B 472 -13.71 8.24 -5.28
N ILE B 473 -14.90 8.30 -4.71
CA ILE B 473 -15.07 8.98 -3.42
C ILE B 473 -14.16 8.36 -2.37
N HIS B 474 -14.02 7.03 -2.42
CA HIS B 474 -13.08 6.37 -1.51
C HIS B 474 -11.65 6.84 -1.76
N GLU B 475 -11.22 6.84 -3.03
CA GLU B 475 -9.81 7.05 -3.35
C GLU B 475 -9.45 8.53 -3.51
N ASP B 476 -10.11 9.21 -4.43
CA ASP B 476 -9.73 10.58 -4.80
C ASP B 476 -10.08 11.58 -3.70
N SER B 477 -9.06 12.03 -2.95
CA SER B 477 -9.32 12.85 -1.79
C SER B 477 -9.54 14.32 -2.13
N THR B 478 -9.22 14.75 -3.34
CA THR B 478 -9.35 16.15 -3.70
C THR B 478 -10.70 16.48 -4.34
N ASN B 479 -11.38 15.50 -4.92
CA ASN B 479 -12.63 15.72 -5.62
C ASN B 479 -13.83 15.15 -4.86
N ARG B 480 -13.69 14.88 -3.57
CA ARG B 480 -14.79 14.33 -2.79
C ARG B 480 -15.95 15.31 -2.70
N ARG B 481 -15.65 16.59 -2.46
CA ARG B 481 -16.69 17.60 -2.32
C ARG B 481 -17.43 17.86 -3.62
N ARG B 482 -16.93 17.34 -4.74
CA ARG B 482 -17.63 17.45 -6.02
C ARG B 482 -18.33 16.16 -6.42
N LEU B 483 -17.82 15.01 -6.00
CA LEU B 483 -18.48 13.74 -6.27
C LEU B 483 -19.61 13.44 -5.32
N SER B 484 -19.63 14.07 -4.14
CA SER B 484 -20.70 13.81 -3.19
C SER B 484 -22.06 14.28 -3.70
N GLU B 485 -22.10 15.12 -4.73
CA GLU B 485 -23.34 15.60 -5.29
C GLU B 485 -23.81 14.79 -6.49
N LEU B 486 -23.16 13.68 -6.80
CA LEU B 486 -23.57 12.82 -7.91
C LEU B 486 -24.15 11.50 -7.45
N LEU B 487 -24.43 11.35 -6.15
CA LEU B 487 -24.99 10.13 -5.60
C LEU B 487 -26.49 10.27 -5.41
N ARG B 488 -27.21 9.17 -5.65
CA ARG B 488 -28.65 9.14 -5.45
C ARG B 488 -28.99 7.88 -4.66
N TYR B 489 -29.83 8.05 -3.65
CA TYR B 489 -30.09 7.00 -2.67
C TYR B 489 -31.59 6.84 -2.46
N HIS B 490 -32.02 5.61 -2.22
CA HIS B 490 -33.37 5.40 -1.73
C HIS B 490 -33.53 6.04 -0.35
N THR B 491 -34.76 6.39 -0.01
CA THR B 491 -35.05 6.97 1.29
C THR B 491 -36.31 6.34 1.85
N SER B 492 -36.69 6.79 3.05
CA SER B 492 -37.91 6.34 3.69
C SER B 492 -39.14 7.11 3.20
N GLN B 493 -38.95 8.06 2.30
CA GLN B 493 -40.07 8.83 1.77
C GLN B 493 -40.12 8.87 0.26
N SER B 494 -39.01 8.63 -0.45
CA SER B 494 -39.04 8.65 -1.90
C SER B 494 -39.80 7.45 -2.47
N GLY B 495 -39.99 6.41 -1.69
CA GLY B 495 -40.63 5.21 -2.20
C GLY B 495 -39.73 4.43 -3.14
N ASP B 496 -40.16 4.29 -4.40
CA ASP B 496 -39.41 3.52 -5.38
C ASP B 496 -38.47 4.38 -6.22
N GLU B 497 -38.36 5.67 -5.93
CA GLU B 497 -37.49 6.56 -6.67
C GLU B 497 -36.17 6.77 -5.91
N MET B 498 -35.09 6.83 -6.67
CA MET B 498 -33.79 7.23 -6.13
C MET B 498 -33.66 8.75 -6.20
N THR B 499 -33.28 9.35 -5.08
CA THR B 499 -33.23 10.80 -4.99
C THR B 499 -31.87 11.25 -4.46
N SER B 500 -31.62 12.55 -4.59
CA SER B 500 -30.32 13.15 -4.29
C SER B 500 -30.14 13.36 -2.79
N LEU B 501 -29.04 14.01 -2.45
CA LEU B 501 -28.82 14.52 -1.10
C LEU B 501 -29.15 16.00 -1.00
N SER B 502 -28.98 16.76 -2.09
CA SER B 502 -29.38 18.15 -2.08
C SER B 502 -30.88 18.28 -1.87
N GLU B 503 -31.67 17.43 -2.54
CA GLU B 503 -33.10 17.41 -2.26
C GLU B 503 -33.38 16.98 -0.83
N TYR B 504 -32.53 16.10 -0.27
CA TYR B 504 -32.71 15.71 1.13
C TYR B 504 -32.54 16.92 2.04
N VAL B 505 -31.55 17.76 1.75
CA VAL B 505 -31.41 18.98 2.53
C VAL B 505 -32.60 19.90 2.28
N SER B 506 -33.11 19.93 1.07
CA SER B 506 -34.28 20.75 0.76
C SER B 506 -35.56 20.21 1.36
N ARG B 507 -35.52 19.01 1.94
CA ARG B 507 -36.68 18.46 2.63
C ARG B 507 -36.48 18.34 4.13
N MET B 508 -35.39 18.87 4.67
CA MET B 508 -35.08 18.65 6.07
C MET B 508 -35.94 19.54 6.95
N LYS B 509 -36.45 18.97 8.04
CA LYS B 509 -37.33 19.70 8.93
C LYS B 509 -36.60 20.86 9.59
N GLU B 510 -37.38 21.73 10.23
CA GLU B 510 -36.83 22.96 10.80
C GLU B 510 -35.79 22.70 11.87
N THR B 511 -35.88 21.56 12.56
CA THR B 511 -34.93 21.22 13.60
C THR B 511 -33.96 20.12 13.18
N GLN B 512 -34.27 19.39 12.12
CA GLN B 512 -33.32 18.45 11.55
C GLN B 512 -31.98 19.11 11.34
N LYS B 513 -30.92 18.43 11.73
CA LYS B 513 -29.58 19.00 11.63
C LYS B 513 -28.59 18.10 10.91
N SER B 514 -28.84 16.80 10.80
CA SER B 514 -27.89 15.87 10.22
C SER B 514 -28.63 14.93 9.27
N ILE B 515 -27.85 14.18 8.50
CA ILE B 515 -28.39 13.21 7.56
C ILE B 515 -28.31 11.83 8.21
N TYR B 516 -29.45 11.18 8.37
CA TYR B 516 -29.49 9.86 8.97
C TYR B 516 -29.39 8.78 7.90
N TYR B 517 -28.60 7.76 8.17
CA TYR B 517 -28.42 6.67 7.21
C TYR B 517 -28.32 5.35 7.95
N ILE B 518 -28.68 4.29 7.23
CA ILE B 518 -28.57 2.92 7.71
C ILE B 518 -27.85 2.11 6.65
N THR B 519 -27.25 1.00 7.07
CA THR B 519 -26.54 0.11 6.18
C THR B 519 -26.92 -1.33 6.48
N GLY B 520 -27.36 -2.04 5.46
CA GLY B 520 -27.76 -3.42 5.61
C GLY B 520 -27.39 -4.22 4.40
N GLU B 521 -28.28 -5.15 4.02
CA GLU B 521 -28.06 -5.97 2.84
C GLU B 521 -29.28 -6.12 1.94
N SER B 522 -30.46 -5.67 2.37
CA SER B 522 -31.62 -5.68 1.49
C SER B 522 -32.60 -4.62 1.97
N LYS B 523 -33.20 -3.90 1.02
CA LYS B 523 -34.00 -2.73 1.36
C LYS B 523 -35.21 -3.10 2.21
N GLU B 524 -35.89 -4.19 1.85
CA GLU B 524 -37.06 -4.63 2.60
C GLU B 524 -36.70 -4.98 4.04
N GLN B 525 -35.44 -5.29 4.31
CA GLN B 525 -34.99 -5.59 5.66
C GLN B 525 -34.60 -4.33 6.43
N VAL B 526 -33.91 -3.40 5.76
CA VAL B 526 -33.49 -2.19 6.44
C VAL B 526 -34.66 -1.25 6.66
N ALA B 527 -35.75 -1.43 5.94
CA ALA B 527 -36.92 -0.57 6.06
C ALA B 527 -37.85 -0.98 7.21
N ASN B 528 -37.50 -2.03 7.94
CA ASN B 528 -38.30 -2.50 9.06
C ASN B 528 -37.47 -2.81 10.29
N SER B 529 -36.18 -2.53 10.26
CA SER B 529 -35.31 -2.88 11.38
C SER B 529 -35.71 -2.13 12.63
N ALA B 530 -35.28 -2.66 13.78
CA ALA B 530 -35.59 -2.02 15.05
C ALA B 530 -34.88 -0.68 15.19
N PHE B 531 -33.92 -0.41 14.31
CA PHE B 531 -33.12 0.80 14.44
C PHE B 531 -33.90 2.05 14.03
N VAL B 532 -34.81 1.92 13.06
CA VAL B 532 -35.46 3.08 12.46
C VAL B 532 -36.87 3.33 12.97
N GLU B 533 -37.35 2.55 13.94
CA GLU B 533 -38.75 2.65 14.35
C GLU B 533 -39.06 4.02 14.95
N ARG B 534 -38.18 4.54 15.81
CA ARG B 534 -38.47 5.84 16.43
C ARG B 534 -38.25 6.98 15.45
N VAL B 535 -37.28 6.85 14.55
CA VAL B 535 -37.02 7.91 13.59
C VAL B 535 -38.19 8.03 12.62
N ARG B 536 -38.75 6.92 12.17
CA ARG B 536 -39.93 6.98 11.32
C ARG B 536 -41.14 7.52 12.07
N LYS B 537 -41.12 7.47 13.41
CA LYS B 537 -42.22 8.00 14.20
C LYS B 537 -42.22 9.52 14.20
N ARG B 538 -41.06 10.14 14.41
CA ARG B 538 -40.97 11.58 14.44
C ARG B 538 -41.01 12.21 13.05
N GLY B 539 -41.19 11.41 12.00
CA GLY B 539 -41.31 11.95 10.67
C GLY B 539 -40.02 12.42 10.04
N PHE B 540 -38.89 11.82 10.41
CA PHE B 540 -37.63 12.15 9.75
C PHE B 540 -37.40 11.22 8.57
N GLU B 541 -36.42 11.58 7.75
CA GLU B 541 -36.10 10.83 6.54
C GLU B 541 -34.73 10.19 6.70
N VAL B 542 -34.65 8.89 6.49
CA VAL B 542 -33.40 8.15 6.58
C VAL B 542 -33.01 7.69 5.19
N VAL B 543 -31.75 7.29 5.06
CA VAL B 543 -31.16 6.88 3.79
C VAL B 543 -30.88 5.39 3.83
N TYR B 544 -31.33 4.67 2.80
CA TYR B 544 -31.15 3.22 2.71
C TYR B 544 -29.97 2.89 1.80
N MET B 545 -28.77 3.09 2.32
CA MET B 545 -27.58 2.62 1.62
C MET B 545 -27.39 1.15 1.92
N THR B 546 -27.72 0.30 0.94
CA THR B 546 -27.79 -1.14 1.11
C THR B 546 -26.92 -1.85 0.08
N GLU B 547 -25.70 -1.41 -0.07
CA GLU B 547 -24.75 -2.03 -0.98
C GLU B 547 -23.38 -2.06 -0.30
N PRO B 548 -22.56 -3.09 -0.57
CA PRO B 548 -21.28 -3.21 0.13
C PRO B 548 -20.37 -2.00 0.00
N ILE B 549 -20.36 -1.32 -1.15
CA ILE B 549 -19.46 -0.19 -1.33
C ILE B 549 -19.93 1.04 -0.54
N ASP B 550 -21.18 1.03 -0.06
CA ASP B 550 -21.71 2.17 0.68
C ASP B 550 -20.94 2.38 1.97
N GLU B 551 -20.53 1.29 2.63
CA GLU B 551 -19.78 1.42 3.86
C GLU B 551 -18.43 2.07 3.61
N TYR B 552 -17.76 1.68 2.52
CA TYR B 552 -16.51 2.35 2.16
C TYR B 552 -16.75 3.82 1.87
N CYS B 553 -17.84 4.15 1.19
CA CYS B 553 -18.14 5.56 0.92
C CYS B 553 -18.34 6.33 2.21
N VAL B 554 -19.10 5.78 3.14
CA VAL B 554 -19.38 6.45 4.41
C VAL B 554 -18.14 6.58 5.26
N GLN B 555 -17.20 5.65 5.14
CA GLN B 555 -15.93 5.79 5.87
C GLN B 555 -15.27 7.12 5.59
N GLN B 556 -15.36 7.59 4.34
CA GLN B 556 -14.66 8.79 3.92
C GLN B 556 -15.52 10.05 3.91
N LEU B 557 -16.82 9.92 3.63
CA LEU B 557 -17.65 11.11 3.46
C LEU B 557 -17.70 11.96 4.71
N LYS B 558 -18.38 11.48 5.75
CA LYS B 558 -18.34 12.06 7.09
C LYS B 558 -18.99 13.45 7.17
N GLU B 559 -19.42 14.00 6.05
CA GLU B 559 -19.94 15.38 6.01
C GLU B 559 -20.46 15.71 4.63
N PHE B 560 -21.44 16.60 4.53
CA PHE B 560 -21.95 17.05 3.24
C PHE B 560 -22.74 18.34 3.44
N ASP B 561 -22.33 19.39 2.72
CA ASP B 561 -23.04 20.67 2.72
C ASP B 561 -23.27 21.19 4.13
N GLY B 562 -22.21 21.16 4.94
CA GLY B 562 -22.31 21.55 6.33
C GLY B 562 -23.04 20.56 7.21
N LYS B 563 -23.67 19.54 6.64
CA LYS B 563 -24.37 18.52 7.40
C LYS B 563 -23.54 17.25 7.45
N SER B 564 -23.57 16.58 8.60
CA SER B 564 -22.73 15.42 8.86
C SER B 564 -23.57 14.16 8.90
N LEU B 565 -23.10 13.12 8.20
CA LEU B 565 -23.79 11.84 8.20
C LEU B 565 -23.72 11.22 9.59
N VAL B 566 -24.88 10.72 10.05
CA VAL B 566 -24.98 10.08 11.37
C VAL B 566 -25.76 8.78 11.18
N SER B 567 -25.15 7.66 11.57
CA SER B 567 -25.81 6.38 11.41
C SER B 567 -26.69 6.08 12.63
N VAL B 568 -27.71 5.27 12.39
CA VAL B 568 -28.57 4.80 13.47
C VAL B 568 -28.06 3.52 14.11
N THR B 569 -27.02 2.91 13.54
CA THR B 569 -26.41 1.72 14.12
C THR B 569 -25.28 2.04 15.08
N LYS B 570 -24.92 3.31 15.23
CA LYS B 570 -23.85 3.70 16.13
C LYS B 570 -24.45 4.05 17.49
N GLU B 571 -23.62 4.52 18.41
CA GLU B 571 -24.05 4.79 19.77
C GLU B 571 -24.32 6.27 19.97
N GLY B 572 -25.09 6.57 21.02
CA GLY B 572 -25.37 7.94 21.39
C GLY B 572 -26.05 8.75 20.31
N LEU B 573 -26.97 8.13 19.57
CA LEU B 573 -27.71 8.85 18.55
C LEU B 573 -28.53 9.96 19.21
N GLU B 574 -28.43 11.16 18.67
CA GLU B 574 -29.09 12.33 19.23
C GLU B 574 -30.15 12.81 18.25
N LEU B 575 -31.41 12.57 18.60
CA LEU B 575 -32.49 13.09 17.78
C LEU B 575 -33.00 14.39 18.38
N PRO B 576 -33.23 15.43 17.59
CA PRO B 576 -33.83 16.64 18.13
C PRO B 576 -35.21 16.34 18.68
N GLU B 577 -35.40 16.60 19.97
CA GLU B 577 -36.64 16.21 20.63
C GLU B 577 -36.92 17.19 21.76
N ASP B 578 -38.19 17.22 22.19
CA ASP B 578 -38.67 18.27 23.07
C ASP B 578 -38.28 18.06 24.53
N GLU B 579 -38.86 18.85 25.43
CA GLU B 579 -38.59 18.78 26.86
C GLU B 579 -39.45 17.73 27.57
N GLU B 580 -40.64 17.46 27.06
CA GLU B 580 -41.53 16.51 27.73
C GLU B 580 -40.87 15.13 27.84
N GLU B 581 -40.28 14.66 26.74
CA GLU B 581 -39.61 13.37 26.78
C GLU B 581 -38.31 13.45 27.56
N LYS B 582 -37.73 14.65 27.64
CA LYS B 582 -36.40 14.84 28.20
C LYS B 582 -36.35 14.39 29.65
N LYS B 583 -37.50 14.39 30.30
CA LYS B 583 -37.61 13.86 31.66
C LYS B 583 -38.10 12.43 31.71
N LYS B 584 -38.91 12.00 30.74
CA LYS B 584 -39.31 10.61 30.67
C LYS B 584 -38.11 9.69 30.49
N MET B 585 -37.22 10.05 29.56
CA MET B 585 -36.02 9.24 29.34
C MET B 585 -35.13 9.21 30.57
N GLU B 586 -34.97 10.36 31.23
CA GLU B 586 -34.14 10.42 32.43
C GLU B 586 -34.72 9.56 33.54
N GLU B 587 -36.02 9.66 33.77
CA GLU B 587 -36.63 8.86 34.84
C GLU B 587 -36.60 7.38 34.49
N SER B 588 -36.73 7.04 33.20
CA SER B 588 -36.60 5.64 32.79
C SER B 588 -35.19 5.13 33.08
N LYS B 589 -34.17 5.94 32.82
CA LYS B 589 -32.82 5.54 33.18
C LYS B 589 -32.67 5.40 34.68
N ALA B 590 -33.38 6.23 35.45
CA ALA B 590 -33.30 6.14 36.90
C ALA B 590 -34.05 4.94 37.47
N LYS B 591 -35.02 4.39 36.74
CA LYS B 591 -35.75 3.20 37.19
C LYS B 591 -35.35 1.96 36.38
N PHE B 592 -34.15 1.97 35.81
CA PHE B 592 -33.63 0.77 35.16
C PHE B 592 -32.14 0.54 35.43
N GLU B 593 -31.54 1.23 36.40
CA GLU B 593 -30.14 1.01 36.71
C GLU B 593 -29.89 -0.44 37.13
N ASN B 594 -30.72 -0.95 38.04
CA ASN B 594 -30.61 -2.30 38.55
C ASN B 594 -30.52 -3.32 37.43
N LEU B 595 -31.57 -3.39 36.59
CA LEU B 595 -31.62 -4.41 35.55
C LEU B 595 -30.51 -4.24 34.55
N CYS B 596 -30.21 -3.00 34.15
CA CYS B 596 -29.16 -2.76 33.18
C CYS B 596 -27.83 -3.31 33.67
N LYS B 597 -27.44 -2.93 34.89
CA LYS B 597 -26.18 -3.42 35.43
C LYS B 597 -26.19 -4.93 35.60
N LEU B 598 -27.32 -5.47 36.07
CA LEU B 598 -27.40 -6.90 36.34
C LEU B 598 -27.20 -7.72 35.07
N MET B 599 -27.86 -7.33 33.97
CA MET B 599 -27.64 -8.09 32.76
C MET B 599 -26.30 -7.79 32.10
N LYS B 600 -25.78 -6.57 32.24
CA LYS B 600 -24.43 -6.29 31.76
C LYS B 600 -23.43 -7.22 32.40
N GLU B 601 -23.55 -7.43 33.71
CA GLU B 601 -22.63 -8.33 34.40
C GLU B 601 -22.99 -9.79 34.19
N ILE B 602 -24.22 -10.11 33.79
CA ILE B 602 -24.50 -11.47 33.37
C ILE B 602 -23.73 -11.80 32.11
N LEU B 603 -23.70 -10.86 31.16
CA LEU B 603 -22.88 -11.08 29.98
C LEU B 603 -21.40 -10.89 30.29
N ASP B 604 -20.99 -9.70 30.71
CA ASP B 604 -19.74 -9.47 31.42
C ASP B 604 -18.49 -9.58 30.55
N LYS B 605 -18.64 -10.02 29.31
CA LYS B 605 -17.47 -10.19 28.46
C LYS B 605 -17.73 -9.82 27.01
N LYS B 606 -18.98 -9.87 26.58
CA LYS B 606 -19.31 -9.77 25.17
C LYS B 606 -20.09 -8.52 24.82
N VAL B 607 -20.49 -7.74 25.83
CA VAL B 607 -20.99 -6.39 25.63
C VAL B 607 -20.19 -5.45 26.53
N GLU B 608 -19.81 -4.31 25.97
CA GLU B 608 -18.99 -3.37 26.73
C GLU B 608 -19.81 -2.60 27.76
N LYS B 609 -21.09 -2.35 27.47
CA LYS B 609 -21.90 -1.50 28.32
C LYS B 609 -23.37 -1.75 28.01
N VAL B 610 -24.23 -1.38 28.95
CA VAL B 610 -25.67 -1.58 28.81
C VAL B 610 -26.39 -0.32 29.27
N THR B 611 -27.31 0.17 28.45
CA THR B 611 -28.01 1.43 28.69
C THR B 611 -29.49 1.27 28.36
N ILE B 612 -30.19 2.40 28.31
CA ILE B 612 -31.58 2.44 27.92
C ILE B 612 -31.66 2.97 26.49
N SER B 613 -32.47 2.31 25.67
CA SER B 613 -32.50 2.59 24.24
C SER B 613 -33.13 3.95 23.97
N ASN B 614 -32.97 4.40 22.73
CA ASN B 614 -33.52 5.67 22.30
C ASN B 614 -34.19 5.58 20.93
N ARG B 615 -34.25 4.41 20.32
CA ARG B 615 -34.70 4.30 18.94
C ARG B 615 -35.61 3.11 18.68
N LEU B 616 -36.21 2.50 19.70
CA LEU B 616 -37.07 1.34 19.53
C LEU B 616 -38.50 1.67 19.91
N VAL B 617 -39.44 1.05 19.19
CA VAL B 617 -40.86 1.15 19.48
C VAL B 617 -41.49 -0.22 19.72
N SER B 618 -41.28 -1.16 18.79
CA SER B 618 -41.85 -2.49 18.90
C SER B 618 -40.87 -3.52 19.44
N SER B 619 -39.58 -3.34 19.23
CA SER B 619 -38.62 -4.30 19.76
C SER B 619 -38.20 -3.90 21.17
N PRO B 620 -37.83 -4.87 22.01
CA PRO B 620 -37.42 -4.55 23.38
C PRO B 620 -35.94 -4.23 23.51
N CYS B 621 -35.13 -4.64 22.54
CA CYS B 621 -33.70 -4.43 22.62
C CYS B 621 -33.07 -4.59 21.26
N CYS B 622 -31.89 -3.99 21.10
CA CYS B 622 -31.07 -4.13 19.91
C CYS B 622 -29.62 -3.87 20.31
N ILE B 623 -28.72 -3.92 19.33
CA ILE B 623 -27.29 -3.80 19.58
C ILE B 623 -26.69 -2.80 18.62
N VAL B 624 -25.93 -1.85 19.16
CA VAL B 624 -25.25 -0.82 18.37
C VAL B 624 -23.76 -0.88 18.67
N THR B 625 -22.96 -0.50 17.68
CA THR B 625 -21.51 -0.52 17.84
C THR B 625 -21.03 0.80 18.45
N SER B 626 -19.72 0.91 18.61
CA SER B 626 -19.12 2.07 19.25
C SER B 626 -19.05 3.24 18.28
N THR B 627 -18.67 4.41 18.83
CA THR B 627 -18.61 5.61 18.00
C THR B 627 -17.59 5.47 16.87
N TYR B 628 -16.50 4.76 17.11
CA TYR B 628 -15.47 4.54 16.11
C TYR B 628 -15.19 3.05 15.95
N GLY B 629 -14.26 2.76 15.06
CA GLY B 629 -14.09 1.39 14.63
C GLY B 629 -15.17 1.01 13.65
N TRP B 630 -15.23 -0.29 13.37
CA TRP B 630 -16.14 -0.80 12.36
C TRP B 630 -17.56 -0.91 12.91
N THR B 631 -18.53 -0.60 12.06
CA THR B 631 -19.91 -0.92 12.40
C THR B 631 -20.16 -2.41 12.17
N ALA B 632 -21.43 -2.81 12.35
CA ALA B 632 -21.78 -4.22 12.17
C ALA B 632 -21.54 -4.65 10.73
N ASN B 633 -22.10 -3.92 9.78
CA ASN B 633 -21.98 -4.30 8.38
C ASN B 633 -20.54 -4.22 7.89
N MET B 634 -19.79 -3.20 8.32
CA MET B 634 -18.41 -3.08 7.88
C MET B 634 -17.59 -4.28 8.34
N GLU B 635 -17.76 -4.71 9.59
CA GLU B 635 -17.04 -5.87 10.08
C GLU B 635 -17.49 -7.14 9.36
N ARG B 636 -18.80 -7.27 9.14
CA ARG B 636 -19.33 -8.40 8.40
C ARG B 636 -18.70 -8.50 7.01
N ILE B 637 -18.44 -7.35 6.38
CA ILE B 637 -17.83 -7.36 5.04
C ILE B 637 -16.33 -7.61 5.14
N MET B 638 -15.67 -6.99 6.11
CA MET B 638 -14.22 -7.10 6.24
C MET B 638 -13.78 -8.53 6.56
N LYS B 639 -14.58 -9.26 7.32
CA LYS B 639 -14.19 -10.62 7.65
C LYS B 639 -14.38 -11.59 6.50
N ALA B 640 -14.64 -11.10 5.29
CA ALA B 640 -14.87 -11.94 4.11
C ALA B 640 -14.11 -11.38 2.91
N GLN B 641 -12.84 -11.06 3.10
CA GLN B 641 -12.07 -10.39 2.05
C GLN B 641 -11.05 -11.27 1.35
N ALA B 642 -10.59 -12.35 1.99
CA ALA B 642 -9.70 -13.34 1.40
C ALA B 642 -8.28 -12.78 1.21
N LEU B 643 -8.11 -11.49 1.45
CA LEU B 643 -6.79 -10.88 1.51
C LEU B 643 -6.68 -9.94 2.71
N ARG B 644 -7.55 -10.12 3.68
CA ARG B 644 -7.53 -9.32 4.89
C ARG B 644 -6.39 -9.77 5.80
N ASP B 645 -5.60 -8.81 6.26
CA ASP B 645 -4.47 -9.12 7.13
C ASP B 645 -5.01 -9.54 8.50
N ASN B 646 -4.98 -10.84 8.78
CA ASN B 646 -5.65 -11.37 9.95
C ASN B 646 -5.07 -10.80 11.24
N SER B 647 -3.79 -10.42 11.25
CA SER B 647 -3.14 -9.97 12.47
C SER B 647 -3.77 -8.67 12.98
N THR B 648 -4.09 -7.75 12.08
CA THR B 648 -4.55 -6.42 12.46
C THR B 648 -6.07 -6.31 12.50
N MET B 649 -6.77 -7.36 12.90
CA MET B 649 -8.21 -7.24 13.09
C MET B 649 -8.53 -6.39 14.31
N GLY B 650 -7.88 -6.68 15.43
CA GLY B 650 -8.20 -5.99 16.68
C GLY B 650 -7.99 -4.50 16.62
N TYR B 651 -7.01 -4.05 15.84
CA TYR B 651 -6.77 -2.63 15.68
C TYR B 651 -7.93 -1.92 15.00
N MET B 652 -8.81 -2.67 14.32
CA MET B 652 -9.93 -2.06 13.61
C MET B 652 -11.26 -2.69 14.02
N MET B 653 -11.29 -3.36 15.17
CA MET B 653 -12.55 -3.87 15.70
C MET B 653 -13.29 -2.76 16.43
N ALA B 654 -14.50 -3.07 16.87
CA ALA B 654 -15.30 -2.15 17.67
C ALA B 654 -16.05 -2.92 18.74
N LYS B 655 -16.41 -2.20 19.79
CA LYS B 655 -17.09 -2.81 20.93
C LYS B 655 -18.56 -3.05 20.58
N LYS B 656 -19.35 -3.44 21.58
CA LYS B 656 -20.78 -3.64 21.41
C LYS B 656 -21.51 -2.88 22.49
N HIS B 657 -22.81 -2.71 22.28
CA HIS B 657 -23.64 -1.99 23.23
C HIS B 657 -25.04 -2.60 23.19
N LEU B 658 -25.60 -2.83 24.37
CA LEU B 658 -26.97 -3.34 24.49
C LEU B 658 -27.85 -2.23 25.04
N GLU B 659 -29.03 -2.09 24.47
CA GLU B 659 -29.97 -1.04 24.87
C GLU B 659 -31.35 -1.64 25.05
N ILE B 660 -32.14 -1.01 25.89
CA ILE B 660 -33.40 -1.56 26.39
C ILE B 660 -34.54 -0.61 26.07
N ASN B 661 -35.63 -1.15 25.54
CA ASN B 661 -36.83 -0.36 25.29
C ASN B 661 -37.75 -0.52 26.51
N PRO B 662 -37.84 0.48 27.39
CA PRO B 662 -38.58 0.29 28.65
C PRO B 662 -40.06 0.03 28.49
N ASP B 663 -40.66 0.41 27.36
CA ASP B 663 -42.10 0.27 27.20
C ASP B 663 -42.52 -1.16 26.85
N HIS B 664 -41.60 -1.99 26.38
CA HIS B 664 -41.95 -3.32 25.94
C HIS B 664 -42.42 -4.18 27.11
N PRO B 665 -43.49 -4.96 26.93
CA PRO B 665 -43.99 -5.79 28.04
C PRO B 665 -42.99 -6.80 28.55
N ILE B 666 -42.19 -7.41 27.67
CA ILE B 666 -41.30 -8.49 28.11
C ILE B 666 -40.23 -7.96 29.06
N VAL B 667 -39.63 -6.81 28.74
CA VAL B 667 -38.60 -6.27 29.62
C VAL B 667 -39.22 -5.73 30.89
N GLU B 668 -40.44 -5.20 30.83
CA GLU B 668 -41.11 -4.76 32.05
C GLU B 668 -41.33 -5.93 32.99
N THR B 669 -41.82 -7.05 32.47
CA THR B 669 -42.02 -8.23 33.31
C THR B 669 -40.70 -8.78 33.82
N LEU B 670 -39.66 -8.77 32.98
CA LEU B 670 -38.35 -9.25 33.41
C LEU B 670 -37.80 -8.40 34.53
N ARG B 671 -37.94 -7.08 34.42
CA ARG B 671 -37.54 -6.17 35.48
C ARG B 671 -38.34 -6.44 36.76
N GLN B 672 -39.64 -6.69 36.61
CA GLN B 672 -40.46 -7.03 37.77
C GLN B 672 -39.95 -8.29 38.46
N LYS B 673 -39.56 -9.29 37.67
CA LYS B 673 -39.05 -10.54 38.22
C LYS B 673 -37.72 -10.33 38.94
N ALA B 674 -36.77 -9.68 38.26
CA ALA B 674 -35.42 -9.53 38.80
C ALA B 674 -35.41 -8.72 40.08
N GLU B 675 -36.43 -7.89 40.28
CA GLU B 675 -36.49 -7.10 41.51
C GLU B 675 -36.70 -8.01 42.73
N ALA B 676 -37.57 -9.00 42.60
CA ALA B 676 -37.84 -9.89 43.72
C ALA B 676 -36.70 -10.86 44.01
N ASP B 677 -35.81 -11.11 43.03
CA ASP B 677 -34.73 -12.06 43.24
C ASP B 677 -33.62 -11.72 42.24
N LYS B 678 -32.46 -11.32 42.77
CA LYS B 678 -31.34 -10.87 41.96
C LYS B 678 -30.67 -11.99 41.19
N ASN B 679 -31.11 -13.23 41.41
CA ASN B 679 -30.36 -14.36 40.86
C ASN B 679 -31.22 -15.47 40.27
N ASP B 680 -32.48 -15.22 39.94
CA ASP B 680 -33.33 -16.27 39.40
C ASP B 680 -32.71 -16.86 38.14
N LYS B 681 -32.75 -18.20 38.05
CA LYS B 681 -32.23 -18.88 36.86
C LYS B 681 -33.03 -18.51 35.63
N ALA B 682 -34.35 -18.34 35.78
CA ALA B 682 -35.16 -17.87 34.66
C ALA B 682 -34.64 -16.54 34.15
N VAL B 683 -34.26 -15.65 35.07
CA VAL B 683 -33.76 -14.33 34.65
C VAL B 683 -32.52 -14.49 33.79
N LYS B 684 -31.57 -15.30 34.23
CA LYS B 684 -30.33 -15.46 33.47
C LYS B 684 -30.59 -16.11 32.12
N ASP B 685 -31.36 -17.20 32.11
CA ASP B 685 -31.62 -17.88 30.85
C ASP B 685 -32.32 -16.96 29.86
N LEU B 686 -33.32 -16.21 30.32
CA LEU B 686 -34.09 -15.41 29.39
C LEU B 686 -33.30 -14.19 28.94
N VAL B 687 -32.44 -13.64 29.80
CA VAL B 687 -31.57 -12.54 29.38
C VAL B 687 -30.60 -13.01 28.32
N VAL B 688 -30.00 -14.20 28.50
CA VAL B 688 -29.11 -14.72 27.49
C VAL B 688 -29.85 -14.93 26.17
N LEU B 689 -31.09 -15.41 26.25
CA LEU B 689 -31.87 -15.60 25.02
C LEU B 689 -32.15 -14.28 24.34
N LEU B 690 -32.52 -13.25 25.11
CA LEU B 690 -32.75 -11.93 24.51
C LEU B 690 -31.49 -11.40 23.85
N PHE B 691 -30.34 -11.59 24.50
CA PHE B 691 -29.10 -11.12 23.89
C PHE B 691 -28.81 -11.83 22.58
N GLU B 692 -28.99 -13.15 22.54
CA GLU B 692 -28.73 -13.86 21.30
C GLU B 692 -29.67 -13.40 20.20
N THR B 693 -30.96 -13.23 20.53
CA THR B 693 -31.92 -12.80 19.52
C THR B 693 -31.59 -11.41 19.01
N ALA B 694 -31.24 -10.48 19.91
CA ALA B 694 -30.91 -9.13 19.48
C ALA B 694 -29.60 -9.09 18.70
N LEU B 695 -28.65 -9.94 19.06
CA LEU B 695 -27.38 -9.98 18.35
C LEU B 695 -27.56 -10.54 16.95
N LEU B 696 -28.50 -11.46 16.78
CA LEU B 696 -28.84 -11.92 15.43
C LEU B 696 -29.63 -10.88 14.65
N SER B 697 -30.50 -10.14 15.33
CA SER B 697 -31.30 -9.11 14.66
C SER B 697 -30.43 -7.96 14.16
N SER B 698 -29.47 -7.52 14.98
CA SER B 698 -28.67 -6.34 14.65
C SER B 698 -27.68 -6.57 13.53
N GLY B 699 -27.64 -7.77 12.93
CA GLY B 699 -26.80 -8.02 11.78
C GLY B 699 -25.52 -8.77 12.08
N PHE B 700 -25.10 -8.87 13.34
CA PHE B 700 -23.86 -9.54 13.66
C PHE B 700 -23.94 -11.03 13.35
N SER B 701 -22.78 -11.60 13.02
CA SER B 701 -22.66 -13.04 12.95
C SER B 701 -22.40 -13.56 14.36
N LEU B 702 -23.23 -14.50 14.80
CA LEU B 702 -23.17 -15.01 16.16
C LEU B 702 -22.29 -16.25 16.20
N GLU B 703 -21.16 -16.15 16.90
CA GLU B 703 -20.27 -17.29 17.03
C GLU B 703 -20.94 -18.39 17.83
N ASP B 704 -20.47 -19.63 17.69
CA ASP B 704 -21.13 -20.79 18.34
C ASP B 704 -22.69 -20.76 18.14
N PRO B 705 -23.21 -20.76 16.87
CA PRO B 705 -24.67 -20.71 16.76
C PRO B 705 -25.37 -21.95 17.28
N GLN B 706 -24.66 -23.08 17.39
CA GLN B 706 -25.30 -24.27 17.95
C GLN B 706 -25.74 -24.05 19.39
N THR B 707 -25.09 -23.14 20.12
CA THR B 707 -25.56 -22.80 21.46
C THR B 707 -26.98 -22.26 21.41
N HIS B 708 -27.21 -21.26 20.55
CA HIS B 708 -28.54 -20.68 20.39
C HIS B 708 -29.53 -21.73 19.91
N SER B 709 -29.12 -22.53 18.92
CA SER B 709 -30.02 -23.54 18.39
C SER B 709 -30.43 -24.55 19.45
N ASN B 710 -29.48 -24.97 20.28
CA ASN B 710 -29.79 -25.97 21.30
C ASN B 710 -30.62 -25.37 22.42
N ARG B 711 -30.43 -24.09 22.75
CA ARG B 711 -31.33 -23.48 23.71
C ARG B 711 -32.77 -23.47 23.18
N ILE B 712 -32.94 -23.10 21.91
CA ILE B 712 -34.28 -23.12 21.32
C ILE B 712 -34.83 -24.54 21.29
N TYR B 713 -33.98 -25.51 20.91
CA TYR B 713 -34.37 -26.90 20.80
C TYR B 713 -34.86 -27.42 22.15
N ARG B 714 -34.14 -27.07 23.22
CA ARG B 714 -34.54 -27.51 24.55
C ARG B 714 -35.84 -26.86 24.99
N MET B 715 -36.01 -25.58 24.65
CA MET B 715 -37.29 -24.95 24.96
C MET B 715 -38.43 -25.67 24.24
N ILE B 716 -38.20 -26.08 23.00
CA ILE B 716 -39.21 -26.83 22.26
C ILE B 716 -39.45 -28.19 22.90
N LYS B 717 -38.36 -28.88 23.27
CA LYS B 717 -38.48 -30.09 24.08
C LYS B 717 -39.51 -29.93 25.18
N LEU B 718 -39.24 -29.01 26.09
CA LEU B 718 -40.07 -28.97 27.30
C LEU B 718 -41.48 -28.48 26.97
N GLY B 719 -41.59 -27.40 26.19
CA GLY B 719 -42.91 -26.88 25.89
C GLY B 719 -43.79 -27.88 25.17
N LEU B 720 -43.22 -28.60 24.20
CA LEU B 720 -43.99 -29.56 23.44
C LEU B 720 -44.45 -30.73 24.30
N GLY B 721 -43.77 -30.98 25.41
CA GLY B 721 -44.18 -32.05 26.30
C GLY B 721 -43.52 -33.38 26.03
N ILE B 722 -42.19 -33.41 25.95
CA ILE B 722 -41.46 -34.63 25.68
C ILE B 722 -40.76 -35.15 26.93
N MET C 13 19.04 36.66 -43.61
CA MET C 13 18.92 36.84 -42.17
C MET C 13 17.69 36.10 -41.67
N GLN C 14 17.90 35.24 -40.67
CA GLN C 14 16.84 34.42 -40.10
C GLN C 14 16.96 34.42 -38.59
N PRO C 15 15.87 34.21 -37.88
CA PRO C 15 15.93 34.14 -36.42
C PRO C 15 16.62 32.87 -35.95
N ALA C 16 17.19 32.96 -34.75
CA ALA C 16 17.93 31.86 -34.15
C ALA C 16 16.99 30.98 -33.34
N SER C 17 17.19 29.67 -33.44
CA SER C 17 16.36 28.75 -32.69
C SER C 17 16.53 28.98 -31.19
N ALA C 18 15.42 29.05 -30.48
CA ALA C 18 15.44 29.39 -29.06
C ALA C 18 14.45 28.52 -28.29
N LYS C 19 14.78 28.31 -27.02
CA LYS C 19 13.94 27.55 -26.10
C LYS C 19 13.70 28.37 -24.85
N TRP C 20 12.60 28.10 -24.16
CA TRP C 20 12.22 28.94 -23.03
C TRP C 20 11.43 28.14 -22.00
N TYR C 21 11.40 28.69 -20.79
CA TYR C 21 10.60 28.16 -19.68
C TYR C 21 10.49 29.27 -18.65
N ASP C 22 9.80 29.00 -17.54
CA ASP C 22 9.61 30.03 -16.54
C ASP C 22 9.55 29.44 -15.14
N ARG C 23 9.84 30.29 -14.17
CA ARG C 23 9.69 30.02 -12.74
C ARG C 23 8.69 31.01 -12.15
N ARG C 24 8.57 31.01 -10.83
CA ARG C 24 7.68 31.95 -10.17
C ARG C 24 8.10 33.39 -10.43
N ASP C 25 9.41 33.65 -10.45
CA ASP C 25 9.92 35.00 -10.55
C ASP C 25 10.66 35.28 -11.85
N TYR C 26 11.19 34.26 -12.52
CA TYR C 26 12.09 34.44 -13.64
C TYR C 26 11.56 33.71 -14.86
N VAL C 27 11.78 34.28 -16.04
CA VAL C 27 11.53 33.61 -17.30
C VAL C 27 12.85 33.48 -18.03
N PHE C 28 13.18 32.26 -18.43
CA PHE C 28 14.47 31.94 -19.02
C PHE C 28 14.32 31.75 -20.51
N ILE C 29 15.28 32.26 -21.27
CA ILE C 29 15.31 32.10 -22.72
C ILE C 29 16.72 31.71 -23.11
N GLU C 30 16.86 30.61 -23.86
CA GLU C 30 18.14 30.12 -24.30
C GLU C 30 18.16 30.09 -25.81
N PHE C 31 19.09 30.85 -26.41
CA PHE C 31 19.22 30.94 -27.86
C PHE C 31 20.31 29.96 -28.30
N CYS C 32 19.89 28.88 -28.95
CA CYS C 32 20.81 27.79 -29.30
C CYS C 32 21.72 28.18 -30.45
N VAL C 33 22.68 29.05 -30.15
CA VAL C 33 23.70 29.47 -31.09
C VAL C 33 25.05 28.95 -30.60
N GLU C 34 25.65 28.06 -31.39
CA GLU C 34 26.91 27.44 -31.02
C GLU C 34 28.08 28.27 -31.54
N ASP C 35 29.08 28.51 -30.67
CA ASP C 35 30.26 29.30 -31.00
C ASP C 35 29.86 30.70 -31.44
N SER C 36 29.21 31.41 -30.54
CA SER C 36 28.63 32.72 -30.86
C SER C 36 29.71 33.80 -30.80
N LYS C 37 29.77 34.63 -31.83
CA LYS C 37 30.69 35.74 -31.90
C LYS C 37 29.94 37.06 -31.85
N ASP C 38 30.53 38.04 -31.15
CA ASP C 38 30.02 39.40 -31.11
C ASP C 38 28.57 39.45 -30.60
N VAL C 39 28.30 38.71 -29.52
CA VAL C 39 26.95 38.68 -28.97
C VAL C 39 26.59 40.03 -28.39
N ASN C 40 25.44 40.56 -28.80
CA ASN C 40 24.92 41.80 -28.27
C ASN C 40 23.45 41.55 -27.95
N VAL C 41 23.03 41.89 -26.74
CA VAL C 41 21.66 41.69 -26.29
C VAL C 41 21.13 43.01 -25.78
N ASN C 42 19.82 43.21 -25.94
CA ASN C 42 19.19 44.48 -25.59
C ASN C 42 17.92 44.17 -24.80
N PHE C 43 17.75 44.84 -23.67
CA PHE C 43 16.61 44.61 -22.79
C PHE C 43 15.82 45.89 -22.62
N GLU C 44 14.50 45.76 -22.48
CA GLU C 44 13.62 46.90 -22.34
C GLU C 44 12.43 46.47 -21.50
N LYS C 45 11.50 47.40 -21.27
CA LYS C 45 10.40 47.12 -20.36
C LYS C 45 9.53 45.97 -20.85
N SER C 46 9.25 45.92 -22.15
CA SER C 46 8.46 44.84 -22.72
C SER C 46 9.04 44.36 -24.05
N LYS C 47 10.36 44.37 -24.16
CA LYS C 47 11.02 44.15 -25.45
C LYS C 47 12.30 43.36 -25.21
N LEU C 48 12.66 42.53 -26.19
CA LEU C 48 13.89 41.76 -26.15
C LEU C 48 14.48 41.70 -27.55
N THR C 49 15.80 41.85 -27.64
CA THR C 49 16.50 41.80 -28.91
C THR C 49 17.79 41.01 -28.74
N PHE C 50 18.13 40.21 -29.74
CA PHE C 50 19.31 39.36 -29.71
C PHE C 50 19.94 39.33 -31.09
N SER C 51 21.27 39.41 -31.12
CA SER C 51 21.99 39.33 -32.39
C SER C 51 23.37 38.77 -32.14
N CYS C 52 23.88 38.01 -33.11
CA CYS C 52 25.17 37.38 -32.98
C CYS C 52 25.65 36.95 -34.36
N LEU C 53 26.93 36.64 -34.45
CA LEU C 53 27.50 35.98 -35.62
C LEU C 53 27.74 34.53 -35.26
N GLY C 54 26.86 33.65 -35.72
CA GLY C 54 26.81 32.28 -35.24
C GLY C 54 27.64 31.31 -36.05
N GLY C 55 28.24 30.36 -35.34
CA GLY C 55 29.04 29.33 -35.99
C GLY C 55 30.29 29.91 -36.63
N SER C 56 30.79 29.20 -37.64
CA SER C 56 31.99 29.62 -38.35
C SER C 56 31.69 30.09 -39.77
N ASP C 57 30.51 29.77 -40.28
CA ASP C 57 30.09 30.15 -41.63
C ASP C 57 29.57 31.58 -41.67
N ASN C 58 29.56 32.23 -40.51
CA ASN C 58 29.32 33.67 -40.38
C ASN C 58 27.97 34.11 -40.91
N PHE C 59 26.95 33.24 -40.88
CA PHE C 59 25.60 33.74 -41.07
C PHE C 59 25.20 34.62 -39.91
N LYS C 60 24.31 35.57 -40.19
CA LYS C 60 23.81 36.48 -39.17
C LYS C 60 22.56 35.91 -38.51
N HIS C 61 22.27 36.40 -37.31
CA HIS C 61 21.13 35.93 -36.53
C HIS C 61 20.53 37.12 -35.80
N LEU C 62 19.22 37.28 -35.93
CA LEU C 62 18.50 38.38 -35.28
C LEU C 62 17.15 37.88 -34.82
N ASN C 63 16.88 38.01 -33.53
CA ASN C 63 15.60 37.59 -32.96
C ASN C 63 14.93 38.79 -32.33
N GLU C 64 13.66 39.01 -32.67
CA GLU C 64 12.88 40.13 -32.17
C GLU C 64 11.64 39.59 -31.49
N ILE C 65 11.40 40.03 -30.25
CA ILE C 65 10.33 39.50 -29.42
C ILE C 65 9.57 40.65 -28.79
N ASP C 66 8.24 40.56 -28.84
CA ASP C 66 7.36 41.47 -28.10
C ASP C 66 6.93 40.74 -26.84
N LEU C 67 7.47 41.16 -25.71
CA LEU C 67 7.31 40.40 -24.47
C LEU C 67 5.85 40.41 -24.02
N PHE C 68 5.40 39.27 -23.51
CA PHE C 68 4.01 39.11 -23.10
C PHE C 68 3.67 39.91 -21.85
N HIS C 69 4.66 40.28 -21.04
CA HIS C 69 4.45 41.22 -19.95
C HIS C 69 5.76 41.95 -19.66
N CYS C 70 5.70 42.82 -18.65
CA CYS C 70 6.77 43.76 -18.38
C CYS C 70 7.87 43.11 -17.54
N ILE C 71 9.12 43.36 -17.94
CA ILE C 71 10.27 42.87 -17.19
C ILE C 71 11.06 44.05 -16.67
N ASP C 72 12.13 43.78 -15.91
CA ASP C 72 12.94 44.83 -15.31
C ASP C 72 14.31 44.85 -15.98
N PRO C 73 14.56 45.78 -16.90
CA PRO C 73 15.82 45.73 -17.66
C PRO C 73 17.05 45.92 -16.80
N ASN C 74 16.94 46.57 -15.65
CA ASN C 74 18.11 46.75 -14.81
C ASN C 74 18.50 45.47 -14.08
N ASP C 75 17.56 44.55 -13.89
CA ASP C 75 17.80 43.35 -13.12
C ASP C 75 18.16 42.15 -13.99
N SER C 76 17.66 42.08 -15.21
CA SER C 76 17.94 40.95 -16.09
C SER C 76 19.39 40.95 -16.52
N LYS C 77 19.88 39.76 -16.88
CA LYS C 77 21.27 39.60 -17.25
C LYS C 77 21.40 38.48 -18.28
N HIS C 78 22.45 38.57 -19.09
CA HIS C 78 22.76 37.55 -20.08
C HIS C 78 24.20 37.09 -19.90
N LYS C 79 24.38 35.79 -19.77
CA LYS C 79 25.71 35.20 -19.62
C LYS C 79 25.94 34.20 -20.73
N ARG C 80 26.90 34.45 -21.60
CA ARG C 80 27.08 33.57 -22.78
C ARG C 80 28.00 32.40 -22.55
N THR C 81 27.55 31.17 -22.83
CA THR C 81 28.46 30.07 -22.73
C THR C 81 28.80 29.67 -24.10
N ASP C 82 29.69 28.74 -24.24
CA ASP C 82 30.20 28.37 -25.55
C ASP C 82 29.11 27.73 -26.41
N ARG C 83 28.17 27.03 -25.77
CA ARG C 83 27.18 26.33 -26.57
C ARG C 83 25.96 27.19 -26.89
N SER C 84 25.55 28.07 -25.97
CA SER C 84 24.34 28.84 -26.18
C SER C 84 24.37 30.07 -25.28
N ILE C 85 23.56 31.06 -25.65
CA ILE C 85 23.37 32.26 -24.84
C ILE C 85 22.14 32.07 -23.98
N LEU C 86 22.32 32.13 -22.66
CA LEU C 86 21.22 32.02 -21.72
C LEU C 86 20.91 33.38 -21.14
N CYS C 87 19.63 33.73 -21.12
CA CYS C 87 19.17 35.00 -20.57
C CYS C 87 18.18 34.73 -19.46
N CYS C 88 18.26 35.53 -18.40
CA CYS C 88 17.42 35.37 -17.22
C CYS C 88 16.71 36.70 -16.96
N LEU C 89 15.37 36.67 -16.96
CA LEU C 89 14.57 37.88 -16.93
C LEU C 89 13.70 37.92 -15.68
N ARG C 90 13.63 39.07 -15.05
CA ARG C 90 12.78 39.28 -13.88
C ARG C 90 11.40 39.73 -14.32
N LYS C 91 10.38 39.18 -13.69
CA LYS C 91 9.02 39.54 -14.04
C LYS C 91 8.63 40.86 -13.38
N GLY C 92 7.62 41.52 -13.97
CA GLY C 92 7.12 42.75 -13.41
C GLY C 92 6.36 42.58 -12.12
N GLU C 93 5.76 41.41 -11.90
CA GLU C 93 5.09 41.10 -10.64
C GLU C 93 5.42 39.67 -10.29
N SER C 94 5.97 39.47 -9.10
CA SER C 94 6.44 38.15 -8.68
C SER C 94 5.27 37.18 -8.54
N GLY C 95 5.16 36.25 -9.48
CA GLY C 95 4.18 35.17 -9.38
C GLY C 95 3.24 35.04 -10.57
N GLN C 96 3.21 36.00 -11.48
CA GLN C 96 2.28 35.94 -12.60
C GLN C 96 2.67 34.81 -13.55
N SER C 97 1.65 34.16 -14.12
CA SER C 97 1.84 32.97 -14.94
C SER C 97 1.87 33.34 -16.42
N TRP C 98 2.86 32.81 -17.14
CA TRP C 98 3.05 33.10 -18.56
C TRP C 98 2.70 31.86 -19.37
N PRO C 99 1.48 31.74 -19.89
CA PRO C 99 1.18 30.64 -20.80
C PRO C 99 2.03 30.65 -22.05
N ARG C 100 2.40 31.82 -22.55
CA ARG C 100 3.33 31.94 -23.66
C ARG C 100 4.24 33.14 -23.39
N LEU C 101 5.24 33.32 -24.26
CA LEU C 101 6.23 34.35 -24.06
C LEU C 101 5.96 35.62 -24.85
N THR C 102 5.27 35.53 -25.98
CA THR C 102 5.03 36.68 -26.84
C THR C 102 3.65 37.26 -26.57
N LYS C 103 3.43 38.46 -27.10
CA LYS C 103 2.15 39.15 -26.99
C LYS C 103 1.15 38.64 -28.02
N GLU C 104 1.58 38.50 -29.27
CA GLU C 104 0.74 37.92 -30.30
C GLU C 104 0.43 36.46 -29.99
N ARG C 105 -0.65 35.96 -30.56
CA ARG C 105 -1.07 34.58 -30.36
C ARG C 105 -0.57 33.64 -31.44
N ALA C 106 -0.09 34.17 -32.57
CA ALA C 106 0.40 33.30 -33.64
C ALA C 106 1.62 32.54 -33.17
N LYS C 107 1.63 31.24 -33.42
CA LYS C 107 2.75 30.39 -33.02
C LYS C 107 3.96 30.71 -33.86
N LEU C 108 5.10 30.90 -33.21
CA LEU C 108 6.36 31.10 -33.92
C LEU C 108 7.11 29.78 -34.00
N ASN C 109 7.72 29.52 -35.15
CA ASN C 109 8.35 28.23 -35.41
C ASN C 109 9.80 28.17 -34.95
N TRP C 110 10.32 29.23 -34.32
CA TRP C 110 11.67 29.21 -33.76
C TRP C 110 11.64 29.25 -32.24
N LEU C 111 10.52 28.93 -31.61
CA LEU C 111 10.39 28.98 -30.17
C LEU C 111 9.68 27.73 -29.67
N SER C 112 10.19 27.16 -28.59
CA SER C 112 9.63 25.95 -28.01
C SER C 112 9.93 25.94 -26.52
N VAL C 113 9.20 25.12 -25.79
CA VAL C 113 9.30 25.07 -24.34
C VAL C 113 10.38 24.06 -23.96
N ASP C 114 11.19 24.42 -22.97
CA ASP C 114 12.28 23.58 -22.48
C ASP C 114 11.71 22.61 -21.45
N PHE C 115 11.31 21.42 -21.93
CA PHE C 115 10.69 20.43 -21.06
C PHE C 115 11.67 19.80 -20.10
N ASN C 116 12.97 20.00 -20.28
CA ASN C 116 13.97 19.50 -19.35
C ASN C 116 14.20 20.45 -18.19
N ASN C 117 13.50 21.57 -18.15
CA ASN C 117 13.54 22.46 -17.00
C ASN C 117 12.16 22.96 -16.59
N TRP C 118 11.11 22.59 -17.31
CA TRP C 118 9.76 23.04 -17.01
C TRP C 118 9.30 22.50 -15.66
N LYS C 119 8.48 23.29 -14.96
CA LYS C 119 8.00 22.90 -13.64
C LYS C 119 6.74 23.67 -13.31
N ASP C 120 5.88 23.05 -12.50
CA ASP C 120 4.64 23.65 -12.01
C ASP C 120 4.92 24.36 -10.70
N TRP C 121 5.27 25.64 -10.80
CA TRP C 121 5.52 26.41 -9.59
C TRP C 121 4.24 26.93 -8.97
N GLU C 122 3.11 26.90 -9.69
CA GLU C 122 1.86 27.40 -9.14
C GLU C 122 1.33 26.47 -8.04
N ASP C 123 1.25 25.18 -8.32
CA ASP C 123 0.73 24.19 -7.37
C ASP C 123 1.90 23.44 -6.73
N ASP C 124 2.53 24.09 -5.75
CA ASP C 124 3.68 23.52 -5.06
C ASP C 124 3.25 22.39 -4.13
N SER C 125 3.50 21.15 -4.54
CA SER C 125 3.18 19.97 -3.75
C SER C 125 1.70 19.89 -3.38
N MET D 13 45.25 -11.65 -37.44
CA MET D 13 46.14 -12.04 -36.34
C MET D 13 45.42 -11.83 -35.00
N GLN D 14 44.35 -11.06 -35.03
CA GLN D 14 43.57 -10.72 -33.85
C GLN D 14 42.15 -11.19 -34.06
N PRO D 15 41.51 -11.72 -33.02
CA PRO D 15 40.12 -12.16 -33.16
C PRO D 15 39.16 -10.98 -33.30
N ALA D 16 38.12 -11.19 -34.11
CA ALA D 16 37.11 -10.17 -34.36
C ALA D 16 35.90 -10.40 -33.47
N SER D 17 35.15 -9.33 -33.24
CA SER D 17 33.97 -9.42 -32.40
C SER D 17 32.92 -10.29 -33.05
N ALA D 18 31.98 -10.78 -32.24
CA ALA D 18 30.98 -11.70 -32.73
C ALA D 18 29.76 -11.68 -31.82
N LYS D 19 28.59 -11.87 -32.43
CA LYS D 19 27.33 -12.07 -31.73
C LYS D 19 26.68 -13.33 -32.25
N TRP D 20 25.88 -13.97 -31.40
CA TRP D 20 25.37 -15.28 -31.76
C TRP D 20 24.07 -15.57 -31.02
N TYR D 21 23.37 -16.58 -31.51
CA TYR D 21 22.14 -17.09 -30.90
C TYR D 21 21.84 -18.43 -31.57
N ASP D 22 20.69 -19.04 -31.26
CA ASP D 22 20.35 -20.32 -31.83
C ASP D 22 18.84 -20.50 -31.85
N ARG D 23 18.41 -21.51 -32.60
CA ARG D 23 17.00 -21.82 -32.79
C ARG D 23 16.86 -23.33 -32.74
N ARG D 24 15.72 -23.84 -33.22
CA ARG D 24 15.44 -25.28 -33.13
C ARG D 24 16.51 -26.10 -33.81
N ASP D 25 16.97 -25.69 -34.98
CA ASP D 25 17.93 -26.48 -35.73
C ASP D 25 19.19 -25.73 -36.13
N TYR D 26 19.29 -24.43 -35.86
CA TYR D 26 20.35 -23.62 -36.44
C TYR D 26 21.12 -22.85 -35.36
N VAL D 27 22.39 -22.61 -35.65
CA VAL D 27 23.27 -21.80 -34.82
C VAL D 27 23.77 -20.65 -35.68
N PHE D 28 23.38 -19.42 -35.33
CA PHE D 28 23.70 -18.24 -36.13
C PHE D 28 24.78 -17.44 -35.41
N ILE D 29 25.90 -17.22 -36.09
CA ILE D 29 26.97 -16.35 -35.61
C ILE D 29 27.12 -15.21 -36.60
N GLU D 30 27.26 -14.00 -36.08
CA GLU D 30 27.48 -12.80 -36.88
C GLU D 30 28.77 -12.12 -36.44
N PHE D 31 29.66 -11.88 -37.39
CA PHE D 31 30.94 -11.25 -37.11
C PHE D 31 30.85 -9.77 -37.50
N CYS D 32 31.06 -8.90 -36.52
CA CYS D 32 30.84 -7.46 -36.71
C CYS D 32 32.05 -6.79 -37.36
N VAL D 33 32.29 -7.14 -38.63
CA VAL D 33 33.31 -6.51 -39.43
C VAL D 33 32.64 -5.67 -40.52
N GLU D 34 33.29 -4.56 -40.86
CA GLU D 34 32.77 -3.62 -41.86
C GLU D 34 33.73 -3.54 -43.04
N ASP D 35 33.17 -3.53 -44.24
CA ASP D 35 33.95 -3.49 -45.48
C ASP D 35 34.96 -4.64 -45.52
N SER D 36 34.43 -5.85 -45.48
CA SER D 36 35.26 -7.04 -45.47
C SER D 36 35.73 -7.37 -46.88
N LYS D 37 37.02 -7.71 -47.00
CA LYS D 37 37.59 -8.13 -48.27
C LYS D 37 37.89 -9.62 -48.24
N ASP D 38 37.59 -10.28 -49.36
CA ASP D 38 37.88 -11.69 -49.67
C ASP D 38 37.83 -12.58 -48.42
N VAL D 39 36.68 -12.59 -47.75
CA VAL D 39 36.52 -13.43 -46.56
C VAL D 39 36.62 -14.90 -46.95
N ASN D 40 37.18 -15.69 -46.04
CA ASN D 40 37.20 -17.14 -46.16
C ASN D 40 36.63 -17.72 -44.87
N VAL D 41 35.68 -18.64 -45.01
CA VAL D 41 35.11 -19.34 -43.88
C VAL D 41 34.99 -20.81 -44.25
N ASN D 42 35.53 -21.68 -43.39
CA ASN D 42 35.60 -23.11 -43.67
C ASN D 42 34.83 -23.84 -42.57
N PHE D 43 34.25 -24.97 -42.93
CA PHE D 43 33.45 -25.77 -42.00
C PHE D 43 33.96 -27.20 -41.96
N GLU D 44 33.99 -27.75 -40.75
CA GLU D 44 34.36 -29.14 -40.51
C GLU D 44 33.40 -29.69 -39.46
N LYS D 45 33.73 -30.86 -38.90
CA LYS D 45 32.83 -31.51 -37.96
C LYS D 45 32.65 -30.69 -36.68
N SER D 46 33.72 -30.07 -36.18
CA SER D 46 33.65 -29.41 -34.88
C SER D 46 34.36 -28.07 -34.81
N LYS D 47 34.84 -27.52 -35.92
CA LYS D 47 35.58 -26.27 -35.90
C LYS D 47 35.06 -25.33 -36.97
N LEU D 48 35.14 -24.03 -36.69
CA LEU D 48 34.77 -22.98 -37.63
C LEU D 48 35.89 -21.95 -37.66
N THR D 49 36.45 -21.74 -38.85
CA THR D 49 37.51 -20.76 -39.05
C THR D 49 36.97 -19.63 -39.92
N PHE D 50 37.12 -18.40 -39.43
CA PHE D 50 36.64 -17.21 -40.14
C PHE D 50 37.81 -16.27 -40.37
N SER D 51 38.02 -15.88 -41.62
CA SER D 51 39.17 -15.07 -41.99
C SER D 51 38.70 -13.91 -42.85
N CYS D 52 39.14 -12.69 -42.51
CA CYS D 52 38.76 -11.51 -43.26
C CYS D 52 39.89 -10.49 -43.23
N LEU D 53 39.66 -9.38 -43.92
CA LEU D 53 40.57 -8.23 -43.91
C LEU D 53 39.67 -7.00 -44.05
N GLY D 54 39.36 -6.35 -42.92
CA GLY D 54 38.34 -5.34 -42.86
C GLY D 54 38.89 -3.94 -42.71
N GLY D 55 38.16 -2.99 -43.31
CA GLY D 55 38.52 -1.59 -43.25
C GLY D 55 39.62 -1.24 -44.23
N SER D 56 39.74 0.07 -44.50
CA SER D 56 40.85 0.56 -45.29
C SER D 56 42.15 0.55 -44.49
N ASP D 57 42.04 0.48 -43.17
CA ASP D 57 43.22 0.37 -42.30
C ASP D 57 44.00 -0.92 -42.55
N ASN D 58 43.36 -1.95 -43.08
CA ASN D 58 44.00 -3.22 -43.41
C ASN D 58 44.62 -3.86 -42.17
N PHE D 59 43.76 -4.14 -41.20
CA PHE D 59 44.09 -4.94 -40.04
C PHE D 59 43.50 -6.33 -40.22
N LYS D 60 44.35 -7.35 -40.14
CA LYS D 60 43.87 -8.71 -40.36
C LYS D 60 43.09 -9.20 -39.15
N HIS D 61 42.20 -10.17 -39.39
CA HIS D 61 41.36 -10.72 -38.34
C HIS D 61 41.20 -12.22 -38.60
N LEU D 62 41.41 -13.02 -37.56
CA LEU D 62 41.26 -14.47 -37.65
C LEU D 62 40.57 -14.98 -36.40
N ASN D 63 39.64 -15.92 -36.58
CA ASN D 63 38.92 -16.54 -35.47
C ASN D 63 38.90 -18.04 -35.68
N GLU D 64 39.38 -18.78 -34.68
CA GLU D 64 39.38 -20.24 -34.69
C GLU D 64 38.72 -20.72 -33.40
N ILE D 65 37.51 -21.24 -33.50
CA ILE D 65 36.76 -21.71 -32.33
C ILE D 65 36.35 -23.16 -32.55
N ASP D 66 36.63 -24.00 -31.55
CA ASP D 66 36.06 -25.33 -31.50
C ASP D 66 34.61 -25.25 -31.04
N LEU D 67 33.78 -26.16 -31.54
CA LEU D 67 32.34 -26.05 -31.35
C LEU D 67 31.87 -26.86 -30.15
N PHE D 68 30.77 -26.40 -29.55
CA PHE D 68 30.22 -27.07 -28.37
C PHE D 68 29.75 -28.46 -28.71
N HIS D 69 29.02 -28.61 -29.81
CA HIS D 69 28.68 -29.92 -30.35
C HIS D 69 28.79 -29.89 -31.87
N CYS D 70 28.80 -31.07 -32.46
CA CYS D 70 29.01 -31.19 -33.89
C CYS D 70 27.89 -30.53 -34.68
N ILE D 71 28.23 -30.02 -35.86
CA ILE D 71 27.25 -29.41 -36.75
C ILE D 71 27.36 -30.03 -38.12
N ASP D 72 26.58 -29.53 -39.08
CA ASP D 72 26.54 -30.11 -40.42
C ASP D 72 27.27 -29.23 -41.41
N PRO D 73 28.45 -29.64 -41.90
CA PRO D 73 29.16 -28.80 -42.89
C PRO D 73 28.43 -28.68 -44.21
N ASN D 74 27.48 -29.55 -44.50
CA ASN D 74 26.75 -29.47 -45.76
C ASN D 74 25.70 -28.36 -45.71
N ASP D 75 24.77 -28.45 -44.77
CA ASP D 75 23.66 -27.52 -44.66
C ASP D 75 24.11 -26.12 -44.25
N SER D 76 25.30 -25.98 -43.66
CA SER D 76 25.79 -24.69 -43.23
C SER D 76 26.21 -23.83 -44.41
N LYS D 77 26.06 -22.46 -44.25
CA LYS D 77 26.37 -21.44 -45.28
C LYS D 77 26.65 -20.02 -44.72
N HIS D 78 27.33 -19.16 -45.50
CA HIS D 78 27.63 -17.79 -45.06
C HIS D 78 27.20 -16.68 -46.04
N LYS D 79 27.01 -15.44 -45.57
CA LYS D 79 26.57 -14.31 -46.42
C LYS D 79 27.27 -13.00 -46.07
N ARG D 80 27.97 -12.43 -47.05
CA ARG D 80 28.69 -11.19 -46.83
C ARG D 80 27.85 -10.02 -47.25
N THR D 81 27.41 -9.20 -46.30
CA THR D 81 26.75 -8.00 -46.71
C THR D 81 27.80 -6.98 -46.60
N ASP D 82 27.61 -6.03 -45.74
CA ASP D 82 28.62 -5.06 -45.50
C ASP D 82 28.78 -4.84 -44.10
N ARG D 83 27.69 -4.75 -43.42
CA ARG D 83 27.84 -4.41 -42.08
C ARG D 83 28.43 -5.53 -41.31
N SER D 84 28.37 -6.78 -41.82
CA SER D 84 28.82 -7.88 -40.97
C SER D 84 28.83 -9.14 -41.83
N ILE D 85 29.31 -10.24 -41.24
CA ILE D 85 29.32 -11.54 -41.90
C ILE D 85 28.40 -12.47 -41.13
N LEU D 86 27.50 -13.13 -41.84
CA LEU D 86 26.50 -13.99 -41.21
C LEU D 86 26.86 -15.45 -41.46
N CYS D 87 26.76 -16.27 -40.42
CA CYS D 87 27.07 -17.69 -40.50
C CYS D 87 25.88 -18.48 -40.00
N CYS D 88 25.42 -19.42 -40.82
CA CYS D 88 24.30 -20.30 -40.48
C CYS D 88 24.85 -21.70 -40.24
N LEU D 89 24.65 -22.23 -39.04
CA LEU D 89 25.16 -23.53 -38.64
C LEU D 89 23.98 -24.39 -38.21
N ARG D 90 23.71 -25.47 -38.95
CA ARG D 90 22.67 -26.41 -38.57
C ARG D 90 23.25 -27.45 -37.62
N LYS D 91 22.56 -27.69 -36.52
CA LYS D 91 23.07 -28.53 -35.45
C LYS D 91 23.23 -29.97 -35.95
N GLY D 92 24.22 -30.67 -35.39
CA GLY D 92 24.43 -32.06 -35.77
C GLY D 92 23.27 -32.95 -35.39
N GLU D 93 22.49 -32.54 -34.40
CA GLU D 93 21.27 -33.26 -34.02
C GLU D 93 20.29 -32.24 -33.46
N SER D 94 19.10 -32.16 -34.06
CA SER D 94 18.18 -31.09 -33.79
C SER D 94 17.63 -31.17 -32.37
N GLY D 95 17.15 -30.03 -31.87
CA GLY D 95 16.58 -29.96 -30.55
C GLY D 95 17.61 -29.72 -29.47
N GLN D 96 18.85 -30.09 -29.75
CA GLN D 96 19.95 -29.94 -28.79
C GLN D 96 20.12 -28.47 -28.40
N SER D 97 19.85 -28.15 -27.13
CA SER D 97 20.07 -26.79 -26.65
C SER D 97 21.55 -26.53 -26.44
N TRP D 98 21.97 -25.31 -26.77
CA TRP D 98 23.36 -24.90 -26.59
C TRP D 98 23.44 -23.84 -25.50
N PRO D 99 23.86 -24.19 -24.29
CA PRO D 99 24.13 -23.16 -23.28
C PRO D 99 25.27 -22.24 -23.64
N ARG D 100 26.14 -22.63 -24.57
CA ARG D 100 27.25 -21.79 -25.00
C ARG D 100 27.63 -22.21 -26.41
N LEU D 101 28.72 -21.62 -26.91
CA LEU D 101 29.12 -21.87 -28.29
C LEU D 101 30.36 -22.76 -28.41
N THR D 102 31.39 -22.49 -27.62
CA THR D 102 32.63 -23.25 -27.69
C THR D 102 32.57 -24.43 -26.74
N LYS D 103 33.70 -25.10 -26.54
CA LYS D 103 33.76 -26.25 -25.63
C LYS D 103 34.24 -25.82 -24.24
N GLU D 104 35.37 -25.11 -24.19
CA GLU D 104 35.87 -24.62 -22.91
C GLU D 104 34.90 -23.61 -22.31
N ARG D 105 34.84 -23.60 -20.98
CA ARG D 105 33.88 -22.78 -20.25
C ARG D 105 34.40 -21.39 -19.94
N ALA D 106 35.66 -21.11 -20.24
CA ALA D 106 36.19 -19.77 -20.04
C ALA D 106 35.55 -18.80 -21.01
N LYS D 107 35.40 -17.55 -20.56
CA LYS D 107 34.67 -16.54 -21.32
C LYS D 107 35.60 -15.90 -22.35
N LEU D 108 35.42 -16.27 -23.61
CA LEU D 108 36.13 -15.61 -24.70
C LEU D 108 35.60 -14.19 -24.80
N ASN D 109 36.42 -13.21 -24.44
CA ASN D 109 35.95 -11.85 -24.24
C ASN D 109 35.50 -11.16 -25.52
N TRP D 110 35.76 -11.74 -26.69
CA TRP D 110 35.35 -11.13 -27.94
C TRP D 110 33.99 -11.61 -28.42
N LEU D 111 33.28 -12.39 -27.61
CA LEU D 111 32.03 -13.00 -28.02
C LEU D 111 30.94 -12.70 -27.01
N SER D 112 29.70 -12.57 -27.51
CA SER D 112 28.54 -12.34 -26.67
C SER D 112 27.30 -12.77 -27.43
N VAL D 113 26.25 -13.06 -26.68
CA VAL D 113 24.98 -13.47 -27.26
C VAL D 113 24.22 -12.25 -27.76
N ASP D 114 23.53 -12.41 -28.88
CA ASP D 114 22.79 -11.31 -29.50
C ASP D 114 21.35 -11.36 -28.98
N PHE D 115 21.01 -10.42 -28.11
CA PHE D 115 19.68 -10.37 -27.51
C PHE D 115 18.68 -9.55 -28.30
N ASN D 116 19.10 -8.87 -29.37
CA ASN D 116 18.15 -8.15 -30.20
C ASN D 116 17.18 -9.08 -30.91
N ASN D 117 17.60 -10.31 -31.18
CA ASN D 117 16.67 -11.30 -31.76
C ASN D 117 16.80 -12.66 -31.08
N TRP D 118 17.21 -12.68 -29.81
CA TRP D 118 17.20 -13.88 -28.98
C TRP D 118 15.79 -14.45 -28.89
N LYS D 119 15.66 -15.74 -28.57
CA LYS D 119 14.35 -16.34 -28.42
C LYS D 119 14.46 -17.55 -27.52
N ASP D 120 13.58 -17.63 -26.52
CA ASP D 120 13.52 -18.80 -25.65
C ASP D 120 12.63 -19.84 -26.32
N TRP D 121 13.22 -20.52 -27.30
CA TRP D 121 12.45 -21.42 -28.16
C TRP D 121 12.01 -22.69 -27.44
N GLU D 122 12.66 -23.06 -26.33
CA GLU D 122 12.30 -24.26 -25.61
C GLU D 122 11.30 -23.95 -24.49
N ASP D 123 10.11 -23.52 -24.88
CA ASP D 123 9.05 -23.21 -23.93
C ASP D 123 8.12 -24.41 -23.75
N PRO E 280 -15.29 -19.75 -11.49
CA PRO E 280 -14.39 -19.35 -10.40
C PRO E 280 -14.34 -17.84 -10.20
N PRO E 281 -15.18 -17.31 -9.33
CA PRO E 281 -15.18 -15.86 -9.09
C PRO E 281 -13.83 -15.40 -8.57
N SER E 282 -13.41 -14.23 -9.04
CA SER E 282 -12.07 -13.73 -8.74
C SER E 282 -12.06 -13.01 -7.40
N ILE E 283 -10.92 -12.42 -7.08
CA ILE E 283 -10.74 -11.60 -5.89
C ILE E 283 -10.63 -10.16 -6.35
N LEU E 284 -11.66 -9.37 -6.04
CA LEU E 284 -11.80 -8.02 -6.58
C LEU E 284 -12.16 -7.05 -5.46
N GLU E 285 -11.48 -7.16 -4.33
CA GLU E 285 -11.71 -6.29 -3.19
C GLU E 285 -10.77 -5.08 -3.25
N ILE E 286 -11.27 -3.94 -2.78
CA ILE E 286 -10.48 -2.71 -2.78
C ILE E 286 -9.54 -2.72 -1.59
N ARG E 287 -8.27 -2.45 -1.86
CA ARG E 287 -7.26 -2.46 -0.81
C ARG E 287 -7.34 -1.19 0.03
N THR E 288 -6.88 -1.30 1.28
CA THR E 288 -7.08 -0.25 2.27
C THR E 288 -5.75 0.46 2.53
N LYS E 289 -5.77 1.58 3.27
CA LYS E 289 -4.59 2.36 3.56
C LYS E 289 -4.22 2.33 5.04
N ASN E 290 -4.09 1.16 5.64
CA ASN E 290 -3.77 1.05 7.06
C ASN E 290 -2.40 1.65 7.37
N PHE E 291 -2.23 2.17 8.59
CA PHE E 291 -1.08 2.98 8.96
C PHE E 291 -0.19 2.31 10.00
N ILE E 292 0.04 1.00 9.87
CA ILE E 292 0.83 0.29 10.89
C ILE E 292 2.31 0.62 10.72
N PHE E 293 2.99 0.88 11.84
CA PHE E 293 4.42 1.16 11.83
C PHE E 293 5.10 0.52 13.03
N ARG E 294 6.39 0.25 12.89
CA ARG E 294 7.18 -0.48 13.88
C ARG E 294 8.36 0.35 14.37
N THR E 295 8.84 0.01 15.58
CA THR E 295 9.96 0.67 16.23
C THR E 295 10.78 -0.36 17.02
N LYS E 296 12.10 -0.18 17.19
CA LYS E 296 12.84 -1.15 18.03
C LYS E 296 13.05 -0.73 19.49
N HIS E 297 12.47 -1.45 20.45
CA HIS E 297 12.52 -1.12 21.87
C HIS E 297 13.55 -2.03 22.53
N LYS E 298 14.29 -1.58 23.50
CA LYS E 298 15.28 -2.41 24.09
C LYS E 298 14.66 -3.03 25.28
N LEU E 299 15.35 -3.89 25.98
CA LEU E 299 14.76 -4.67 27.06
C LEU E 299 14.10 -3.80 28.12
N ASP E 300 14.60 -2.58 28.34
CA ASP E 300 13.97 -1.63 29.22
C ASP E 300 12.88 -0.82 28.54
N PHE E 301 12.43 -1.25 27.37
CA PHE E 301 11.33 -0.71 26.57
C PHE E 301 11.82 0.55 25.84
N THR E 302 13.05 0.99 26.07
CA THR E 302 13.58 2.18 25.43
C THR E 302 13.92 1.90 23.96
N PRO E 303 13.63 2.84 23.06
CA PRO E 303 13.86 2.57 21.64
C PRO E 303 15.32 2.78 21.25
N ILE E 304 15.72 2.11 20.16
CA ILE E 304 16.98 2.38 19.51
C ILE E 304 16.83 2.55 18.01
N GLY E 305 15.62 2.80 17.51
CA GLY E 305 15.41 3.06 16.10
C GLY E 305 13.97 2.85 15.65
N CYS E 306 13.62 3.42 14.49
CA CYS E 306 12.29 3.30 13.92
C CYS E 306 12.39 3.06 12.42
N ASP E 307 11.33 2.51 11.83
CA ASP E 307 11.34 2.19 10.41
C ASP E 307 10.79 3.37 9.60
N ALA E 308 10.56 3.15 8.31
CA ALA E 308 10.25 4.22 7.36
C ALA E 308 8.97 4.97 7.69
N LYS E 309 7.83 4.28 7.74
CA LYS E 309 6.57 4.97 7.94
C LYS E 309 6.55 5.72 9.27
N GLY E 310 7.30 5.24 10.26
CA GLY E 310 7.46 5.99 11.48
C GLY E 310 8.21 7.30 11.29
N GLN E 311 9.14 7.32 10.32
CA GLN E 311 9.94 8.51 10.07
C GLN E 311 9.05 9.70 9.72
N LEU E 312 7.84 9.42 9.23
CA LEU E 312 6.90 10.46 8.84
C LEU E 312 5.69 10.57 9.75
N ILE E 313 5.09 9.44 10.15
CA ILE E 313 3.94 9.51 11.04
C ILE E 313 4.31 10.20 12.34
N LEU E 314 5.41 9.78 12.95
CA LEU E 314 5.94 10.55 14.07
C LEU E 314 6.68 11.78 13.59
N GLY E 315 7.37 11.69 12.47
CA GLY E 315 8.12 12.80 11.92
C GLY E 315 9.49 13.00 12.52
N TYR E 316 9.82 12.27 13.58
CA TYR E 316 11.05 12.48 14.32
C TYR E 316 12.08 11.52 13.71
N THR E 317 13.03 12.06 12.96
CA THR E 317 13.87 11.27 12.07
C THR E 317 14.70 10.27 12.87
N GLU E 318 15.19 9.24 12.16
CA GLU E 318 15.98 8.15 12.72
C GLU E 318 17.03 8.57 13.73
N VAL E 319 17.98 9.42 13.31
CA VAL E 319 19.22 9.64 14.04
C VAL E 319 18.98 10.20 15.43
N GLU E 320 18.08 11.17 15.56
CA GLU E 320 17.82 11.82 16.84
C GLU E 320 17.21 10.90 17.88
N LEU E 321 16.35 9.96 17.48
CA LEU E 321 15.87 8.96 18.43
C LEU E 321 16.84 7.80 18.60
N CYS E 322 17.66 7.52 17.60
CA CYS E 322 18.60 6.41 17.66
C CYS E 322 19.74 6.70 18.63
N THR E 323 20.32 7.90 18.53
CA THR E 323 21.45 8.25 19.37
C THR E 323 21.03 8.85 20.71
N ARG E 324 20.03 9.72 20.72
CA ARG E 324 19.77 10.58 21.88
C ARG E 324 18.47 10.27 22.60
N GLY E 325 17.31 10.36 21.94
CA GLY E 325 16.05 10.00 22.55
C GLY E 325 15.71 10.73 23.82
N SER E 326 16.28 11.93 23.98
CA SER E 326 16.00 12.86 25.07
C SER E 326 16.47 12.34 26.43
N GLY E 327 16.95 11.11 26.48
CA GLY E 327 17.36 10.54 27.74
C GLY E 327 16.23 9.93 28.55
N TYR E 328 15.02 10.47 28.43
CA TYR E 328 13.88 9.98 29.19
C TYR E 328 12.92 9.20 28.30
N GLN E 329 11.87 8.69 28.94
CA GLN E 329 10.91 7.81 28.29
C GLN E 329 10.15 8.57 27.20
N PHE E 330 9.81 7.86 26.12
CA PHE E 330 9.03 8.47 25.03
C PHE E 330 7.56 8.20 25.31
N ILE E 331 7.26 7.60 26.45
CA ILE E 331 5.90 7.33 26.89
C ILE E 331 5.51 8.32 27.98
N HIS E 332 4.37 8.96 27.81
CA HIS E 332 3.84 9.85 28.83
C HIS E 332 3.67 9.11 30.15
N ALA E 333 3.88 9.82 31.26
CA ALA E 333 3.89 9.18 32.57
C ALA E 333 2.52 8.59 32.91
N ALA E 334 1.45 9.23 32.47
CA ALA E 334 0.11 8.72 32.76
C ALA E 334 -0.20 7.43 32.00
N ASP E 335 0.77 6.91 31.25
CA ASP E 335 0.54 5.71 30.45
C ASP E 335 1.70 4.75 30.60
N MET E 336 2.77 5.22 31.24
CA MET E 336 3.97 4.38 31.41
C MET E 336 3.77 3.37 32.51
N LEU E 337 2.74 3.57 33.33
CA LEU E 337 2.43 2.60 34.37
C LEU E 337 1.63 1.49 33.71
N HIS E 338 1.02 1.80 32.58
CA HIS E 338 0.21 0.81 31.88
C HIS E 338 1.06 0.04 30.90
N CYS E 339 2.36 0.30 30.89
CA CYS E 339 3.26 -0.46 30.04
C CYS E 339 3.64 -1.71 30.80
N ALA E 340 3.70 -1.62 32.12
CA ALA E 340 4.09 -2.76 32.95
C ALA E 340 3.17 -3.95 32.83
N GLU E 341 1.86 -3.70 32.75
CA GLU E 341 0.89 -4.78 32.63
C GLU E 341 1.02 -5.48 31.30
N SER E 342 1.48 -4.78 30.28
CA SER E 342 1.72 -5.41 28.99
C SER E 342 2.98 -6.24 29.08
N HIS E 343 4.00 -5.70 29.75
CA HIS E 343 5.27 -6.39 29.84
C HIS E 343 5.23 -7.76 30.50
N ILE E 344 4.39 -7.95 31.51
CA ILE E 344 4.38 -9.23 32.20
C ILE E 344 3.88 -10.33 31.26
N ARG E 345 2.91 -10.03 30.41
CA ARG E 345 2.46 -11.01 29.43
C ARG E 345 3.59 -11.24 28.46
N MET E 346 4.20 -10.15 27.99
CA MET E 346 5.30 -10.26 27.04
C MET E 346 6.45 -11.15 27.51
N ILE E 347 6.74 -11.16 28.81
CA ILE E 347 7.89 -11.95 29.27
C ILE E 347 7.54 -13.41 29.55
N LYS E 348 6.26 -13.72 29.79
CA LYS E 348 5.86 -15.10 29.99
C LYS E 348 5.65 -15.83 28.67
N THR E 349 4.99 -15.20 27.71
CA THR E 349 4.68 -15.87 26.46
C THR E 349 5.35 -15.22 25.24
N GLY E 350 5.32 -13.88 25.15
CA GLY E 350 5.93 -13.18 24.03
C GLY E 350 5.12 -12.01 23.51
N GLU E 351 3.81 -12.01 23.70
CA GLU E 351 2.94 -10.97 23.18
C GLU E 351 2.35 -10.17 24.32
N SER E 352 2.46 -8.85 24.25
CA SER E 352 1.98 -7.96 25.28
C SER E 352 0.49 -7.70 25.20
N GLY E 353 -0.18 -8.20 24.15
CA GLY E 353 -1.59 -7.90 23.97
C GLY E 353 -1.82 -6.52 23.41
N MET E 354 -3.07 -6.08 23.38
CA MET E 354 -3.43 -4.83 22.74
C MET E 354 -3.47 -3.73 23.79
N THR E 355 -2.52 -2.79 23.70
CA THR E 355 -2.40 -1.71 24.67
C THR E 355 -2.25 -0.38 23.95
N VAL E 356 -2.48 0.70 24.69
CA VAL E 356 -2.48 2.05 24.13
C VAL E 356 -1.50 2.92 24.92
N PHE E 357 -0.62 3.61 24.19
CA PHE E 357 0.36 4.54 24.76
C PHE E 357 0.16 5.94 24.18
N ARG E 358 1.08 6.84 24.51
CA ARG E 358 1.14 8.19 23.96
C ARG E 358 2.59 8.58 23.69
N LEU E 359 2.99 8.49 22.42
CA LEU E 359 4.32 8.88 21.98
C LEU E 359 4.47 10.40 22.01
N PHE E 360 5.72 10.84 21.94
CA PHE E 360 6.08 12.22 21.65
C PHE E 360 6.21 12.43 20.15
N ALA E 361 5.98 13.67 19.72
CA ALA E 361 6.26 14.07 18.36
C ALA E 361 7.05 15.37 18.40
N LYS E 362 7.62 15.72 17.25
CA LYS E 362 8.57 16.83 17.20
C LYS E 362 7.91 18.15 17.57
N HIS E 363 6.68 18.38 17.12
CA HIS E 363 5.97 19.59 17.54
C HIS E 363 5.27 19.43 18.88
N SER E 364 5.96 18.90 19.90
CA SER E 364 5.40 18.69 21.23
C SER E 364 4.06 17.95 21.18
N ARG E 365 3.80 17.26 20.08
CA ARG E 365 2.50 16.65 19.86
C ARG E 365 2.33 15.40 20.72
N TRP E 366 1.15 14.80 20.62
CA TRP E 366 0.83 13.55 21.30
C TRP E 366 0.06 12.66 20.35
N ARG E 367 0.71 11.63 19.83
CA ARG E 367 0.08 10.73 18.88
C ARG E 367 -0.21 9.41 19.59
N TRP E 368 -1.48 9.10 19.76
CA TRP E 368 -1.87 7.86 20.42
C TRP E 368 -1.50 6.67 19.54
N VAL E 369 -1.31 5.52 20.18
CA VAL E 369 -0.97 4.29 19.47
C VAL E 369 -1.73 3.13 20.08
N GLN E 370 -2.20 2.22 19.22
CA GLN E 370 -2.62 0.89 19.63
C GLN E 370 -1.49 -0.05 19.30
N SER E 371 -1.00 -0.79 20.29
CA SER E 371 0.28 -1.44 20.10
C SER E 371 0.33 -2.80 20.77
N ASN E 372 0.92 -3.74 20.03
CA ASN E 372 1.40 -5.02 20.54
C ASN E 372 2.93 -4.99 20.55
N ALA E 373 3.54 -5.92 21.28
CA ALA E 373 5.00 -6.02 21.32
C ALA E 373 5.44 -7.46 21.14
N ARG E 374 6.59 -7.69 20.44
CA ARG E 374 7.21 -9.00 20.38
C ARG E 374 8.68 -8.82 20.75
N LEU E 375 9.25 -9.69 21.56
CA LEU E 375 10.65 -9.69 21.95
C LEU E 375 11.43 -10.67 21.08
N ILE E 376 12.68 -10.34 20.83
CA ILE E 376 13.53 -11.12 19.95
C ILE E 376 14.49 -11.94 20.80
N TYR E 377 14.43 -13.25 20.61
CA TYR E 377 15.36 -14.17 21.26
C TYR E 377 16.63 -14.30 20.43
N ARG E 378 17.75 -14.06 21.09
CA ARG E 378 19.04 -14.54 20.62
C ARG E 378 19.15 -15.98 21.14
N ASN E 379 20.35 -16.54 21.12
CA ASN E 379 20.51 -17.91 21.58
C ASN E 379 20.01 -18.04 23.02
N GLY E 380 18.88 -18.73 23.19
CA GLY E 380 18.34 -19.04 24.51
C GLY E 380 17.75 -17.87 25.29
N ARG E 381 18.20 -16.65 25.00
CA ARG E 381 17.88 -15.50 25.84
C ARG E 381 17.41 -14.32 24.99
N PRO E 382 16.68 -13.37 25.59
CA PRO E 382 16.15 -12.26 24.81
C PRO E 382 17.25 -11.36 24.25
N ASP E 383 16.97 -10.75 23.10
CA ASP E 383 17.90 -9.85 22.44
C ASP E 383 17.37 -8.42 22.42
N TYR E 384 16.16 -8.19 21.89
CA TYR E 384 15.58 -6.84 21.87
C TYR E 384 14.08 -6.98 21.63
N ILE E 385 13.40 -5.85 21.48
CA ILE E 385 11.94 -5.80 21.34
C ILE E 385 11.57 -4.92 20.16
N ILE E 386 10.69 -5.46 19.30
CA ILE E 386 10.14 -4.73 18.15
C ILE E 386 8.63 -4.72 18.44
N ALA E 387 7.93 -3.62 18.16
CA ALA E 387 6.51 -3.49 18.45
C ALA E 387 5.77 -2.99 17.23
N THR E 388 4.50 -3.38 17.11
CA THR E 388 3.61 -2.96 16.04
C THR E 388 2.61 -1.96 16.61
N GLN E 389 2.49 -0.80 15.97
CA GLN E 389 1.71 0.28 16.51
C GLN E 389 0.76 0.82 15.45
N ARG E 390 -0.42 1.26 15.89
CA ARG E 390 -1.37 1.92 15.02
C ARG E 390 -1.74 3.29 15.59
N PRO E 391 -1.60 4.36 14.82
CA PRO E 391 -1.89 5.70 15.35
C PRO E 391 -3.38 5.94 15.48
N LEU E 392 -3.70 6.89 16.37
CA LEU E 392 -5.07 7.30 16.60
C LEU E 392 -5.18 8.82 16.45
N THR E 393 -6.30 9.27 15.87
CA THR E 393 -6.64 10.68 15.94
C THR E 393 -7.10 11.00 17.34
N ASP E 394 -6.85 12.24 17.77
CA ASP E 394 -6.88 12.56 19.19
C ASP E 394 -8.24 12.31 19.82
N GLU E 395 -9.31 12.32 19.03
CA GLU E 395 -10.63 11.99 19.57
C GLU E 395 -10.66 10.55 20.07
N GLU E 396 -10.03 9.64 19.32
CA GLU E 396 -9.96 8.24 19.73
C GLU E 396 -9.36 8.17 21.12
N GLY E 397 -8.27 8.91 21.31
CA GLY E 397 -7.58 8.91 22.60
C GLY E 397 -8.43 9.51 23.70
N ARG E 398 -9.14 10.60 23.41
CA ARG E 398 -9.98 11.20 24.44
C ARG E 398 -11.05 10.23 24.91
N GLU E 399 -11.71 9.55 23.97
CA GLU E 399 -12.75 8.61 24.35
C GLU E 399 -12.18 7.39 25.04
N HIS E 400 -10.98 6.97 24.65
CA HIS E 400 -10.38 5.83 25.35
C HIS E 400 -9.80 6.24 26.71
N LEU E 401 -9.59 7.53 26.93
CA LEU E 401 -8.99 7.99 28.18
C LEU E 401 -10.05 8.36 29.20
N GLN E 402 -11.21 8.86 28.74
CA GLN E 402 -12.27 9.23 29.68
C GLN E 402 -12.72 8.03 30.51
N LYS E 403 -12.69 6.84 29.92
CA LYS E 403 -12.99 5.63 30.68
C LYS E 403 -11.77 5.17 31.46
N ARG E 404 -10.58 5.55 30.99
CA ARG E 404 -9.35 5.03 31.57
C ARG E 404 -9.21 5.42 33.04
N SER E 405 -9.47 6.68 33.36
CA SER E 405 -9.18 7.20 34.68
C SER E 405 -10.16 6.76 35.76
N THR E 406 -11.05 5.80 35.47
CA THR E 406 -12.01 5.35 36.47
C THR E 406 -11.94 3.84 36.66
N SER E 407 -11.35 3.13 35.71
CA SER E 407 -11.28 1.68 35.77
C SER E 407 -10.03 1.19 36.49
N LEU E 408 -9.87 1.55 37.76
CA LEU E 408 -8.74 1.12 38.57
C LEU E 408 -9.24 0.78 39.97
N PRO E 409 -8.85 -0.37 40.50
CA PRO E 409 -9.37 -0.77 41.82
C PRO E 409 -8.58 -0.21 43.00
N PHE E 410 -8.35 1.10 43.01
CA PHE E 410 -7.59 1.75 44.07
C PHE E 410 -8.57 2.24 45.15
N MET E 411 -8.07 3.03 46.10
CA MET E 411 -8.84 3.42 47.28
C MET E 411 -9.44 4.82 47.10
N PHE E 412 -9.99 5.35 48.20
CA PHE E 412 -10.70 6.62 48.14
C PHE E 412 -9.78 7.75 47.67
N ALA E 413 -10.35 8.66 46.89
CA ALA E 413 -9.70 9.92 46.53
C ALA E 413 -10.20 11.08 47.38
N THR E 414 -10.79 10.79 48.53
CA THR E 414 -11.30 11.83 49.42
C THR E 414 -10.20 12.80 49.78
N GLY E 415 -10.48 14.09 49.67
CA GLY E 415 -9.43 15.09 49.80
C GLY E 415 -8.39 14.89 48.71
N GLU E 416 -8.80 15.06 47.46
CA GLU E 416 -7.97 14.67 46.33
C GLU E 416 -6.76 15.59 46.20
N ALA E 417 -5.62 15.13 46.72
CA ALA E 417 -4.40 15.93 46.67
C ALA E 417 -3.69 15.75 45.34
N VAL E 418 -3.21 14.53 45.08
CA VAL E 418 -2.43 14.22 43.88
C VAL E 418 -2.71 12.78 43.49
N LEU E 419 -2.21 12.37 42.33
CA LEU E 419 -2.37 10.99 41.89
C LEU E 419 -1.49 10.05 42.71
N ALA F 11 8.61 35.29 68.92
CA ALA F 11 8.19 36.41 68.08
C ALA F 11 8.12 36.01 66.61
N ASP F 12 8.73 34.88 66.26
CA ASP F 12 8.78 34.47 64.85
C ASP F 12 7.39 34.12 64.33
N LEU F 13 6.53 33.51 65.16
CA LEU F 13 5.16 33.24 64.72
C LEU F 13 4.45 34.53 64.31
N ILE F 14 4.44 35.52 65.21
CA ILE F 14 3.74 36.76 64.94
C ILE F 14 4.34 37.49 63.75
N ALA F 15 5.68 37.51 63.67
CA ALA F 15 6.34 38.21 62.57
C ALA F 15 6.03 37.54 61.24
N ARG F 16 6.19 36.21 61.15
CA ARG F 16 5.97 35.50 59.90
C ARG F 16 4.51 35.56 59.47
N LEU F 17 3.58 35.58 60.42
CA LEU F 17 2.16 35.73 60.07
C LEU F 17 1.94 36.98 59.24
N ARG F 18 2.47 38.10 59.69
CA ARG F 18 2.21 39.40 59.08
C ARG F 18 3.25 39.79 58.02
N GLU F 19 4.28 38.96 57.82
CA GLU F 19 5.21 39.20 56.71
C GLU F 19 4.72 38.65 55.38
N ASP F 20 3.59 37.94 55.36
CA ASP F 20 3.17 37.19 54.18
C ASP F 20 1.75 37.57 53.76
N GLY F 21 1.45 38.86 53.72
CA GLY F 21 0.16 39.32 53.24
C GLY F 21 -1.02 38.97 54.11
N ILE F 22 -0.79 38.55 55.36
CA ILE F 22 -1.84 38.08 56.25
C ILE F 22 -1.87 39.01 57.46
N GLN F 23 -3.07 39.45 57.83
CA GLN F 23 -3.26 40.34 58.97
C GLN F 23 -4.26 39.69 59.92
N LYS F 24 -3.76 39.13 61.03
CA LYS F 24 -4.59 38.43 61.99
C LYS F 24 -4.34 38.96 63.40
N ARG F 25 -5.43 39.14 64.14
CA ARG F 25 -5.40 39.59 65.53
C ARG F 25 -5.72 38.39 66.42
N VAL F 26 -4.92 38.21 67.47
CA VAL F 26 -5.20 37.15 68.43
C VAL F 26 -6.49 37.48 69.16
N ILE F 27 -7.40 36.51 69.24
CA ILE F 27 -8.68 36.72 69.91
C ILE F 27 -8.69 35.92 71.21
N GLN F 28 -8.60 34.59 71.08
CA GLN F 28 -8.60 33.71 72.24
C GLN F 28 -7.78 32.47 71.91
N GLU F 29 -6.89 32.10 72.83
CA GLU F 29 -6.12 30.87 72.64
C GLU F 29 -6.91 29.67 73.12
N GLY F 30 -6.45 28.49 72.71
CA GLY F 30 -7.21 27.27 72.94
C GLY F 30 -6.76 26.44 74.12
N ARG F 31 -6.95 25.12 74.03
CA ARG F 31 -6.70 24.20 75.13
C ARG F 31 -6.06 22.94 74.58
N GLY F 32 -5.20 22.31 75.37
CA GLY F 32 -4.64 21.02 75.01
C GLY F 32 -3.27 21.12 74.35
N GLU F 33 -2.67 19.95 74.14
CA GLU F 33 -1.37 19.87 73.50
C GLU F 33 -1.51 20.00 71.99
N LEU F 34 -0.38 20.18 71.31
CA LEU F 34 -0.34 20.28 69.87
C LEU F 34 -0.26 18.90 69.22
N PRO F 35 -1.25 18.53 68.40
CA PRO F 35 -1.10 17.32 67.58
C PRO F 35 -0.08 17.55 66.48
N ASP F 36 0.53 16.46 66.01
CA ASP F 36 1.55 16.56 64.96
C ASP F 36 0.96 17.16 63.69
N PHE F 37 1.65 18.17 63.14
CA PHE F 37 1.29 18.78 61.86
C PHE F 37 2.18 18.27 60.75
N GLN F 38 2.85 17.14 60.97
CA GLN F 38 3.83 16.60 60.06
C GLN F 38 3.13 16.09 58.79
N ASP F 39 3.90 15.52 57.88
CA ASP F 39 3.31 14.84 56.73
C ASP F 39 2.38 13.74 57.21
N GLY F 40 1.23 13.62 56.55
CA GLY F 40 0.21 12.67 56.94
C GLY F 40 -0.77 13.18 57.98
N THR F 41 -0.61 14.41 58.45
CA THR F 41 -1.54 14.96 59.43
C THR F 41 -2.91 15.19 58.81
N LYS F 42 -3.95 14.85 59.56
CA LYS F 42 -5.33 15.00 59.14
C LYS F 42 -5.87 16.35 59.61
N ALA F 43 -6.72 16.96 58.80
CA ALA F 43 -7.34 18.24 59.13
C ALA F 43 -8.81 18.19 58.74
N THR F 44 -9.68 17.98 59.73
CA THR F 44 -11.12 17.97 59.54
C THR F 44 -11.73 19.22 60.16
N PHE F 45 -12.51 19.94 59.36
CA PHE F 45 -13.00 21.25 59.75
C PHE F 45 -14.04 21.72 58.76
N HIS F 46 -14.84 22.70 59.18
CA HIS F 46 -15.75 23.40 58.30
C HIS F 46 -15.09 24.68 57.81
N PHE F 47 -15.87 25.52 57.14
CA PHE F 47 -15.41 26.86 56.81
C PHE F 47 -16.62 27.74 56.50
N ARG F 48 -16.39 29.04 56.55
CA ARG F 48 -17.33 30.03 56.05
C ARG F 48 -16.54 31.06 55.26
N THR F 49 -17.09 31.50 54.13
CA THR F 49 -16.38 32.39 53.23
C THR F 49 -17.14 33.71 53.11
N LEU F 50 -16.41 34.81 53.25
CA LEU F 50 -17.01 36.13 53.21
C LEU F 50 -16.31 36.97 52.15
N HIS F 51 -17.12 37.62 51.31
CA HIS F 51 -16.57 38.56 50.33
C HIS F 51 -15.96 39.76 51.03
N SER F 52 -14.79 40.18 50.57
CA SER F 52 -14.09 41.29 51.22
C SER F 52 -14.86 42.60 51.07
N ASP F 53 -15.44 42.84 49.90
CA ASP F 53 -16.12 44.10 49.62
C ASP F 53 -17.57 43.93 49.19
N ASN F 54 -18.02 42.71 48.88
CA ASN F 54 -19.39 42.50 48.43
C ASN F 54 -20.32 42.20 49.62
N GLU F 55 -20.24 43.05 50.64
CA GLU F 55 -21.08 42.95 51.84
C GLU F 55 -20.99 41.57 52.48
N GLY F 56 -19.87 40.88 52.24
CA GLY F 56 -19.66 39.56 52.80
C GLY F 56 -20.69 38.54 52.36
N SER F 57 -20.99 38.50 51.06
CA SER F 57 -21.97 37.54 50.54
C SER F 57 -21.44 36.11 50.71
N VAL F 58 -22.13 35.33 51.55
CA VAL F 58 -21.71 33.97 51.84
C VAL F 58 -22.25 33.06 50.74
N ILE F 59 -21.44 32.83 49.71
CA ILE F 59 -21.81 31.89 48.66
C ILE F 59 -21.28 30.50 48.96
N ASP F 60 -20.13 30.43 49.62
CA ASP F 60 -19.52 29.15 49.96
C ASP F 60 -19.56 28.96 51.47
N ASP F 61 -20.04 27.80 51.90
CA ASP F 61 -20.23 27.50 53.30
C ASP F 61 -20.49 26.01 53.44
N SER F 62 -19.90 25.39 54.46
CA SER F 62 -20.01 23.95 54.63
C SER F 62 -21.37 23.50 55.16
N ARG F 63 -22.02 24.31 55.99
CA ARG F 63 -23.33 23.95 56.53
C ARG F 63 -24.43 24.01 55.48
N THR F 64 -24.20 24.66 54.34
CA THR F 64 -25.16 24.63 53.26
C THR F 64 -25.13 23.30 52.49
N ARG F 65 -24.08 22.50 52.70
CA ARG F 65 -23.92 21.23 52.01
C ARG F 65 -24.05 20.05 52.96
N GLY F 66 -23.62 20.19 54.21
CA GLY F 66 -23.89 19.22 55.23
C GLY F 66 -22.80 18.21 55.55
N LYS F 67 -21.68 18.21 54.83
CA LYS F 67 -20.60 17.29 55.09
C LYS F 67 -19.30 18.05 55.27
N PRO F 68 -18.49 17.73 56.29
CA PRO F 68 -17.25 18.47 56.55
C PRO F 68 -16.13 18.01 55.62
N MET F 69 -15.56 18.96 54.88
CA MET F 69 -14.45 18.64 54.00
C MET F 69 -13.18 18.37 54.80
N GLU F 70 -12.42 17.37 54.36
CA GLU F 70 -11.14 17.04 54.97
C GLU F 70 -10.01 17.78 54.25
N LEU F 71 -8.78 17.48 54.66
CA LEU F 71 -7.61 18.14 54.10
C LEU F 71 -6.39 17.24 54.30
N ILE F 72 -5.36 17.48 53.50
CA ILE F 72 -4.11 16.73 53.57
C ILE F 72 -3.01 17.70 53.96
N VAL F 73 -2.59 17.66 55.22
CA VAL F 73 -1.66 18.64 55.76
C VAL F 73 -0.26 18.53 55.17
N GLY F 74 0.21 17.31 54.91
CA GLY F 74 1.56 17.12 54.44
C GLY F 74 1.75 17.52 52.98
N LYS F 75 2.94 17.22 52.46
CA LYS F 75 3.41 17.57 51.13
C LYS F 75 2.54 17.01 50.01
N LYS F 76 1.76 15.96 50.29
CA LYS F 76 0.92 15.36 49.24
C LYS F 76 0.03 16.40 48.57
N PHE F 77 -0.59 17.28 49.35
CA PHE F 77 -1.52 18.26 48.83
C PHE F 77 -0.78 19.55 48.50
N LYS F 78 -1.45 20.45 47.79
CA LYS F 78 -0.85 21.63 47.20
C LYS F 78 -1.27 22.90 47.96
N LEU F 79 -0.85 24.05 47.45
CA LEU F 79 -1.14 25.35 48.05
C LEU F 79 -0.77 25.37 49.53
N PRO F 80 0.53 25.42 49.86
CA PRO F 80 0.92 25.40 51.28
C PRO F 80 0.37 26.55 52.11
N VAL F 81 -0.36 27.48 51.52
CA VAL F 81 -1.01 28.54 52.30
C VAL F 81 -2.02 27.94 53.26
N TRP F 82 -2.86 27.02 52.77
CA TRP F 82 -3.80 26.33 53.64
C TRP F 82 -3.08 25.56 54.73
N GLU F 83 -2.01 24.85 54.36
CA GLU F 83 -1.26 24.07 55.34
C GLU F 83 -0.68 24.97 56.43
N THR F 84 -0.19 26.15 56.06
CA THR F 84 0.32 27.09 57.05
C THR F 84 -0.80 27.61 57.94
N ILE F 85 -1.92 28.05 57.34
CA ILE F 85 -2.96 28.68 58.13
C ILE F 85 -3.61 27.69 59.08
N VAL F 86 -3.64 26.40 58.73
CA VAL F 86 -4.18 25.41 59.65
C VAL F 86 -3.34 25.35 60.92
N CYS F 87 -2.01 25.42 60.78
CA CYS F 87 -1.14 25.38 61.96
C CYS F 87 -1.38 26.55 62.90
N THR F 88 -1.86 27.68 62.37
CA THR F 88 -2.06 28.86 63.19
C THR F 88 -3.11 28.66 64.26
N MET F 89 -4.20 27.98 63.95
CA MET F 89 -5.31 27.78 64.88
C MET F 89 -5.24 26.39 65.49
N ARG F 90 -6.24 26.08 66.31
CA ARG F 90 -6.32 24.79 66.97
C ARG F 90 -7.79 24.43 67.18
N GLU F 91 -8.02 23.19 67.61
CA GLU F 91 -9.38 22.70 67.80
C GLU F 91 -10.16 23.64 68.71
N GLY F 92 -11.23 24.23 68.15
CA GLY F 92 -12.03 25.19 68.85
C GLY F 92 -11.63 26.64 68.66
N GLU F 93 -10.47 26.89 68.06
CA GLU F 93 -9.99 28.25 67.87
C GLU F 93 -10.36 28.74 66.48
N ILE F 94 -11.14 29.81 66.42
CA ILE F 94 -11.69 30.33 65.16
C ILE F 94 -11.51 31.84 65.15
N ALA F 95 -11.05 32.38 64.01
CA ALA F 95 -10.95 33.81 63.83
C ALA F 95 -11.18 34.13 62.36
N GLN F 96 -11.08 35.42 62.02
CA GLN F 96 -11.20 35.88 60.65
C GLN F 96 -9.84 35.90 59.96
N PHE F 97 -9.83 35.56 58.68
CA PHE F 97 -8.62 35.59 57.86
C PHE F 97 -8.83 36.52 56.68
N LEU F 98 -7.73 37.04 56.14
CA LEU F 98 -7.75 37.93 54.97
C LEU F 98 -6.61 37.52 54.05
N CYS F 99 -6.95 36.90 52.91
CA CYS F 99 -5.98 36.29 52.02
C CYS F 99 -5.46 37.29 51.01
N ASP F 100 -4.14 37.26 50.81
CA ASP F 100 -3.46 38.20 49.93
C ASP F 100 -3.76 37.88 48.46
N ILE F 101 -3.56 38.88 47.61
CA ILE F 101 -3.79 38.72 46.17
C ILE F 101 -2.88 37.65 45.60
N LYS F 102 -1.60 37.69 45.97
CA LYS F 102 -0.65 36.70 45.47
C LYS F 102 -0.98 35.30 45.97
N HIS F 103 -1.75 35.18 47.05
CA HIS F 103 -2.11 33.89 47.61
C HIS F 103 -3.48 33.40 47.13
N VAL F 104 -4.05 34.03 46.10
CA VAL F 104 -5.35 33.60 45.58
C VAL F 104 -5.27 33.51 44.05
N VAL F 105 -4.04 33.52 43.51
CA VAL F 105 -3.86 33.67 42.07
C VAL F 105 -4.49 32.52 41.31
N LEU F 106 -4.33 31.29 41.82
CA LEU F 106 -4.94 30.12 41.17
C LEU F 106 -6.24 29.69 41.82
N TYR F 107 -7.05 30.65 42.23
CA TYR F 107 -8.34 30.35 42.89
C TYR F 107 -9.36 29.50 42.12
N PRO F 108 -9.80 29.91 40.91
CA PRO F 108 -10.87 29.14 40.26
C PRO F 108 -10.53 27.70 39.94
N LEU F 109 -9.26 27.42 39.68
CA LEU F 109 -8.83 26.07 39.36
C LEU F 109 -9.23 25.12 40.46
N VAL F 110 -8.95 25.49 41.70
CA VAL F 110 -9.30 24.65 42.83
C VAL F 110 -10.79 24.77 43.15
N ALA F 111 -11.36 25.96 43.01
CA ALA F 111 -12.77 26.18 43.35
C ALA F 111 -13.68 25.21 42.61
N LYS F 112 -13.49 25.09 41.28
CA LYS F 112 -14.34 24.18 40.52
C LYS F 112 -14.08 22.73 40.92
N SER F 113 -12.80 22.39 41.16
CA SER F 113 -12.48 21.02 41.56
C SER F 113 -13.18 20.64 42.86
N LEU F 114 -13.13 21.52 43.87
CA LEU F 114 -13.78 21.20 45.14
C LEU F 114 -15.29 21.21 45.03
N ARG F 115 -15.88 22.10 44.23
CA ARG F 115 -17.33 22.02 44.08
C ARG F 115 -17.74 20.73 43.38
N ASN F 116 -16.93 20.27 42.43
CA ASN F 116 -17.23 18.99 41.77
C ASN F 116 -17.03 17.82 42.71
N ILE F 117 -16.06 17.93 43.63
CA ILE F 117 -15.75 16.82 44.53
C ILE F 117 -16.53 16.97 45.84
N ALA F 118 -17.43 17.94 45.90
CA ALA F 118 -18.41 18.05 46.99
C ALA F 118 -19.19 16.72 47.02
N GLU F 119 -20.05 16.51 48.03
CA GLU F 119 -20.32 15.17 48.56
C GLU F 119 -20.21 14.07 47.50
N GLY F 120 -20.79 14.28 46.32
CA GLY F 120 -20.51 13.40 45.20
C GLY F 120 -21.68 12.65 44.63
N LYS F 121 -22.02 12.95 43.38
CA LYS F 121 -23.00 12.20 42.62
C LYS F 121 -22.28 11.14 41.79
N ASP F 122 -22.98 10.06 41.49
CA ASP F 122 -22.42 8.98 40.69
C ASP F 122 -23.53 8.09 40.13
N LEU F 142 -27.40 21.14 34.85
CA LEU F 142 -26.70 21.85 35.92
C LEU F 142 -26.22 23.22 35.43
N GLY F 143 -24.91 23.43 35.46
CA GLY F 143 -24.34 24.71 35.07
C GLY F 143 -24.28 25.69 36.22
N HIS F 144 -23.19 26.47 36.28
CA HIS F 144 -22.96 27.41 37.38
C HIS F 144 -22.30 28.67 36.82
N ALA F 145 -23.10 29.72 36.65
CA ALA F 145 -22.59 30.98 36.10
C ALA F 145 -21.69 31.73 37.08
N ASP F 146 -21.99 31.62 38.38
CA ASP F 146 -21.14 32.28 39.38
C ASP F 146 -19.71 31.77 39.26
N LEU F 147 -19.54 30.46 39.09
CA LEU F 147 -18.20 29.89 39.07
C LEU F 147 -17.38 30.37 37.88
N ASP F 148 -17.96 30.39 36.67
CA ASP F 148 -17.15 30.82 35.53
C ASP F 148 -16.96 32.33 35.51
N ALA F 149 -17.94 33.09 36.01
CA ALA F 149 -17.74 34.52 36.16
C ALA F 149 -16.59 34.81 37.12
N LEU F 150 -16.58 34.14 38.27
CA LEU F 150 -15.47 34.28 39.21
C LEU F 150 -14.17 33.73 38.62
N GLN F 151 -14.26 32.76 37.70
CA GLN F 151 -13.09 32.33 36.95
C GLN F 151 -12.52 33.47 36.13
N GLN F 152 -13.40 34.27 35.53
CA GLN F 152 -12.95 35.48 34.84
C GLN F 152 -12.21 36.45 35.75
N ASN F 153 -12.53 36.47 37.05
CA ASN F 153 -11.91 37.40 37.99
C ASN F 153 -11.45 36.64 39.23
N PRO F 154 -10.24 36.08 39.20
CA PRO F 154 -9.72 35.41 40.39
C PRO F 154 -9.40 36.43 41.49
N GLN F 155 -10.19 36.43 42.55
CA GLN F 155 -10.15 37.47 43.57
C GLN F 155 -10.13 36.86 44.97
N PRO F 156 -9.42 37.50 45.89
CA PRO F 156 -9.30 36.95 47.25
C PRO F 156 -10.58 37.11 48.06
N LEU F 157 -10.77 36.23 49.05
CA LEU F 157 -11.93 36.24 49.91
C LEU F 157 -11.51 36.10 51.38
N ILE F 158 -12.49 36.27 52.27
CA ILE F 158 -12.29 36.09 53.70
C ILE F 158 -12.90 34.74 54.06
N PHE F 159 -12.04 33.79 54.41
CA PHE F 159 -12.50 32.47 54.84
C PHE F 159 -12.47 32.41 56.36
N HIS F 160 -13.65 32.53 56.98
CA HIS F 160 -13.81 32.36 58.42
C HIS F 160 -13.94 30.86 58.66
N ILE F 161 -12.80 30.17 58.72
CA ILE F 161 -12.73 28.72 58.72
C ILE F 161 -13.11 28.20 60.10
N GLU F 162 -14.04 27.26 60.15
CA GLU F 162 -14.51 26.65 61.40
C GLU F 162 -13.65 25.42 61.66
N MET F 163 -12.61 25.61 62.47
CA MET F 163 -11.72 24.50 62.82
C MET F 163 -12.40 23.57 63.82
N LEU F 164 -12.28 22.27 63.58
CA LEU F 164 -12.87 21.28 64.48
C LEU F 164 -11.83 20.58 65.34
N LYS F 165 -10.82 19.98 64.71
CA LYS F 165 -9.73 19.32 65.41
C LYS F 165 -8.66 18.91 64.41
N VAL F 166 -7.42 18.82 64.89
CA VAL F 166 -6.31 18.31 64.10
C VAL F 166 -5.83 17.02 64.77
N GLU F 167 -5.66 15.97 63.97
CA GLU F 167 -5.26 14.68 64.51
C GLU F 167 -3.76 14.46 64.32
N SER F 168 -3.24 13.43 65.00
CA SER F 168 -1.80 13.20 64.92
C SER F 168 -1.51 11.90 64.17
N PRO F 169 -0.59 11.94 63.20
CA PRO F 169 -0.19 10.71 62.50
C PRO F 169 0.48 9.71 63.43
N GLY F 170 0.17 8.43 63.25
CA GLY F 170 0.72 7.37 64.06
C GLY F 170 0.01 7.13 65.38
N THR F 171 -0.90 8.02 65.77
CA THR F 171 -1.57 7.96 67.07
C THR F 171 -2.96 7.37 67.01
N TYR F 172 -3.35 6.76 65.89
CA TYR F 172 -4.66 6.13 65.76
C TYR F 172 -4.58 5.19 64.56
N GLN F 173 -5.74 4.76 64.08
CA GLN F 173 -5.76 4.01 62.84
C GLN F 173 -5.38 4.95 61.72
N GLN F 174 -4.09 5.23 61.60
CA GLN F 174 -3.60 6.29 60.72
C GLN F 174 -3.92 5.96 59.27
N ASP F 175 -4.19 7.01 58.49
CA ASP F 175 -4.70 6.84 57.15
C ASP F 175 -3.67 6.15 56.26
N PRO F 176 -4.09 5.27 55.34
CA PRO F 176 -3.13 4.52 54.52
C PRO F 176 -2.19 5.39 53.70
N TRP F 177 -2.64 6.56 53.24
CA TRP F 177 -1.80 7.38 52.39
C TRP F 177 -0.93 8.35 53.18
N ALA F 178 -0.95 8.27 54.51
CA ALA F 178 -0.23 9.21 55.36
C ALA F 178 1.28 9.03 55.33
N MET F 179 1.75 7.80 55.41
CA MET F 179 3.17 7.51 55.62
C MET F 179 3.88 7.33 54.27
N THR F 180 5.11 6.82 54.33
CA THR F 180 5.99 6.71 53.16
C THR F 180 6.36 5.25 52.95
N ASP F 181 5.37 4.38 53.07
CA ASP F 181 5.40 2.96 52.69
C ASP F 181 6.14 2.07 53.68
N GLU F 182 6.89 2.68 54.61
CA GLU F 182 7.58 1.86 55.61
C GLU F 182 6.69 1.56 56.80
N GLU F 183 5.90 2.54 57.23
CA GLU F 183 4.90 2.25 58.25
C GLU F 183 3.88 1.23 57.74
N LYS F 184 3.42 1.38 56.50
CA LYS F 184 2.48 0.42 55.93
C LYS F 184 3.12 -0.97 55.83
N ALA F 185 4.38 -1.04 55.39
CA ALA F 185 5.06 -2.31 55.21
C ALA F 185 4.94 -3.18 56.46
N LYS F 186 5.03 -2.58 57.64
CA LYS F 186 4.83 -3.31 58.88
C LYS F 186 3.40 -3.22 59.41
N ALA F 187 2.64 -2.19 59.04
CA ALA F 187 1.30 -2.02 59.60
C ALA F 187 0.33 -3.06 59.04
N VAL F 188 0.48 -3.41 57.77
CA VAL F 188 -0.52 -4.27 57.11
C VAL F 188 -0.80 -5.55 57.87
N PRO F 189 0.18 -6.24 58.45
CA PRO F 189 -0.16 -7.43 59.25
C PRO F 189 -1.15 -7.17 60.37
N VAL F 190 -1.12 -5.97 60.97
CA VAL F 190 -2.11 -5.63 61.99
C VAL F 190 -3.50 -5.68 61.39
N ILE F 191 -3.68 -5.08 60.21
CA ILE F 191 -4.97 -5.08 59.55
C ILE F 191 -5.38 -6.51 59.21
N HIS F 192 -4.45 -7.30 58.70
CA HIS F 192 -4.74 -8.68 58.31
C HIS F 192 -5.23 -9.49 59.52
N GLN F 193 -4.49 -9.42 60.62
CA GLN F 193 -4.87 -10.16 61.81
C GLN F 193 -6.20 -9.68 62.37
N GLU F 194 -6.42 -8.36 62.38
CA GLU F 194 -7.67 -7.82 62.89
C GLU F 194 -8.85 -8.29 62.05
N GLY F 195 -8.66 -8.30 60.72
CA GLY F 195 -9.71 -8.80 59.85
C GLY F 195 -10.00 -10.27 60.07
N ASN F 196 -8.95 -11.07 60.26
CA ASN F 196 -9.16 -12.48 60.56
C ASN F 196 -9.95 -12.65 61.85
N ARG F 197 -9.59 -11.89 62.88
CA ARG F 197 -10.28 -12.01 64.15
C ARG F 197 -11.74 -11.61 64.03
N LEU F 198 -12.03 -10.53 63.30
CA LEU F 198 -13.41 -10.12 63.08
C LEU F 198 -14.17 -11.18 62.28
N TYR F 199 -13.51 -11.78 61.29
CA TYR F 199 -14.16 -12.77 60.46
C TYR F 199 -14.56 -14.00 61.28
N ARG F 200 -13.62 -14.56 62.03
CA ARG F 200 -13.95 -15.74 62.82
C ARG F 200 -14.98 -15.44 63.90
N GLU F 201 -15.12 -14.19 64.31
CA GLU F 201 -16.22 -13.79 65.19
C GLU F 201 -17.54 -13.67 64.44
N GLY F 202 -17.49 -13.39 63.14
CA GLY F 202 -18.68 -13.27 62.34
C GLY F 202 -18.94 -11.90 61.72
N GLN F 203 -17.98 -10.97 61.80
CA GLN F 203 -18.11 -9.67 61.16
C GLN F 203 -17.48 -9.76 59.77
N VAL F 204 -18.29 -9.53 58.75
CA VAL F 204 -17.90 -9.86 57.38
C VAL F 204 -17.69 -8.61 56.54
N LYS F 205 -18.62 -7.65 56.58
CA LYS F 205 -18.48 -6.46 55.75
C LYS F 205 -17.23 -5.67 56.11
N GLU F 206 -16.98 -5.51 57.42
CA GLU F 206 -15.81 -4.77 57.86
C GLU F 206 -14.53 -5.51 57.49
N ALA F 207 -14.54 -6.84 57.62
CA ALA F 207 -13.36 -7.62 57.23
C ALA F 207 -13.07 -7.43 55.75
N ALA F 208 -14.10 -7.51 54.91
CA ALA F 208 -13.90 -7.29 53.48
C ALA F 208 -13.37 -5.89 53.22
N ALA F 209 -13.91 -4.88 53.92
CA ALA F 209 -13.46 -3.51 53.73
C ALA F 209 -11.97 -3.37 54.06
N LYS F 210 -11.55 -3.91 55.20
CA LYS F 210 -10.16 -3.73 55.60
C LYS F 210 -9.21 -4.58 54.78
N TYR F 211 -9.65 -5.76 54.33
CA TYR F 211 -8.83 -6.50 53.38
C TYR F 211 -8.69 -5.73 52.08
N TYR F 212 -9.76 -5.06 51.64
CA TYR F 212 -9.64 -4.20 50.47
C TYR F 212 -8.63 -3.09 50.72
N ASP F 213 -8.66 -2.49 51.90
CA ASP F 213 -7.73 -1.40 52.19
C ASP F 213 -6.29 -1.89 52.18
N ALA F 214 -6.05 -3.07 52.75
CA ALA F 214 -4.71 -3.65 52.71
C ALA F 214 -4.30 -3.96 51.28
N ILE F 215 -5.20 -4.49 50.48
CA ILE F 215 -4.88 -4.76 49.08
C ILE F 215 -4.56 -3.46 48.36
N ALA F 216 -5.29 -2.39 48.68
CA ALA F 216 -5.07 -1.11 48.01
C ALA F 216 -3.69 -0.55 48.34
N CYS F 217 -3.32 -0.59 49.62
CA CYS F 217 -2.00 -0.07 49.98
C CYS F 217 -0.90 -0.95 49.38
N LEU F 218 -1.09 -2.26 49.38
CA LEU F 218 -0.09 -3.10 48.73
C LEU F 218 -0.05 -2.88 47.22
N LYS F 219 -1.18 -2.53 46.60
CA LYS F 219 -1.18 -2.32 45.16
C LYS F 219 -0.47 -1.02 44.78
N ASN F 220 -0.77 0.08 45.49
CA ASN F 220 -0.06 1.29 45.11
C ASN F 220 1.39 1.26 45.59
N LEU F 221 1.73 0.35 46.51
CA LEU F 221 3.13 -0.04 46.65
C LEU F 221 3.64 -0.70 45.36
N GLN F 222 2.90 -1.69 44.87
CA GLN F 222 3.32 -2.45 43.70
C GLN F 222 3.56 -1.54 42.51
N MET F 223 2.82 -0.44 42.41
CA MET F 223 2.95 0.48 41.29
C MET F 223 4.01 1.55 41.51
N LYS F 224 5.03 1.27 42.31
CA LYS F 224 6.16 2.18 42.46
C LYS F 224 7.46 1.63 41.90
N GLU F 225 7.60 0.32 41.78
CA GLU F 225 8.86 -0.30 41.39
C GLU F 225 8.69 -0.94 40.02
N GLN F 226 9.82 -1.08 39.32
CA GLN F 226 9.82 -1.57 37.96
C GLN F 226 9.26 -3.00 37.92
N PRO F 227 8.35 -3.29 36.99
CA PRO F 227 7.95 -4.68 36.75
C PRO F 227 9.13 -5.50 36.26
N GLY F 228 9.08 -6.80 36.59
CA GLY F 228 10.17 -7.69 36.26
C GLY F 228 11.25 -7.73 37.32
N SER F 229 11.08 -6.92 38.36
CA SER F 229 12.00 -6.95 39.48
C SER F 229 11.66 -8.10 40.42
N PRO F 230 12.63 -8.57 41.22
CA PRO F 230 12.35 -9.68 42.15
C PRO F 230 11.38 -9.29 43.25
N ASP F 231 11.56 -8.08 43.79
CA ASP F 231 10.67 -7.61 44.86
C ASP F 231 9.26 -7.44 44.34
N TRP F 232 9.10 -7.20 43.04
CA TRP F 232 7.77 -7.20 42.42
C TRP F 232 7.05 -8.53 42.66
N ILE F 233 7.70 -9.63 42.28
CA ILE F 233 7.12 -10.95 42.48
C ILE F 233 6.93 -11.23 43.96
N GLN F 234 7.89 -10.79 44.79
CA GLN F 234 7.75 -10.95 46.23
C GLN F 234 6.47 -10.30 46.73
N LEU F 235 6.25 -9.04 46.35
CA LEU F 235 5.06 -8.32 46.74
C LEU F 235 3.80 -9.05 46.31
N ASP F 236 3.77 -9.49 45.05
CA ASP F 236 2.62 -10.22 44.55
C ASP F 236 2.37 -11.46 45.40
N LEU F 237 3.46 -12.11 45.81
CA LEU F 237 3.35 -13.32 46.63
C LEU F 237 2.71 -13.01 47.98
N GLN F 238 3.10 -11.91 48.62
CA GLN F 238 2.46 -11.62 49.90
C GLN F 238 1.06 -11.03 49.75
N ILE F 239 0.70 -10.50 48.59
CA ILE F 239 -0.63 -9.90 48.47
C ILE F 239 -1.66 -10.92 48.01
N THR F 240 -1.25 -11.97 47.30
CA THR F 240 -2.22 -12.96 46.81
C THR F 240 -3.10 -13.55 47.90
N PRO F 241 -2.59 -14.01 49.05
CA PRO F 241 -3.51 -14.52 50.08
C PRO F 241 -4.49 -13.48 50.57
N LEU F 242 -4.09 -12.22 50.63
CA LEU F 242 -5.02 -11.16 51.00
C LEU F 242 -6.14 -11.04 49.98
N LEU F 243 -5.81 -11.15 48.69
CA LEU F 243 -6.84 -11.07 47.66
C LEU F 243 -7.80 -12.25 47.74
N LEU F 244 -7.28 -13.45 47.99
CA LEU F 244 -8.17 -14.58 48.22
C LEU F 244 -9.05 -14.36 49.43
N ASN F 245 -8.50 -13.78 50.50
CA ASN F 245 -9.28 -13.55 51.70
C ASN F 245 -10.41 -12.56 51.43
N TYR F 246 -10.12 -11.49 50.71
CA TYR F 246 -11.17 -10.54 50.34
C TYR F 246 -12.22 -11.20 49.47
N CYS F 247 -11.78 -12.03 48.52
CA CYS F 247 -12.72 -12.74 47.65
C CYS F 247 -13.61 -13.68 48.43
N GLN F 248 -13.13 -14.19 49.56
CA GLN F 248 -13.91 -15.10 50.39
C GLN F 248 -15.23 -14.50 50.86
N CYS F 249 -15.17 -13.31 51.47
CA CYS F 249 -16.36 -12.76 52.13
C CYS F 249 -17.50 -12.50 51.16
N LYS F 250 -17.19 -12.23 49.90
CA LYS F 250 -18.24 -11.97 48.92
C LYS F 250 -19.16 -13.17 48.74
N LEU F 251 -18.66 -14.38 49.03
CA LEU F 251 -19.51 -15.55 48.93
C LEU F 251 -20.63 -15.52 49.96
N VAL F 252 -20.33 -15.06 51.17
CA VAL F 252 -21.39 -14.77 52.12
C VAL F 252 -22.21 -13.59 51.65
N ALA F 253 -21.56 -12.62 50.99
CA ALA F 253 -22.24 -11.42 50.52
C ALA F 253 -23.00 -11.63 49.23
N GLN F 254 -22.82 -12.76 48.54
CA GLN F 254 -23.59 -13.22 47.39
C GLN F 254 -23.27 -12.53 46.08
N GLU F 255 -22.22 -11.70 46.01
CA GLU F 255 -21.80 -11.14 44.72
C GLU F 255 -20.80 -12.10 44.07
N TYR F 256 -21.34 -13.19 43.54
CA TYR F 256 -20.50 -14.22 42.93
C TYR F 256 -19.69 -13.69 41.77
N TYR F 257 -20.19 -12.65 41.10
CA TYR F 257 -19.46 -12.09 39.96
C TYR F 257 -18.20 -11.35 40.39
N GLU F 258 -18.23 -10.71 41.55
CA GLU F 258 -16.98 -10.18 42.13
C GLU F 258 -15.96 -11.29 42.30
N VAL F 259 -16.40 -12.45 42.80
CA VAL F 259 -15.50 -13.57 42.99
C VAL F 259 -14.93 -14.02 41.65
N LEU F 260 -15.78 -14.13 40.62
CA LEU F 260 -15.28 -14.47 39.30
C LEU F 260 -14.21 -13.48 38.84
N ASP F 261 -14.49 -12.18 38.97
CA ASP F 261 -13.58 -11.17 38.46
C ASP F 261 -12.24 -11.23 39.16
N HIS F 262 -12.24 -11.42 40.47
CA HIS F 262 -10.97 -11.44 41.20
C HIS F 262 -10.20 -12.74 40.91
N CYS F 263 -10.88 -13.88 40.95
CA CYS F 263 -10.18 -15.15 40.75
C CYS F 263 -9.61 -15.25 39.35
N SER F 264 -10.42 -14.99 38.33
CA SER F 264 -9.92 -15.09 36.96
C SER F 264 -8.75 -14.16 36.72
N SER F 265 -8.71 -13.01 37.39
CA SER F 265 -7.54 -12.14 37.31
C SER F 265 -6.34 -12.81 37.97
N ILE F 266 -6.55 -13.43 39.13
CA ILE F 266 -5.44 -14.06 39.86
C ILE F 266 -4.81 -15.16 39.02
N LEU F 267 -5.64 -16.03 38.45
CA LEU F 267 -5.13 -17.33 38.02
C LEU F 267 -4.44 -17.29 36.66
N ASN F 268 -4.36 -16.13 36.00
CA ASN F 268 -3.65 -16.07 34.75
C ASN F 268 -2.15 -16.32 34.91
N LYS F 269 -1.63 -16.25 36.13
CA LYS F 269 -0.20 -16.37 36.37
C LYS F 269 0.18 -17.31 37.51
N TYR F 270 -0.67 -17.47 38.52
CA TYR F 270 -0.42 -18.47 39.57
C TYR F 270 -1.21 -19.75 39.32
N ASP F 271 -0.85 -20.49 38.29
CA ASP F 271 -1.62 -21.64 37.83
C ASP F 271 -1.70 -22.79 38.83
N ASP F 272 -0.96 -22.70 39.94
CA ASP F 272 -0.82 -23.85 40.83
C ASP F 272 -1.39 -23.61 42.22
N ASN F 273 -2.30 -22.66 42.38
CA ASN F 273 -2.98 -22.51 43.66
C ASN F 273 -4.18 -23.45 43.73
N VAL F 274 -4.70 -23.65 44.93
CA VAL F 274 -5.80 -24.60 45.18
C VAL F 274 -7.09 -23.88 45.55
N LYS F 275 -7.04 -23.00 46.56
CA LYS F 275 -8.26 -22.28 46.92
C LYS F 275 -8.63 -21.27 45.86
N ALA F 276 -7.65 -20.79 45.11
CA ALA F 276 -7.89 -19.86 44.00
C ALA F 276 -8.66 -20.56 42.89
N TYR F 277 -8.78 -21.88 42.99
CA TYR F 277 -9.69 -22.67 42.15
C TYR F 277 -10.97 -23.02 42.87
N PHE F 278 -10.90 -23.38 44.16
CA PHE F 278 -12.09 -23.79 44.88
C PHE F 278 -13.13 -22.67 44.93
N LYS F 279 -12.69 -21.44 45.20
CA LYS F 279 -13.64 -20.34 45.34
C LYS F 279 -14.37 -20.06 44.03
N ARG F 280 -13.63 -19.95 42.93
CA ARG F 280 -14.29 -19.66 41.67
C ARG F 280 -15.12 -20.83 41.17
N GLY F 281 -14.75 -22.07 41.52
CA GLY F 281 -15.63 -23.18 41.23
C GLY F 281 -16.95 -23.07 41.98
N LYS F 282 -16.88 -22.73 43.27
CA LYS F 282 -18.09 -22.56 44.07
C LYS F 282 -18.95 -21.45 43.49
N ALA F 283 -18.33 -20.35 43.08
CA ALA F 283 -19.05 -19.22 42.50
C ALA F 283 -19.72 -19.62 41.19
N HIS F 284 -18.97 -20.28 40.29
CA HIS F 284 -19.55 -20.79 39.06
C HIS F 284 -20.78 -21.64 39.35
N ALA F 285 -20.66 -22.57 40.29
CA ALA F 285 -21.79 -23.44 40.61
C ALA F 285 -22.92 -22.70 41.29
N ALA F 286 -22.66 -21.52 41.85
CA ALA F 286 -23.72 -20.77 42.51
C ALA F 286 -24.74 -20.22 41.52
N VAL F 287 -24.28 -19.81 40.34
CA VAL F 287 -25.11 -19.07 39.40
C VAL F 287 -25.55 -19.94 38.21
N TRP F 288 -25.63 -21.26 38.41
CA TRP F 288 -26.06 -22.19 37.38
C TRP F 288 -25.09 -22.24 36.20
N ASN F 289 -23.80 -22.05 36.47
CA ASN F 289 -22.77 -22.27 35.47
C ASN F 289 -22.14 -23.65 35.65
N ALA F 290 -22.95 -24.67 35.41
CA ALA F 290 -22.56 -26.04 35.75
C ALA F 290 -21.31 -26.49 34.99
N GLN F 291 -21.23 -26.14 33.71
CA GLN F 291 -20.14 -26.66 32.88
C GLN F 291 -18.78 -26.22 33.42
N GLU F 292 -18.59 -24.91 33.56
CA GLU F 292 -17.33 -24.41 34.11
C GLU F 292 -17.13 -24.83 35.56
N ALA F 293 -18.21 -25.03 36.31
CA ALA F 293 -18.09 -25.51 37.68
C ALA F 293 -17.43 -26.89 37.71
N GLN F 294 -17.93 -27.83 36.92
CA GLN F 294 -17.32 -29.15 36.86
C GLN F 294 -15.91 -29.06 36.32
N ALA F 295 -15.69 -28.23 35.29
CA ALA F 295 -14.36 -28.11 34.70
C ALA F 295 -13.34 -27.66 35.74
N ASP F 296 -13.71 -26.67 36.56
CA ASP F 296 -12.83 -26.20 37.61
C ASP F 296 -12.65 -27.22 38.72
N PHE F 297 -13.73 -27.92 39.09
CA PHE F 297 -13.62 -28.90 40.16
C PHE F 297 -12.69 -30.04 39.78
N ALA F 298 -12.67 -30.41 38.50
CA ALA F 298 -11.72 -31.44 38.06
C ALA F 298 -10.28 -31.00 38.34
N LYS F 299 -9.94 -29.76 37.99
CA LYS F 299 -8.59 -29.28 38.23
C LYS F 299 -8.28 -29.19 39.71
N VAL F 300 -9.24 -28.74 40.52
CA VAL F 300 -8.93 -28.59 41.94
C VAL F 300 -8.75 -29.97 42.58
N LEU F 301 -9.45 -30.99 42.08
CA LEU F 301 -9.19 -32.35 42.56
C LEU F 301 -7.84 -32.86 42.12
N GLU F 302 -7.47 -32.62 40.87
CA GLU F 302 -6.20 -33.16 40.40
C GLU F 302 -5.00 -32.35 40.88
N LEU F 303 -5.21 -31.21 41.53
CA LEU F 303 -4.14 -30.60 42.32
C LEU F 303 -4.16 -31.01 43.79
N ASP F 304 -5.31 -31.41 44.32
CA ASP F 304 -5.44 -31.79 45.73
C ASP F 304 -6.20 -33.11 45.82
N PRO F 305 -5.53 -34.22 45.54
CA PRO F 305 -6.21 -35.51 45.56
C PRO F 305 -6.58 -35.94 46.97
N ALA F 306 -7.42 -36.98 47.03
CA ALA F 306 -7.86 -37.63 48.27
C ALA F 306 -8.67 -36.70 49.17
N LEU F 307 -9.29 -35.67 48.62
CA LEU F 307 -10.11 -34.73 49.36
C LEU F 307 -11.50 -34.62 48.75
N ALA F 308 -12.08 -35.78 48.45
CA ALA F 308 -13.36 -35.90 47.75
C ALA F 308 -14.58 -35.34 48.48
N PRO F 309 -14.79 -35.61 49.80
CA PRO F 309 -16.14 -35.48 50.38
C PRO F 309 -16.88 -34.19 50.07
N VAL F 310 -16.29 -33.06 50.44
CA VAL F 310 -16.97 -31.78 50.24
C VAL F 310 -17.23 -31.53 48.77
N VAL F 311 -16.30 -31.93 47.91
CA VAL F 311 -16.49 -31.74 46.47
C VAL F 311 -17.69 -32.53 45.99
N SER F 312 -17.83 -33.77 46.47
CA SER F 312 -19.00 -34.56 46.10
C SER F 312 -20.28 -33.90 46.59
N ARG F 313 -20.27 -33.40 47.82
CA ARG F 313 -21.42 -32.66 48.33
C ARG F 313 -21.80 -31.54 47.38
N GLU F 314 -20.81 -30.76 46.95
CA GLU F 314 -21.07 -29.61 46.10
C GLU F 314 -21.60 -30.02 44.73
N LEU F 315 -20.94 -30.99 44.08
CA LEU F 315 -21.36 -31.41 42.76
C LEU F 315 -22.78 -31.94 42.78
N ARG F 316 -23.10 -32.82 43.73
CA ARG F 316 -24.42 -33.41 43.69
C ARG F 316 -25.49 -32.44 44.19
N ALA F 317 -25.14 -31.49 45.05
CA ALA F 317 -26.09 -30.43 45.38
C ALA F 317 -26.41 -29.59 44.15
N LEU F 318 -25.38 -29.28 43.36
CA LEU F 318 -25.61 -28.53 42.12
C LEU F 318 -26.53 -29.31 41.19
N GLU F 319 -26.26 -30.60 41.01
CA GLU F 319 -27.08 -31.40 40.10
C GLU F 319 -28.51 -31.50 40.60
N THR F 320 -28.70 -31.72 41.91
CA THR F 320 -30.05 -31.84 42.42
C THR F 320 -30.81 -30.53 42.31
N ARG F 321 -30.13 -29.39 42.52
CA ARG F 321 -30.83 -28.12 42.37
C ARG F 321 -31.22 -27.86 40.93
N ILE F 322 -30.33 -28.20 39.98
CA ILE F 322 -30.67 -28.06 38.57
C ILE F 322 -31.89 -28.90 38.24
N ARG F 323 -31.87 -30.17 38.64
CA ARG F 323 -32.98 -31.05 38.34
C ARG F 323 -34.27 -30.55 38.98
N GLN F 324 -34.18 -30.02 40.20
CA GLN F 324 -35.35 -29.53 40.92
C GLN F 324 -35.98 -28.34 40.19
N LYS F 325 -35.16 -27.35 39.85
CA LYS F 325 -35.64 -26.21 39.08
C LYS F 325 -36.27 -26.66 37.77
N ASP F 326 -35.58 -27.54 37.04
CA ASP F 326 -36.07 -27.99 35.74
C ASP F 326 -37.40 -28.73 35.88
N GLU F 327 -37.52 -29.61 36.89
CA GLU F 327 -38.71 -30.43 36.99
C GLU F 327 -39.93 -29.59 37.36
N GLU F 328 -39.82 -28.72 38.35
CA GLU F 328 -41.04 -28.01 38.73
C GLU F 328 -41.15 -26.66 38.03
N ASP F 329 -40.16 -25.78 38.22
CA ASP F 329 -40.37 -24.38 37.87
C ASP F 329 -40.40 -24.12 36.37
N LYS F 330 -39.58 -24.82 35.59
CA LYS F 330 -39.46 -24.50 34.18
C LYS F 330 -40.35 -25.39 33.32
N ALA F 331 -40.98 -26.40 33.90
CA ALA F 331 -41.97 -27.21 33.19
C ALA F 331 -43.27 -26.45 32.91
N ARG F 332 -43.34 -25.17 33.28
CA ARG F 332 -44.54 -24.37 33.08
C ARG F 332 -44.90 -24.23 31.60
N PHE F 333 -43.94 -24.41 30.71
CA PHE F 333 -44.08 -24.09 29.29
C PHE F 333 -45.06 -24.96 28.55
N ARG F 334 -45.90 -25.80 29.18
CA ARG F 334 -46.77 -26.69 28.41
C ARG F 334 -47.70 -25.92 27.47
N GLY F 335 -47.98 -24.65 27.75
CA GLY F 335 -48.94 -23.91 26.95
C GLY F 335 -48.40 -23.31 25.67
N ILE F 336 -47.08 -23.40 25.44
CA ILE F 336 -46.48 -22.68 24.31
C ILE F 336 -47.06 -23.14 22.99
N PHE F 337 -47.54 -24.38 22.91
CA PHE F 337 -48.25 -24.88 21.74
C PHE F 337 -49.62 -25.46 22.06
N SER F 338 -50.21 -25.11 23.21
CA SER F 338 -51.54 -25.61 23.53
C SER F 338 -52.57 -25.11 22.53
N HIS F 339 -52.20 -24.09 21.76
CA HIS F 339 -53.03 -23.61 20.67
C HIS F 339 -52.47 -24.10 19.34
PB ADP G . 32.12 4.35 -22.11
O1B ADP G . 31.53 4.64 -20.75
O2B ADP G . 31.27 3.50 -23.01
O3B ADP G . 33.58 3.98 -22.07
PA ADP G . 32.96 7.01 -22.19
O1A ADP G . 33.40 6.63 -20.80
O2A ADP G . 32.19 8.28 -22.42
O3A ADP G . 32.13 5.79 -22.81
O5' ADP G . 34.28 6.99 -23.11
C5' ADP G . 35.43 7.74 -22.73
C4' ADP G . 36.67 6.90 -22.96
O4' ADP G . 37.75 7.51 -22.27
C3' ADP G . 36.51 5.50 -22.40
O3' ADP G . 36.65 4.53 -23.43
C2' ADP G . 37.64 5.31 -21.41
O2' ADP G . 38.56 4.34 -21.92
C1' ADP G . 38.32 6.65 -21.30
N9 ADP G . 38.01 7.20 -19.96
C8 ADP G . 36.80 7.70 -19.62
N7 ADP G . 36.81 8.13 -18.34
C5 ADP G . 38.03 7.90 -17.85
C6 ADP G . 38.68 8.13 -16.55
N6 ADP G . 37.99 8.69 -15.54
N1 ADP G . 39.97 7.77 -16.44
C2 ADP G . 40.65 7.21 -17.46
N3 ADP G . 40.10 6.97 -18.67
C4 ADP G . 38.82 7.29 -18.91
BE BEF H . 31.01 4.16 -19.55
F1 BEF H . 29.72 4.49 -20.28
F2 BEF H . 31.35 2.62 -19.59
F3 BEF H . 30.90 4.55 -18.07
PB ADP I . 13.09 12.93 -39.47
O1B ADP I . 12.03 12.00 -39.96
O2B ADP I . 12.91 14.38 -39.72
O3B ADP I . 13.47 12.62 -38.06
PA ADP I . 14.61 11.32 -41.20
O1A ADP I . 15.27 10.37 -40.27
O2A ADP I . 13.47 10.86 -42.01
O3A ADP I . 14.32 12.68 -40.46
O5' ADP I . 15.67 11.82 -42.26
C5' ADP I . 15.65 13.21 -42.55
C4' ADP I . 15.33 13.45 -44.00
O4' ADP I . 14.55 12.43 -44.59
C3' ADP I . 14.45 14.65 -44.17
O3' ADP I . 15.13 15.35 -45.17
C2' ADP I . 13.27 14.30 -44.98
O2' ADP I . 13.18 15.30 -45.97
C1' ADP I . 13.87 13.11 -45.63
N9 ADP I . 12.88 12.26 -46.27
C8 ADP I . 12.62 11.03 -45.88
N7 ADP I . 11.68 10.46 -46.64
C5 ADP I . 11.34 11.35 -47.57
C6 ADP I . 10.41 11.37 -48.67
N6 ADP I . 9.66 10.29 -48.91
N1 ADP I . 10.35 12.48 -49.42
C2 ADP I . 11.11 13.55 -49.15
N3 ADP I . 11.97 13.60 -48.14
C4 ADP I . 12.13 12.54 -47.33
BE BEF J . 11.38 11.00 -39.43
F1 BEF J . 10.29 10.24 -40.21
F2 BEF J . 10.78 12.11 -38.51
F3 BEF J . 12.17 10.04 -38.53
#